data_2XFE
# 
_entry.id   2XFE 
# 
_audit_conform.dict_name       mmcif_pdbx.dic 
_audit_conform.dict_version    5.397 
_audit_conform.dict_location   http://mmcif.pdb.org/dictionaries/ascii/mmcif_pdbx.dic 
# 
loop_
_database_2.database_id 
_database_2.database_code 
_database_2.pdbx_database_accession 
_database_2.pdbx_DOI 
PDB   2XFE         pdb_00002xfe 10.2210/pdb2xfe/pdb 
PDBE  EBI-44027    ?            ?                   
WWPDB D_1290044027 ?            ?                   
# 
loop_
_pdbx_audit_revision_history.ordinal 
_pdbx_audit_revision_history.data_content_type 
_pdbx_audit_revision_history.major_revision 
_pdbx_audit_revision_history.minor_revision 
_pdbx_audit_revision_history.revision_date 
1 'Structure model' 1 0 2010-06-16 
2 'Structure model' 1 1 2012-08-15 
3 'Structure model' 2 0 2020-07-29 
4 'Structure model' 2 1 2024-05-01 
5 'Structure model' 2 2 2024-10-16 
# 
loop_
_pdbx_audit_revision_details.ordinal 
_pdbx_audit_revision_details.revision_ordinal 
_pdbx_audit_revision_details.data_content_type 
_pdbx_audit_revision_details.provider 
_pdbx_audit_revision_details.type 
_pdbx_audit_revision_details.description 
_pdbx_audit_revision_details.details 
1 1 'Structure model' repository 'Initial release' ?                          ? 
2 3 'Structure model' repository Remediation       'Carbohydrate remediation' ? 
# 
loop_
_pdbx_audit_revision_group.ordinal 
_pdbx_audit_revision_group.revision_ordinal 
_pdbx_audit_revision_group.data_content_type 
_pdbx_audit_revision_group.group 
1  2 'Structure model' 'Database references'       
2  2 'Structure model' Other                       
3  2 'Structure model' 'Refinement description'    
4  2 'Structure model' 'Structure summary'         
5  2 'Structure model' 'Version format compliance' 
6  3 'Structure model' 'Atomic model'              
7  3 'Structure model' 'Data collection'           
8  3 'Structure model' 'Derived calculations'      
9  3 'Structure model' Other                       
10 3 'Structure model' 'Structure summary'         
11 4 'Structure model' 'Data collection'           
12 4 'Structure model' 'Database references'       
13 4 'Structure model' 'Refinement description'    
14 4 'Structure model' 'Structure summary'         
15 5 'Structure model' 'Structure summary'         
# 
loop_
_pdbx_audit_revision_category.ordinal 
_pdbx_audit_revision_category.revision_ordinal 
_pdbx_audit_revision_category.data_content_type 
_pdbx_audit_revision_category.category 
1  3 'Structure model' atom_site                     
2  3 'Structure model' chem_comp                     
3  3 'Structure model' entity                        
4  3 'Structure model' entity_name_com               
5  3 'Structure model' pdbx_branch_scheme            
6  3 'Structure model' pdbx_chem_comp_identifier     
7  3 'Structure model' pdbx_database_status          
8  3 'Structure model' pdbx_entity_branch            
9  3 'Structure model' pdbx_entity_branch_descriptor 
10 3 'Structure model' pdbx_entity_branch_link       
11 3 'Structure model' pdbx_entity_branch_list       
12 3 'Structure model' pdbx_entity_nonpoly           
13 3 'Structure model' pdbx_molecule_features        
14 3 'Structure model' pdbx_nonpoly_scheme           
15 3 'Structure model' pdbx_struct_assembly_gen      
16 3 'Structure model' pdbx_struct_conn_angle        
17 3 'Structure model' struct_asym                   
18 3 'Structure model' struct_conn                   
19 3 'Structure model' struct_site                   
20 3 'Structure model' struct_site_gen               
21 4 'Structure model' chem_comp                     
22 4 'Structure model' chem_comp_atom                
23 4 'Structure model' chem_comp_bond                
24 4 'Structure model' database_2                    
25 4 'Structure model' pdbx_initial_refinement_model 
26 5 'Structure model' pdbx_entry_details            
27 5 'Structure model' pdbx_modification_feature     
# 
loop_
_pdbx_audit_revision_item.ordinal 
_pdbx_audit_revision_item.revision_ordinal 
_pdbx_audit_revision_item.data_content_type 
_pdbx_audit_revision_item.item 
1  3 'Structure model' '_atom_site.B_iso_or_equiv'                   
2  3 'Structure model' '_atom_site.Cartn_x'                          
3  3 'Structure model' '_atom_site.Cartn_y'                          
4  3 'Structure model' '_atom_site.Cartn_z'                          
5  3 'Structure model' '_atom_site.auth_asym_id'                     
6  3 'Structure model' '_atom_site.auth_atom_id'                     
7  3 'Structure model' '_atom_site.auth_seq_id'                      
8  3 'Structure model' '_atom_site.label_asym_id'                    
9  3 'Structure model' '_atom_site.label_atom_id'                    
10 3 'Structure model' '_atom_site.type_symbol'                      
11 3 'Structure model' '_chem_comp.name'                             
12 3 'Structure model' '_chem_comp.type'                             
13 3 'Structure model' '_entity.formula_weight'                      
14 3 'Structure model' '_entity.pdbx_description'                    
15 3 'Structure model' '_entity.pdbx_number_of_molecules'            
16 3 'Structure model' '_entity.type'                                
17 3 'Structure model' '_pdbx_database_status.status_code_sf'        
18 3 'Structure model' '_pdbx_struct_assembly_gen.asym_id_list'      
19 3 'Structure model' '_pdbx_struct_conn_angle.ptnr1_auth_asym_id'  
20 3 'Structure model' '_pdbx_struct_conn_angle.ptnr1_auth_comp_id'  
21 3 'Structure model' '_pdbx_struct_conn_angle.ptnr1_auth_seq_id'   
22 3 'Structure model' '_pdbx_struct_conn_angle.ptnr1_label_asym_id' 
23 3 'Structure model' '_pdbx_struct_conn_angle.ptnr1_label_atom_id' 
24 3 'Structure model' '_pdbx_struct_conn_angle.ptnr1_label_comp_id' 
25 3 'Structure model' '_pdbx_struct_conn_angle.ptnr1_label_seq_id'  
26 3 'Structure model' '_pdbx_struct_conn_angle.ptnr2_label_asym_id' 
27 3 'Structure model' '_pdbx_struct_conn_angle.ptnr3_auth_asym_id'  
28 3 'Structure model' '_pdbx_struct_conn_angle.ptnr3_auth_comp_id'  
29 3 'Structure model' '_pdbx_struct_conn_angle.ptnr3_auth_seq_id'   
30 3 'Structure model' '_pdbx_struct_conn_angle.ptnr3_label_asym_id' 
31 3 'Structure model' '_pdbx_struct_conn_angle.ptnr3_label_atom_id' 
32 3 'Structure model' '_pdbx_struct_conn_angle.ptnr3_label_comp_id' 
33 3 'Structure model' '_pdbx_struct_conn_angle.ptnr3_label_seq_id'  
34 3 'Structure model' '_pdbx_struct_conn_angle.value'               
35 3 'Structure model' '_struct_conn.pdbx_dist_value'                
36 3 'Structure model' '_struct_conn.pdbx_leaving_atom_flag'         
37 3 'Structure model' '_struct_conn.ptnr1_auth_asym_id'             
38 3 'Structure model' '_struct_conn.ptnr1_auth_comp_id'             
39 3 'Structure model' '_struct_conn.ptnr1_auth_seq_id'              
40 3 'Structure model' '_struct_conn.ptnr1_label_asym_id'            
41 3 'Structure model' '_struct_conn.ptnr1_label_atom_id'            
42 3 'Structure model' '_struct_conn.ptnr1_label_comp_id'            
43 3 'Structure model' '_struct_conn.ptnr1_label_seq_id'             
44 3 'Structure model' '_struct_conn.ptnr2_auth_asym_id'             
45 3 'Structure model' '_struct_conn.ptnr2_auth_comp_id'             
46 3 'Structure model' '_struct_conn.ptnr2_auth_seq_id'              
47 3 'Structure model' '_struct_conn.ptnr2_label_asym_id'            
48 3 'Structure model' '_struct_conn.ptnr2_label_atom_id'            
49 3 'Structure model' '_struct_conn.ptnr2_label_comp_id'            
50 3 'Structure model' '_struct_conn.ptnr2_label_seq_id'             
51 4 'Structure model' '_chem_comp.pdbx_synonyms'                    
52 4 'Structure model' '_database_2.pdbx_DOI'                        
53 4 'Structure model' '_database_2.pdbx_database_accession'         
# 
_pdbx_database_status.status_code                     REL 
_pdbx_database_status.entry_id                        2XFE 
_pdbx_database_status.deposit_site                    PDBE 
_pdbx_database_status.process_site                    PDBE 
_pdbx_database_status.SG_entry                        . 
_pdbx_database_status.recvd_initial_deposition_date   2010-05-21 
_pdbx_database_status.pdb_format_compatible           Y 
_pdbx_database_status.status_code_sf                  REL 
_pdbx_database_status.status_code_mr                  ? 
_pdbx_database_status.status_code_cs                  ? 
_pdbx_database_status.methods_development_category    ? 
_pdbx_database_status.status_code_nmr_data            ? 
# 
loop_
_pdbx_database_related.db_name 
_pdbx_database_related.db_id 
_pdbx_database_related.content_type 
_pdbx_database_related.details 
PDB 2XFD unspecified 'VCBM60 IN COMPLEX WITH CELLOBIOSE' 
PDB 2XHH unspecified 
'CIRCULAR PERMUTATION PROVIDES AN EVOLUTIONARY LINK BETWEEN TWO FAMILIES OF CALCIUM-DEPENDENT CARBOHYDRATE BINDING MODULES' 
PDB 2XHJ unspecified 
;CIRCULAR PERMUTATION PROVIDES AN EVOLUTIONARY LINK BETWEEN TWO FAMILIES OF CALCIUM-DEPENDENT CARBOHYDRATE BINDING MODULES. SEMET FORM OF VCBM60.
;
# 
loop_
_audit_author.name 
_audit_author.pdbx_ordinal 
'Montanier, C.'    1  
'Flint, J.E.'      2  
'Bolam, D.N.'      3  
'Xie, H.'          4  
'Liu, Z.'          5  
'Rogowski, A.'     6  
'Weiner, D.P.'     7  
'Nurizzo, D.'      8  
'Roberts, S.M.'    9  
'Turkenburg, J.P.' 10 
'Davies, G.J.'     11 
'Gilbert, H.J.'    12 
# 
_citation.id                        primary 
_citation.title                     
'Circular Permutation Provides an Evolutionary Link between Two Families of Calcium-Dependent Carbohydrate Binding Modules.' 
_citation.journal_abbrev            J.Biol.Chem. 
_citation.journal_volume            285 
_citation.page_first                31742 
_citation.page_last                 ? 
_citation.year                      2010 
_citation.journal_id_ASTM           JBCHA3 
_citation.country                   US 
_citation.journal_id_ISSN           0021-9258 
_citation.journal_id_CSD            0071 
_citation.book_publisher            ? 
_citation.pdbx_database_id_PubMed   20659893 
_citation.pdbx_database_id_DOI      10.1074/JBC.M110.142133 
# 
loop_
_citation_author.citation_id 
_citation_author.name 
_citation_author.ordinal 
_citation_author.identifier_ORCID 
primary 'Montanier, C.'    1  ? 
primary 'Flint, J.E.'      2  ? 
primary 'Bolam, D.N.'      3  ? 
primary 'Xie, H.'          4  ? 
primary 'Liu, Z.'          5  ? 
primary 'Rogowski, A.'     6  ? 
primary 'Weiner, D.P.'     7  ? 
primary 'Ratnaparkhe, S.'  8  ? 
primary 'Nurizzo, D.'      9  ? 
primary 'Roberts, S.M.'    10 ? 
primary 'Turkenburg, J.P.' 11 ? 
primary 'Davies, G.J.'     12 ? 
primary 'Gilbert, H.J.'    13 ? 
# 
loop_
_entity.id 
_entity.type 
_entity.src_method 
_entity.pdbx_description 
_entity.formula_weight 
_entity.pdbx_number_of_molecules 
_entity.pdbx_ec 
_entity.pdbx_mutation 
_entity.pdbx_fragment 
_entity.details 
1 polymer     man 'CARBOHYDRATE BINDING MODULE'                         11944.895 1   ? ? ? 'CARBOHYDRATE BINDING MODULE' 
2 branched    man 'beta-D-galactopyranose-(1-4)-beta-D-galactopyranose' 342.297   1   ? ? ? ?                             
3 non-polymer syn 'CALCIUM ION'                                         40.078    2   ? ? ? ?                             
4 water       nat water                                                 18.015    126 ? ? ? ?                             
# 
loop_
_entity_name_com.entity_id 
_entity_name_com.name 
1 VCBM60                  
2 4beta-beta-galactobiose 
# 
_entity_poly.entity_id                      1 
_entity_poly.type                           'polypeptide(L)' 
_entity_poly.nstd_linkage                   no 
_entity_poly.nstd_monomer                   no 
_entity_poly.pdbx_seq_one_letter_code       
;MSNSITVRARGVNGQESVSLQVGGTTVQTWTLTTAMQDYTASTSLTGEIRVAFTNDATGRDVQVDYIVVNGQTRQAENQS
VNTGVWANNQCGGSGNSEWLHCNGYISFGNVS
;
_entity_poly.pdbx_seq_one_letter_code_can   
;MSNSITVRARGVNGQESVSLQVGGTTVQTWTLTTAMQDYTASTSLTGEIRVAFTNDATGRDVQVDYIVVNGQTRQAENQS
VNTGVWANNQCGGSGNSEWLHCNGYISFGNVS
;
_entity_poly.pdbx_strand_id                 A 
_entity_poly.pdbx_target_identifier         ? 
# 
loop_
_pdbx_entity_nonpoly.entity_id 
_pdbx_entity_nonpoly.name 
_pdbx_entity_nonpoly.comp_id 
3 'CALCIUM ION' CA  
4 water         HOH 
# 
loop_
_entity_poly_seq.entity_id 
_entity_poly_seq.num 
_entity_poly_seq.mon_id 
_entity_poly_seq.hetero 
1 1   MET n 
1 2   SER n 
1 3   ASN n 
1 4   SER n 
1 5   ILE n 
1 6   THR n 
1 7   VAL n 
1 8   ARG n 
1 9   ALA n 
1 10  ARG n 
1 11  GLY n 
1 12  VAL n 
1 13  ASN n 
1 14  GLY n 
1 15  GLN n 
1 16  GLU n 
1 17  SER n 
1 18  VAL n 
1 19  SER n 
1 20  LEU n 
1 21  GLN n 
1 22  VAL n 
1 23  GLY n 
1 24  GLY n 
1 25  THR n 
1 26  THR n 
1 27  VAL n 
1 28  GLN n 
1 29  THR n 
1 30  TRP n 
1 31  THR n 
1 32  LEU n 
1 33  THR n 
1 34  THR n 
1 35  ALA n 
1 36  MET n 
1 37  GLN n 
1 38  ASP n 
1 39  TYR n 
1 40  THR n 
1 41  ALA n 
1 42  SER n 
1 43  THR n 
1 44  SER n 
1 45  LEU n 
1 46  THR n 
1 47  GLY n 
1 48  GLU n 
1 49  ILE n 
1 50  ARG n 
1 51  VAL n 
1 52  ALA n 
1 53  PHE n 
1 54  THR n 
1 55  ASN n 
1 56  ASP n 
1 57  ALA n 
1 58  THR n 
1 59  GLY n 
1 60  ARG n 
1 61  ASP n 
1 62  VAL n 
1 63  GLN n 
1 64  VAL n 
1 65  ASP n 
1 66  TYR n 
1 67  ILE n 
1 68  VAL n 
1 69  VAL n 
1 70  ASN n 
1 71  GLY n 
1 72  GLN n 
1 73  THR n 
1 74  ARG n 
1 75  GLN n 
1 76  ALA n 
1 77  GLU n 
1 78  ASN n 
1 79  GLN n 
1 80  SER n 
1 81  VAL n 
1 82  ASN n 
1 83  THR n 
1 84  GLY n 
1 85  VAL n 
1 86  TRP n 
1 87  ALA n 
1 88  ASN n 
1 89  ASN n 
1 90  GLN n 
1 91  CYS n 
1 92  GLY n 
1 93  GLY n 
1 94  SER n 
1 95  GLY n 
1 96  ASN n 
1 97  SER n 
1 98  GLU n 
1 99  TRP n 
1 100 LEU n 
1 101 HIS n 
1 102 CYS n 
1 103 ASN n 
1 104 GLY n 
1 105 TYR n 
1 106 ILE n 
1 107 SER n 
1 108 PHE n 
1 109 GLY n 
1 110 ASN n 
1 111 VAL n 
1 112 SER n 
# 
_entity_src_gen.entity_id                          1 
_entity_src_gen.pdbx_src_id                        1 
_entity_src_gen.pdbx_alt_source_flag               sample 
_entity_src_gen.pdbx_seq_type                      ? 
_entity_src_gen.pdbx_beg_seq_num                   ? 
_entity_src_gen.pdbx_end_seq_num                   ? 
_entity_src_gen.gene_src_common_name               ? 
_entity_src_gen.gene_src_genus                     ? 
_entity_src_gen.pdbx_gene_src_gene                 ? 
_entity_src_gen.gene_src_species                   ? 
_entity_src_gen.gene_src_strain                    ? 
_entity_src_gen.gene_src_tissue                    ? 
_entity_src_gen.gene_src_tissue_fraction           ? 
_entity_src_gen.gene_src_details                   ? 
_entity_src_gen.pdbx_gene_src_fragment             ? 
_entity_src_gen.pdbx_gene_src_scientific_name      'ESCHERICHIA COLI' 
_entity_src_gen.pdbx_gene_src_ncbi_taxonomy_id     562 
_entity_src_gen.pdbx_gene_src_variant              ? 
_entity_src_gen.pdbx_gene_src_cell_line            ? 
_entity_src_gen.pdbx_gene_src_atcc                 ? 
_entity_src_gen.pdbx_gene_src_organ                ? 
_entity_src_gen.pdbx_gene_src_organelle            ? 
_entity_src_gen.pdbx_gene_src_cell                 ? 
_entity_src_gen.pdbx_gene_src_cellular_location    ? 
_entity_src_gen.host_org_common_name               ? 
_entity_src_gen.pdbx_host_org_scientific_name      'ESCHERICHIA COLI' 
_entity_src_gen.pdbx_host_org_ncbi_taxonomy_id     562 
_entity_src_gen.host_org_genus                     ? 
_entity_src_gen.pdbx_host_org_gene                 ? 
_entity_src_gen.pdbx_host_org_organ                ? 
_entity_src_gen.host_org_species                   ? 
_entity_src_gen.pdbx_host_org_tissue               ? 
_entity_src_gen.pdbx_host_org_tissue_fraction      ? 
_entity_src_gen.pdbx_host_org_strain               ORIGAMI 
_entity_src_gen.pdbx_host_org_variant              ? 
_entity_src_gen.pdbx_host_org_cell_line            ? 
_entity_src_gen.pdbx_host_org_atcc                 ? 
_entity_src_gen.pdbx_host_org_culture_collection   ? 
_entity_src_gen.pdbx_host_org_cell                 ? 
_entity_src_gen.pdbx_host_org_organelle            ? 
_entity_src_gen.pdbx_host_org_cellular_location    ? 
_entity_src_gen.pdbx_host_org_vector_type          ? 
_entity_src_gen.pdbx_host_org_vector               ? 
_entity_src_gen.host_org_details                   ? 
_entity_src_gen.expression_system_id               ? 
_entity_src_gen.plasmid_name                       PET22 
_entity_src_gen.plasmid_details                    ? 
_entity_src_gen.pdbx_description                   'ENVIRONMENTAL ISOLATE' 
# 
_pdbx_entity_branch.entity_id   2 
_pdbx_entity_branch.type        oligosaccharide 
# 
loop_
_pdbx_entity_branch_descriptor.ordinal 
_pdbx_entity_branch_descriptor.entity_id 
_pdbx_entity_branch_descriptor.descriptor 
_pdbx_entity_branch_descriptor.type 
_pdbx_entity_branch_descriptor.program 
_pdbx_entity_branch_descriptor.program_version 
1 2 DGalpb1-4DGalpb1-ROH                        'Glycam Condensed Sequence' GMML       1.0   
2 2 'WURCS=2.0/1,2,1/[a2112h-1b_1-5]/1-1/a4-b1' WURCS                       PDB2Glycan 1.1.0 
3 2 '[][b-D-Galp]{[(4+1)][b-D-Galp]{}}'         LINUCS                      PDB-CARE   ?     
# 
_pdbx_entity_branch_link.link_id                    1 
_pdbx_entity_branch_link.entity_id                  2 
_pdbx_entity_branch_link.entity_branch_list_num_1   2 
_pdbx_entity_branch_link.comp_id_1                  GAL 
_pdbx_entity_branch_link.atom_id_1                  C1 
_pdbx_entity_branch_link.leaving_atom_id_1          O1 
_pdbx_entity_branch_link.entity_branch_list_num_2   1 
_pdbx_entity_branch_link.comp_id_2                  GAL 
_pdbx_entity_branch_link.atom_id_2                  O4 
_pdbx_entity_branch_link.leaving_atom_id_2          HO4 
_pdbx_entity_branch_link.value_order                sing 
_pdbx_entity_branch_link.details                    ? 
# 
loop_
_chem_comp.id 
_chem_comp.type 
_chem_comp.mon_nstd_flag 
_chem_comp.name 
_chem_comp.pdbx_synonyms 
_chem_comp.formula 
_chem_comp.formula_weight 
ALA 'L-peptide linking'          y ALANINE                ?                                          'C3 H7 N O2'     89.093  
ARG 'L-peptide linking'          y ARGININE               ?                                          'C6 H15 N4 O2 1' 175.209 
ASN 'L-peptide linking'          y ASPARAGINE             ?                                          'C4 H8 N2 O3'    132.118 
ASP 'L-peptide linking'          y 'ASPARTIC ACID'        ?                                          'C4 H7 N O4'     133.103 
CA  non-polymer                  . 'CALCIUM ION'          ?                                          'Ca 2'           40.078  
CYS 'L-peptide linking'          y CYSTEINE               ?                                          'C3 H7 N O2 S'   121.158 
GAL 'D-saccharide, beta linking' . beta-D-galactopyranose 'beta-D-galactose; D-galactose; galactose' 'C6 H12 O6'      180.156 
GLN 'L-peptide linking'          y GLUTAMINE              ?                                          'C5 H10 N2 O3'   146.144 
GLU 'L-peptide linking'          y 'GLUTAMIC ACID'        ?                                          'C5 H9 N O4'     147.129 
GLY 'peptide linking'            y GLYCINE                ?                                          'C2 H5 N O2'     75.067  
HIS 'L-peptide linking'          y HISTIDINE              ?                                          'C6 H10 N3 O2 1' 156.162 
HOH non-polymer                  . WATER                  ?                                          'H2 O'           18.015  
ILE 'L-peptide linking'          y ISOLEUCINE             ?                                          'C6 H13 N O2'    131.173 
LEU 'L-peptide linking'          y LEUCINE                ?                                          'C6 H13 N O2'    131.173 
MET 'L-peptide linking'          y METHIONINE             ?                                          'C5 H11 N O2 S'  149.211 
PHE 'L-peptide linking'          y PHENYLALANINE          ?                                          'C9 H11 N O2'    165.189 
SER 'L-peptide linking'          y SERINE                 ?                                          'C3 H7 N O3'     105.093 
THR 'L-peptide linking'          y THREONINE              ?                                          'C4 H9 N O3'     119.119 
TRP 'L-peptide linking'          y TRYPTOPHAN             ?                                          'C11 H12 N2 O2'  204.225 
TYR 'L-peptide linking'          y TYROSINE               ?                                          'C9 H11 N O3'    181.189 
VAL 'L-peptide linking'          y VALINE                 ?                                          'C5 H11 N O2'    117.146 
# 
loop_
_pdbx_chem_comp_identifier.comp_id 
_pdbx_chem_comp_identifier.type 
_pdbx_chem_comp_identifier.program 
_pdbx_chem_comp_identifier.program_version 
_pdbx_chem_comp_identifier.identifier 
GAL 'CONDENSED IUPAC CARBOHYDRATE SYMBOL' GMML     1.0 DGalpb              
GAL 'COMMON NAME'                         GMML     1.0 b-D-galactopyranose 
GAL 'IUPAC CARBOHYDRATE SYMBOL'           PDB-CARE 1.0 b-D-Galp            
GAL 'SNFG CARBOHYDRATE SYMBOL'            GMML     1.0 Gal                 
# 
loop_
_pdbx_poly_seq_scheme.asym_id 
_pdbx_poly_seq_scheme.entity_id 
_pdbx_poly_seq_scheme.seq_id 
_pdbx_poly_seq_scheme.mon_id 
_pdbx_poly_seq_scheme.ndb_seq_num 
_pdbx_poly_seq_scheme.pdb_seq_num 
_pdbx_poly_seq_scheme.auth_seq_num 
_pdbx_poly_seq_scheme.pdb_mon_id 
_pdbx_poly_seq_scheme.auth_mon_id 
_pdbx_poly_seq_scheme.pdb_strand_id 
_pdbx_poly_seq_scheme.pdb_ins_code 
_pdbx_poly_seq_scheme.hetero 
A 1 1   MET 1   0   ?   ?   ?   A . n 
A 1 2   SER 2   1   ?   ?   ?   A . n 
A 1 3   ASN 3   2   2   ASN ASN A . n 
A 1 4   SER 4   3   3   SER SER A . n 
A 1 5   ILE 5   4   4   ILE ILE A . n 
A 1 6   THR 6   5   5   THR THR A . n 
A 1 7   VAL 7   6   6   VAL VAL A . n 
A 1 8   ARG 8   7   7   ARG ARG A . n 
A 1 9   ALA 9   8   8   ALA ALA A . n 
A 1 10  ARG 10  9   9   ARG ARG A . n 
A 1 11  GLY 11  10  10  GLY GLY A . n 
A 1 12  VAL 12  11  11  VAL VAL A . n 
A 1 13  ASN 13  12  12  ASN ASN A . n 
A 1 14  GLY 14  13  13  GLY GLY A . n 
A 1 15  GLN 15  14  14  GLN GLN A . n 
A 1 16  GLU 16  15  15  GLU GLU A . n 
A 1 17  SER 17  16  16  SER SER A . n 
A 1 18  VAL 18  17  17  VAL VAL A . n 
A 1 19  SER 19  18  18  SER SER A . n 
A 1 20  LEU 20  19  19  LEU LEU A . n 
A 1 21  GLN 21  20  20  GLN GLN A . n 
A 1 22  VAL 22  21  21  VAL VAL A . n 
A 1 23  GLY 23  22  22  GLY GLY A . n 
A 1 24  GLY 24  23  23  GLY GLY A . n 
A 1 25  THR 25  24  24  THR THR A . n 
A 1 26  THR 26  25  25  THR THR A . n 
A 1 27  VAL 27  26  26  VAL VAL A . n 
A 1 28  GLN 28  27  27  GLN GLN A . n 
A 1 29  THR 29  28  28  THR THR A . n 
A 1 30  TRP 30  29  29  TRP TRP A . n 
A 1 31  THR 31  30  30  THR THR A . n 
A 1 32  LEU 32  31  31  LEU LEU A . n 
A 1 33  THR 33  32  32  THR THR A . n 
A 1 34  THR 34  33  33  THR THR A . n 
A 1 35  ALA 35  34  34  ALA ALA A . n 
A 1 36  MET 36  35  35  MET MET A . n 
A 1 37  GLN 37  36  36  GLN GLN A . n 
A 1 38  ASP 38  37  37  ASP ASP A . n 
A 1 39  TYR 39  38  38  TYR TYR A . n 
A 1 40  THR 40  39  39  THR THR A . n 
A 1 41  ALA 41  40  40  ALA ALA A . n 
A 1 42  SER 42  41  41  SER SER A . n 
A 1 43  THR 43  42  42  THR THR A . n 
A 1 44  SER 44  43  43  SER SER A . n 
A 1 45  LEU 45  44  44  LEU LEU A . n 
A 1 46  THR 46  45  45  THR THR A . n 
A 1 47  GLY 47  46  46  GLY GLY A . n 
A 1 48  GLU 48  47  47  GLU GLU A . n 
A 1 49  ILE 49  48  48  ILE ILE A . n 
A 1 50  ARG 50  49  49  ARG ARG A . n 
A 1 51  VAL 51  50  50  VAL VAL A . n 
A 1 52  ALA 52  51  51  ALA ALA A . n 
A 1 53  PHE 53  52  52  PHE PHE A . n 
A 1 54  THR 54  53  53  THR THR A . n 
A 1 55  ASN 55  54  54  ASN ASN A . n 
A 1 56  ASP 56  55  55  ASP ASP A . n 
A 1 57  ALA 57  56  56  ALA ALA A . n 
A 1 58  THR 58  57  57  THR THR A . n 
A 1 59  GLY 59  58  58  GLY GLY A . n 
A 1 60  ARG 60  59  59  ARG ARG A . n 
A 1 61  ASP 61  60  60  ASP ASP A . n 
A 1 62  VAL 62  61  61  VAL VAL A . n 
A 1 63  GLN 63  62  62  GLN GLN A . n 
A 1 64  VAL 64  63  63  VAL VAL A . n 
A 1 65  ASP 65  64  64  ASP ASP A . n 
A 1 66  TYR 66  65  65  TYR TYR A . n 
A 1 67  ILE 67  66  66  ILE ILE A . n 
A 1 68  VAL 68  67  67  VAL VAL A . n 
A 1 69  VAL 69  68  68  VAL VAL A . n 
A 1 70  ASN 70  69  69  ASN ASN A . n 
A 1 71  GLY 71  70  70  GLY GLY A . n 
A 1 72  GLN 72  71  71  GLN GLN A . n 
A 1 73  THR 73  72  72  THR THR A . n 
A 1 74  ARG 74  73  73  ARG ARG A . n 
A 1 75  GLN 75  74  74  GLN GLN A . n 
A 1 76  ALA 76  75  75  ALA ALA A . n 
A 1 77  GLU 77  76  76  GLU GLU A . n 
A 1 78  ASN 78  77  77  ASN ASN A . n 
A 1 79  GLN 79  78  78  GLN GLN A . n 
A 1 80  SER 80  79  79  SER SER A . n 
A 1 81  VAL 81  80  80  VAL VAL A . n 
A 1 82  ASN 82  81  81  ASN ASN A . n 
A 1 83  THR 83  82  82  THR THR A . n 
A 1 84  GLY 84  83  83  GLY GLY A . n 
A 1 85  VAL 85  84  84  VAL VAL A . n 
A 1 86  TRP 86  85  85  TRP TRP A . n 
A 1 87  ALA 87  86  86  ALA ALA A . n 
A 1 88  ASN 88  87  87  ASN ASN A . n 
A 1 89  ASN 89  88  88  ASN ASN A . n 
A 1 90  GLN 90  89  89  GLN GLN A . n 
A 1 91  CYS 91  90  90  CYS CYS A . n 
A 1 92  GLY 92  91  91  GLY GLY A . n 
A 1 93  GLY 93  92  92  GLY GLY A . n 
A 1 94  SER 94  93  93  SER SER A . n 
A 1 95  GLY 95  94  94  GLY GLY A . n 
A 1 96  ASN 96  95  95  ASN ASN A . n 
A 1 97  SER 97  96  96  SER SER A . n 
A 1 98  GLU 98  97  97  GLU GLU A . n 
A 1 99  TRP 99  98  98  TRP TRP A . n 
A 1 100 LEU 100 99  99  LEU LEU A . n 
A 1 101 HIS 101 100 100 HIS HIS A . n 
A 1 102 CYS 102 101 101 CYS CYS A . n 
A 1 103 ASN 103 102 102 ASN ASN A . n 
A 1 104 GLY 104 103 103 GLY GLY A . n 
A 1 105 TYR 105 104 104 TYR TYR A . n 
A 1 106 ILE 106 105 105 ILE ILE A . n 
A 1 107 SER 107 106 106 SER SER A . n 
A 1 108 PHE 108 107 107 PHE PHE A . n 
A 1 109 GLY 109 108 108 GLY GLY A . n 
A 1 110 ASN 110 109 109 ASN ASN A . n 
A 1 111 VAL 111 110 110 VAL VAL A . n 
A 1 112 SER 112 111 ?   ?   ?   A . n 
# 
loop_
_pdbx_branch_scheme.asym_id 
_pdbx_branch_scheme.entity_id 
_pdbx_branch_scheme.mon_id 
_pdbx_branch_scheme.num 
_pdbx_branch_scheme.pdb_asym_id 
_pdbx_branch_scheme.pdb_mon_id 
_pdbx_branch_scheme.pdb_seq_num 
_pdbx_branch_scheme.auth_asym_id 
_pdbx_branch_scheme.auth_mon_id 
_pdbx_branch_scheme.auth_seq_num 
_pdbx_branch_scheme.hetero 
B 2 GAL 1 B GAL 1 A GAL 1112 n 
B 2 GAL 2 B GAL 2 A GAL 1111 n 
# 
loop_
_pdbx_nonpoly_scheme.asym_id 
_pdbx_nonpoly_scheme.entity_id 
_pdbx_nonpoly_scheme.mon_id 
_pdbx_nonpoly_scheme.ndb_seq_num 
_pdbx_nonpoly_scheme.pdb_seq_num 
_pdbx_nonpoly_scheme.auth_seq_num 
_pdbx_nonpoly_scheme.pdb_mon_id 
_pdbx_nonpoly_scheme.auth_mon_id 
_pdbx_nonpoly_scheme.pdb_strand_id 
_pdbx_nonpoly_scheme.pdb_ins_code 
C 3 CA  1   1113 1113 CA  CA  A . 
D 3 CA  1   1114 1114 CA  CA  A . 
E 4 HOH 1   2001 2001 HOH HOH A . 
E 4 HOH 2   2002 2002 HOH HOH A . 
E 4 HOH 3   2003 2003 HOH HOH A . 
E 4 HOH 4   2004 2004 HOH HOH A . 
E 4 HOH 5   2005 2005 HOH HOH A . 
E 4 HOH 6   2006 2006 HOH HOH A . 
E 4 HOH 7   2007 2007 HOH HOH A . 
E 4 HOH 8   2008 2008 HOH HOH A . 
E 4 HOH 9   2009 2009 HOH HOH A . 
E 4 HOH 10  2010 2010 HOH HOH A . 
E 4 HOH 11  2011 2011 HOH HOH A . 
E 4 HOH 12  2012 2012 HOH HOH A . 
E 4 HOH 13  2013 2013 HOH HOH A . 
E 4 HOH 14  2014 2014 HOH HOH A . 
E 4 HOH 15  2015 2015 HOH HOH A . 
E 4 HOH 16  2016 2016 HOH HOH A . 
E 4 HOH 17  2017 2017 HOH HOH A . 
E 4 HOH 18  2018 2018 HOH HOH A . 
E 4 HOH 19  2019 2019 HOH HOH A . 
E 4 HOH 20  2020 2020 HOH HOH A . 
E 4 HOH 21  2021 2021 HOH HOH A . 
E 4 HOH 22  2022 2022 HOH HOH A . 
E 4 HOH 23  2023 2023 HOH HOH A . 
E 4 HOH 24  2024 2024 HOH HOH A . 
E 4 HOH 25  2025 2025 HOH HOH A . 
E 4 HOH 26  2026 2026 HOH HOH A . 
E 4 HOH 27  2027 2027 HOH HOH A . 
E 4 HOH 28  2028 2028 HOH HOH A . 
E 4 HOH 29  2029 2029 HOH HOH A . 
E 4 HOH 30  2030 2030 HOH HOH A . 
E 4 HOH 31  2031 2031 HOH HOH A . 
E 4 HOH 32  2032 2032 HOH HOH A . 
E 4 HOH 33  2033 2033 HOH HOH A . 
E 4 HOH 34  2034 2034 HOH HOH A . 
E 4 HOH 35  2035 2035 HOH HOH A . 
E 4 HOH 36  2036 2036 HOH HOH A . 
E 4 HOH 37  2037 2037 HOH HOH A . 
E 4 HOH 38  2038 2038 HOH HOH A . 
E 4 HOH 39  2039 2039 HOH HOH A . 
E 4 HOH 40  2040 2040 HOH HOH A . 
E 4 HOH 41  2041 2041 HOH HOH A . 
E 4 HOH 42  2042 2042 HOH HOH A . 
E 4 HOH 43  2043 2043 HOH HOH A . 
E 4 HOH 44  2044 2044 HOH HOH A . 
E 4 HOH 45  2045 2045 HOH HOH A . 
E 4 HOH 46  2046 2046 HOH HOH A . 
E 4 HOH 47  2047 2047 HOH HOH A . 
E 4 HOH 48  2048 2048 HOH HOH A . 
E 4 HOH 49  2049 2049 HOH HOH A . 
E 4 HOH 50  2050 2050 HOH HOH A . 
E 4 HOH 51  2051 2051 HOH HOH A . 
E 4 HOH 52  2052 2052 HOH HOH A . 
E 4 HOH 53  2053 2053 HOH HOH A . 
E 4 HOH 54  2054 2054 HOH HOH A . 
E 4 HOH 55  2055 2055 HOH HOH A . 
E 4 HOH 56  2056 2056 HOH HOH A . 
E 4 HOH 57  2057 2057 HOH HOH A . 
E 4 HOH 58  2058 2058 HOH HOH A . 
E 4 HOH 59  2059 2059 HOH HOH A . 
E 4 HOH 60  2060 2060 HOH HOH A . 
E 4 HOH 61  2061 2061 HOH HOH A . 
E 4 HOH 62  2062 2062 HOH HOH A . 
E 4 HOH 63  2063 2063 HOH HOH A . 
E 4 HOH 64  2064 2064 HOH HOH A . 
E 4 HOH 65  2065 2065 HOH HOH A . 
E 4 HOH 66  2066 2066 HOH HOH A . 
E 4 HOH 67  2067 2067 HOH HOH A . 
E 4 HOH 68  2068 2068 HOH HOH A . 
E 4 HOH 69  2069 2069 HOH HOH A . 
E 4 HOH 70  2070 2070 HOH HOH A . 
E 4 HOH 71  2071 2071 HOH HOH A . 
E 4 HOH 72  2072 2072 HOH HOH A . 
E 4 HOH 73  2073 2073 HOH HOH A . 
E 4 HOH 74  2074 2074 HOH HOH A . 
E 4 HOH 75  2075 2075 HOH HOH A . 
E 4 HOH 76  2076 2076 HOH HOH A . 
E 4 HOH 77  2077 2077 HOH HOH A . 
E 4 HOH 78  2078 2078 HOH HOH A . 
E 4 HOH 79  2079 2079 HOH HOH A . 
E 4 HOH 80  2080 2080 HOH HOH A . 
E 4 HOH 81  2081 2081 HOH HOH A . 
E 4 HOH 82  2082 2082 HOH HOH A . 
E 4 HOH 83  2083 2083 HOH HOH A . 
E 4 HOH 84  2084 2084 HOH HOH A . 
E 4 HOH 85  2085 2085 HOH HOH A . 
E 4 HOH 86  2086 2086 HOH HOH A . 
E 4 HOH 87  2087 2087 HOH HOH A . 
E 4 HOH 88  2088 2088 HOH HOH A . 
E 4 HOH 89  2089 2089 HOH HOH A . 
E 4 HOH 90  2090 2090 HOH HOH A . 
E 4 HOH 91  2091 2091 HOH HOH A . 
E 4 HOH 92  2092 2092 HOH HOH A . 
E 4 HOH 93  2093 2093 HOH HOH A . 
E 4 HOH 94  2094 2094 HOH HOH A . 
E 4 HOH 95  2095 2095 HOH HOH A . 
E 4 HOH 96  2096 2096 HOH HOH A . 
E 4 HOH 97  2097 2097 HOH HOH A . 
E 4 HOH 98  2098 2098 HOH HOH A . 
E 4 HOH 99  2099 2099 HOH HOH A . 
E 4 HOH 100 2100 2100 HOH HOH A . 
E 4 HOH 101 2101 2101 HOH HOH A . 
E 4 HOH 102 2102 2102 HOH HOH A . 
E 4 HOH 103 2103 2103 HOH HOH A . 
E 4 HOH 104 2104 2104 HOH HOH A . 
E 4 HOH 105 2105 2105 HOH HOH A . 
E 4 HOH 106 2106 2106 HOH HOH A . 
E 4 HOH 107 2107 2107 HOH HOH A . 
E 4 HOH 108 2108 2108 HOH HOH A . 
E 4 HOH 109 2109 2109 HOH HOH A . 
E 4 HOH 110 2110 2110 HOH HOH A . 
E 4 HOH 111 2111 2111 HOH HOH A . 
E 4 HOH 112 2112 2112 HOH HOH A . 
E 4 HOH 113 2113 2113 HOH HOH A . 
E 4 HOH 114 2114 2114 HOH HOH A . 
E 4 HOH 115 2115 2115 HOH HOH A . 
E 4 HOH 116 2116 2116 HOH HOH A . 
E 4 HOH 117 2117 2117 HOH HOH A . 
E 4 HOH 118 2118 2118 HOH HOH A . 
E 4 HOH 119 2119 2119 HOH HOH A . 
E 4 HOH 120 2120 2120 HOH HOH A . 
E 4 HOH 121 2121 2121 HOH HOH A . 
E 4 HOH 122 2122 2122 HOH HOH A . 
E 4 HOH 123 2123 2123 HOH HOH A . 
E 4 HOH 124 2124 2124 HOH HOH A . 
E 4 HOH 125 2125 2125 HOH HOH A . 
E 4 HOH 126 2126 2126 HOH HOH A . 
# 
loop_
_software.name 
_software.classification 
_software.version 
_software.citation_id 
_software.pdbx_ordinal 
REFMAC  refinement       5.5.0066 ? 1 
iMOSFLM 'data reduction' .        ? 2 
SCALA   'data scaling'   .        ? 3 
MOLREP  phasing          .        ? 4 
# 
_cell.entry_id           2XFE 
_cell.length_a           30.070 
_cell.length_b           49.540 
_cell.length_c           54.680 
_cell.angle_alpha        90.00 
_cell.angle_beta         90.00 
_cell.angle_gamma        90.00 
_cell.Z_PDB              4 
_cell.pdbx_unique_axis   ? 
# 
_symmetry.entry_id                         2XFE 
_symmetry.space_group_name_H-M             'P 21 21 21' 
_symmetry.pdbx_full_space_group_name_H-M   ? 
_symmetry.cell_setting                     ? 
_symmetry.Int_Tables_number                19 
# 
_exptl.entry_id          2XFE 
_exptl.method            'X-RAY DIFFRACTION' 
_exptl.crystals_number   1 
# 
_exptl_crystal.id                    1 
_exptl_crystal.density_meas          ? 
_exptl_crystal.density_Matthews      1.71 
_exptl_crystal.density_percent_sol   28 
_exptl_crystal.description           NONE 
# 
_exptl_crystal_grow.crystal_id      1 
_exptl_crystal_grow.method          ? 
_exptl_crystal_grow.temp            ? 
_exptl_crystal_grow.temp_details    ? 
_exptl_crystal_grow.pH              8.0 
_exptl_crystal_grow.pdbx_pH_range   ? 
_exptl_crystal_grow.pdbx_details    '10MM GALACTOTRIOSE, 0.01M ZINC CHLORIDE, 0.1 M TRIS/HCL PH 8.0, 20% (W/V) PEG 6000' 
# 
_diffrn.id                     1 
_diffrn.ambient_temp           287 
_diffrn.ambient_temp_details   ? 
_diffrn.crystal_id             1 
# 
_diffrn_detector.diffrn_id              1 
_diffrn_detector.detector               CCD 
_diffrn_detector.type                   'ADSC CCD' 
_diffrn_detector.pdbx_collection_date   2009-11-02 
_diffrn_detector.details                ? 
# 
_diffrn_radiation.diffrn_id                        1 
_diffrn_radiation.wavelength_id                    1 
_diffrn_radiation.pdbx_monochromatic_or_laue_m_l   M 
_diffrn_radiation.monochromator                    ? 
_diffrn_radiation.pdbx_diffrn_protocol             'SINGLE WAVELENGTH' 
_diffrn_radiation.pdbx_scattering_type             x-ray 
# 
_diffrn_radiation_wavelength.id           1 
_diffrn_radiation_wavelength.wavelength   1.5418 
_diffrn_radiation_wavelength.wt           1.0 
# 
_diffrn_source.diffrn_id                   1 
_diffrn_source.source                      SYNCHROTRON 
_diffrn_source.type                        'DIAMOND BEAMLINE I03' 
_diffrn_source.pdbx_synchrotron_site       Diamond 
_diffrn_source.pdbx_synchrotron_beamline   I03 
_diffrn_source.pdbx_wavelength             1.5418 
_diffrn_source.pdbx_wavelength_list        ? 
# 
_reflns.pdbx_diffrn_id               1 
_reflns.pdbx_ordinal                 1 
_reflns.entry_id                     2XFE 
_reflns.observed_criterion_sigma_I   2.0 
_reflns.observed_criterion_sigma_F   ? 
_reflns.d_resolution_low             36.71 
_reflns.d_resolution_high            1.82 
_reflns.number_obs                   7772 
_reflns.number_all                   ? 
_reflns.percent_possible_obs         100.0 
_reflns.pdbx_Rmerge_I_obs            0.06 
_reflns.pdbx_Rsym_value              ? 
_reflns.pdbx_netI_over_sigmaI        41.50 
_reflns.B_iso_Wilson_estimate        ? 
_reflns.pdbx_redundancy              13.6 
# 
_reflns_shell.pdbx_diffrn_id         1 
_reflns_shell.pdbx_ordinal           1 
_reflns_shell.d_res_high             1.82 
_reflns_shell.d_res_low              1.87 
_reflns_shell.percent_possible_all   100.0 
_reflns_shell.Rmerge_I_obs           0.14 
_reflns_shell.pdbx_Rsym_value        ? 
_reflns_shell.meanI_over_sigI_obs    15.60 
_reflns_shell.pdbx_redundancy        13.5 
# 
_refine.pdbx_refine_id                           'X-RAY DIFFRACTION' 
_refine.entry_id                                 2XFE 
_refine.pdbx_diffrn_id                           1 
_refine.pdbx_TLS_residual_ADP_flag               ? 
_refine.ls_number_reflns_obs                     7380 
_refine.ls_number_reflns_all                     ? 
_refine.pdbx_ls_sigma_I                          ? 
_refine.pdbx_ls_sigma_F                          . 
_refine.pdbx_data_cutoff_high_absF               ? 
_refine.pdbx_data_cutoff_low_absF                ? 
_refine.pdbx_data_cutoff_high_rms_absF           ? 
_refine.ls_d_res_low                             36.71 
_refine.ls_d_res_high                            1.82 
_refine.ls_percent_reflns_obs                    100.00 
_refine.ls_R_factor_obs                          0.14695 
_refine.ls_R_factor_all                          ? 
_refine.ls_R_factor_R_work                       0.14471 
_refine.ls_R_factor_R_free                       0.19219 
_refine.ls_R_factor_R_free_error                 ? 
_refine.ls_R_factor_R_free_error_details         ? 
_refine.ls_percent_reflns_R_free                 4.6 
_refine.ls_number_reflns_R_free                  355 
_refine.ls_number_parameters                     ? 
_refine.ls_number_restraints                     ? 
_refine.occupancy_min                            ? 
_refine.occupancy_max                            ? 
_refine.correlation_coeff_Fo_to_Fc               0.955 
_refine.correlation_coeff_Fo_to_Fc_free          0.939 
_refine.B_iso_mean                               8.943 
_refine.aniso_B[1][1]                            0.19 
_refine.aniso_B[2][2]                            -0.49 
_refine.aniso_B[3][3]                            0.30 
_refine.aniso_B[1][2]                            0.00 
_refine.aniso_B[1][3]                            0.00 
_refine.aniso_B[2][3]                            0.00 
_refine.solvent_model_details                    MASK 
_refine.solvent_model_param_ksol                 ? 
_refine.solvent_model_param_bsol                 ? 
_refine.pdbx_solvent_vdw_probe_radii             1.40 
_refine.pdbx_solvent_ion_probe_radii             0.80 
_refine.pdbx_solvent_shrinkage_radii             0.80 
_refine.pdbx_ls_cross_valid_method               THROUGHOUT 
_refine.details                                  'HYDROGENS HAVE BEEN ADDED IN THE RIDING POSITIONS. U VALUES REFINED INDIVIDUALLY' 
_refine.pdbx_starting_model                      APO-VCBM60 
_refine.pdbx_method_to_determine_struct          'MOLECULAR REPLACEMENT' 
_refine.pdbx_isotropic_thermal_model             ? 
_refine.pdbx_stereochemistry_target_values       'MAXIMUM LIKELIHOOD' 
_refine.pdbx_stereochem_target_val_spec_case     ? 
_refine.pdbx_R_Free_selection_details            RANDOM 
_refine.pdbx_overall_ESU_R                       0.140 
_refine.pdbx_overall_ESU_R_Free                  0.129 
_refine.overall_SU_ML                            0.082 
_refine.pdbx_overall_phase_error                 ? 
_refine.overall_SU_B                             2.683 
_refine.overall_SU_R_Cruickshank_DPI             ? 
_refine.pdbx_overall_SU_R_free_Cruickshank_DPI   ? 
_refine.pdbx_overall_SU_R_Blow_DPI               ? 
_refine.pdbx_overall_SU_R_free_Blow_DPI          ? 
# 
_refine_hist.pdbx_refine_id                   'X-RAY DIFFRACTION' 
_refine_hist.cycle_id                         LAST 
_refine_hist.pdbx_number_atoms_protein        816 
_refine_hist.pdbx_number_atoms_nucleic_acid   0 
_refine_hist.pdbx_number_atoms_ligand         25 
_refine_hist.number_atoms_solvent             126 
_refine_hist.number_atoms_total               967 
_refine_hist.d_res_high                       1.82 
_refine_hist.d_res_low                        36.71 
# 
loop_
_refine_ls_restr.type 
_refine_ls_restr.dev_ideal 
_refine_ls_restr.dev_ideal_target 
_refine_ls_restr.weight 
_refine_ls_restr.number 
_refine_ls_restr.pdbx_refine_id 
_refine_ls_restr.pdbx_restraint_function 
r_bond_refined_d             0.021  0.021  ? 853  'X-RAY DIFFRACTION' ? 
r_bond_other_d               0.005  0.020  ? 713  'X-RAY DIFFRACTION' ? 
r_angle_refined_deg          1.856  1.918  ? 1165 'X-RAY DIFFRACTION' ? 
r_angle_other_deg            1.493  3.000  ? 1648 'X-RAY DIFFRACTION' ? 
r_dihedral_angle_1_deg       6.820  5.000  ? 108  'X-RAY DIFFRACTION' ? 
r_dihedral_angle_2_deg       33.191 25.476 ? 42   'X-RAY DIFFRACTION' ? 
r_dihedral_angle_3_deg       12.516 15.000 ? 122  'X-RAY DIFFRACTION' ? 
r_dihedral_angle_4_deg       16.468 15.000 ? 5    'X-RAY DIFFRACTION' ? 
r_chiral_restr               0.153  0.200  ? 141  'X-RAY DIFFRACTION' ? 
r_gen_planes_refined         0.009  0.020  ? 967  'X-RAY DIFFRACTION' ? 
r_gen_planes_other           0.000  0.020  ? 167  'X-RAY DIFFRACTION' ? 
r_nbd_refined                ?      ?      ? ?    'X-RAY DIFFRACTION' ? 
r_nbd_other                  ?      ?      ? ?    'X-RAY DIFFRACTION' ? 
r_nbtor_refined              ?      ?      ? ?    'X-RAY DIFFRACTION' ? 
r_nbtor_other                ?      ?      ? ?    'X-RAY DIFFRACTION' ? 
r_xyhbond_nbd_refined        ?      ?      ? ?    'X-RAY DIFFRACTION' ? 
r_xyhbond_nbd_other          ?      ?      ? ?    'X-RAY DIFFRACTION' ? 
r_metal_ion_refined          ?      ?      ? ?    'X-RAY DIFFRACTION' ? 
r_metal_ion_other            ?      ?      ? ?    'X-RAY DIFFRACTION' ? 
r_symmetry_vdw_refined       ?      ?      ? ?    'X-RAY DIFFRACTION' ? 
r_symmetry_vdw_other         ?      ?      ? ?    'X-RAY DIFFRACTION' ? 
r_symmetry_hbond_refined     ?      ?      ? ?    'X-RAY DIFFRACTION' ? 
r_symmetry_hbond_other       ?      ?      ? ?    'X-RAY DIFFRACTION' ? 
r_symmetry_metal_ion_refined ?      ?      ? ?    'X-RAY DIFFRACTION' ? 
r_symmetry_metal_ion_other   ?      ?      ? ?    'X-RAY DIFFRACTION' ? 
r_mcbond_it                  1.021  1.500  ? 532  'X-RAY DIFFRACTION' ? 
r_mcbond_other               0.369  1.500  ? 233  'X-RAY DIFFRACTION' ? 
r_mcangle_it                 1.699  2.000  ? 854  'X-RAY DIFFRACTION' ? 
r_mcangle_other              ?      ?      ? ?    'X-RAY DIFFRACTION' ? 
r_scbond_it                  2.908  3.000  ? 321  'X-RAY DIFFRACTION' ? 
r_scbond_other               ?      ?      ? ?    'X-RAY DIFFRACTION' ? 
r_scangle_it                 4.335  4.500  ? 311  'X-RAY DIFFRACTION' ? 
r_scangle_other              ?      ?      ? ?    'X-RAY DIFFRACTION' ? 
r_long_range_B_refined       ?      ?      ? ?    'X-RAY DIFFRACTION' ? 
r_long_range_B_other         ?      ?      ? ?    'X-RAY DIFFRACTION' ? 
r_rigid_bond_restr           ?      ?      ? ?    'X-RAY DIFFRACTION' ? 
r_sphericity_free            ?      ?      ? ?    'X-RAY DIFFRACTION' ? 
r_sphericity_bonded          ?      ?      ? ?    'X-RAY DIFFRACTION' ? 
# 
_refine_ls_shell.pdbx_refine_id                   'X-RAY DIFFRACTION' 
_refine_ls_shell.pdbx_total_number_of_bins_used   20 
_refine_ls_shell.d_res_high                       1.821 
_refine_ls_shell.d_res_low                        1.868 
_refine_ls_shell.number_reflns_R_work             520 
_refine_ls_shell.R_factor_R_work                  0.190 
_refine_ls_shell.percent_reflns_obs               100.00 
_refine_ls_shell.R_factor_R_free                  0.292 
_refine_ls_shell.R_factor_R_free_error            ? 
_refine_ls_shell.percent_reflns_R_free            ? 
_refine_ls_shell.number_reflns_R_free             30 
_refine_ls_shell.number_reflns_all                ? 
_refine_ls_shell.R_factor_all                     ? 
# 
_struct.entry_id                  2XFE 
_struct.title                     'vCBM60 in complex with galactobiose' 
_struct.pdbx_model_details        ? 
_struct.pdbx_CASP_flag            ? 
_struct.pdbx_model_type_details   ? 
# 
_struct_keywords.entry_id        2XFE 
_struct_keywords.pdbx_keywords   'SUGAR BINDING PROTEIN' 
_struct_keywords.text            'SUGAR BINDING PROTEIN' 
# 
loop_
_struct_asym.id 
_struct_asym.pdbx_blank_PDB_chainid_flag 
_struct_asym.pdbx_modified 
_struct_asym.entity_id 
_struct_asym.details 
A N N 1 ? 
B N N 2 ? 
C N N 3 ? 
D N N 3 ? 
E N N 4 ? 
# 
_struct_ref.id                         1 
_struct_ref.db_name                    UNP 
_struct_ref.db_code                    D7GNB4_9BACT 
_struct_ref.entity_id                  1 
_struct_ref.pdbx_seq_one_letter_code   ? 
_struct_ref.pdbx_align_begin           ? 
_struct_ref.pdbx_db_accession          D7GNB4 
_struct_ref.pdbx_db_isoform            ? 
# 
_struct_ref_seq.align_id                      1 
_struct_ref_seq.ref_id                        1 
_struct_ref_seq.pdbx_PDB_id_code              2XFE 
_struct_ref_seq.pdbx_strand_id                A 
_struct_ref_seq.seq_align_beg                 3 
_struct_ref_seq.pdbx_seq_align_beg_ins_code   ? 
_struct_ref_seq.seq_align_end                 112 
_struct_ref_seq.pdbx_seq_align_end_ins_code   ? 
_struct_ref_seq.pdbx_db_accession             D7GNB4 
_struct_ref_seq.db_align_beg                  2 
_struct_ref_seq.pdbx_db_align_beg_ins_code    ? 
_struct_ref_seq.db_align_end                  111 
_struct_ref_seq.pdbx_db_align_end_ins_code    ? 
_struct_ref_seq.pdbx_auth_seq_align_beg       2 
_struct_ref_seq.pdbx_auth_seq_align_end       111 
# 
loop_
_struct_ref_seq_dif.align_id 
_struct_ref_seq_dif.pdbx_pdb_id_code 
_struct_ref_seq_dif.mon_id 
_struct_ref_seq_dif.pdbx_pdb_strand_id 
_struct_ref_seq_dif.seq_num 
_struct_ref_seq_dif.pdbx_pdb_ins_code 
_struct_ref_seq_dif.pdbx_seq_db_name 
_struct_ref_seq_dif.pdbx_seq_db_accession_code 
_struct_ref_seq_dif.db_mon_id 
_struct_ref_seq_dif.pdbx_seq_db_seq_num 
_struct_ref_seq_dif.details 
_struct_ref_seq_dif.pdbx_auth_seq_num 
_struct_ref_seq_dif.pdbx_ordinal 
1 2XFE MET A 1 ? UNP D7GNB4 ? ? 'expression tag' 0 1 
1 2XFE SER A 2 ? UNP D7GNB4 ? ? 'expression tag' 1 2 
# 
_pdbx_struct_assembly.id                   1 
_pdbx_struct_assembly.details              author_and_software_defined_assembly 
_pdbx_struct_assembly.method_details       PISA 
_pdbx_struct_assembly.oligomeric_details   monomeric 
_pdbx_struct_assembly.oligomeric_count     1 
# 
_pdbx_struct_assembly_gen.assembly_id       1 
_pdbx_struct_assembly_gen.oper_expression   1 
_pdbx_struct_assembly_gen.asym_id_list      A,B,C,D,E 
# 
_pdbx_struct_oper_list.id                   1 
_pdbx_struct_oper_list.type                 'identity operation' 
_pdbx_struct_oper_list.name                 1_555 
_pdbx_struct_oper_list.symmetry_operation   x,y,z 
_pdbx_struct_oper_list.matrix[1][1]         1.0000000000 
_pdbx_struct_oper_list.matrix[1][2]         0.0000000000 
_pdbx_struct_oper_list.matrix[1][3]         0.0000000000 
_pdbx_struct_oper_list.vector[1]            0.0000000000 
_pdbx_struct_oper_list.matrix[2][1]         0.0000000000 
_pdbx_struct_oper_list.matrix[2][2]         1.0000000000 
_pdbx_struct_oper_list.matrix[2][3]         0.0000000000 
_pdbx_struct_oper_list.vector[2]            0.0000000000 
_pdbx_struct_oper_list.matrix[3][1]         0.0000000000 
_pdbx_struct_oper_list.matrix[3][2]         0.0000000000 
_pdbx_struct_oper_list.matrix[3][3]         1.0000000000 
_pdbx_struct_oper_list.vector[3]            0.0000000000 
# 
_struct_biol.id   1 
# 
_struct_conf.conf_type_id            HELX_P 
_struct_conf.id                      HELX_P1 
_struct_conf.pdbx_PDB_helix_id       1 
_struct_conf.beg_label_comp_id       GLU 
_struct_conf.beg_label_asym_id       A 
_struct_conf.beg_label_seq_id        77 
_struct_conf.pdbx_beg_PDB_ins_code   ? 
_struct_conf.end_label_comp_id       GLN 
_struct_conf.end_label_asym_id       A 
_struct_conf.end_label_seq_id        79 
_struct_conf.pdbx_end_PDB_ins_code   ? 
_struct_conf.beg_auth_comp_id        GLU 
_struct_conf.beg_auth_asym_id        A 
_struct_conf.beg_auth_seq_id         76 
_struct_conf.end_auth_comp_id        GLN 
_struct_conf.end_auth_asym_id        A 
_struct_conf.end_auth_seq_id         78 
_struct_conf.pdbx_PDB_helix_class    5 
_struct_conf.details                 ? 
_struct_conf.pdbx_PDB_helix_length   3 
# 
_struct_conf_type.id          HELX_P 
_struct_conf_type.criteria    ? 
_struct_conf_type.reference   ? 
# 
loop_
_struct_conn.id 
_struct_conn.conn_type_id 
_struct_conn.pdbx_leaving_atom_flag 
_struct_conn.pdbx_PDB_id 
_struct_conn.ptnr1_label_asym_id 
_struct_conn.ptnr1_label_comp_id 
_struct_conn.ptnr1_label_seq_id 
_struct_conn.ptnr1_label_atom_id 
_struct_conn.pdbx_ptnr1_label_alt_id 
_struct_conn.pdbx_ptnr1_PDB_ins_code 
_struct_conn.pdbx_ptnr1_standard_comp_id 
_struct_conn.ptnr1_symmetry 
_struct_conn.ptnr2_label_asym_id 
_struct_conn.ptnr2_label_comp_id 
_struct_conn.ptnr2_label_seq_id 
_struct_conn.ptnr2_label_atom_id 
_struct_conn.pdbx_ptnr2_label_alt_id 
_struct_conn.pdbx_ptnr2_PDB_ins_code 
_struct_conn.ptnr1_auth_asym_id 
_struct_conn.ptnr1_auth_comp_id 
_struct_conn.ptnr1_auth_seq_id 
_struct_conn.ptnr2_auth_asym_id 
_struct_conn.ptnr2_auth_comp_id 
_struct_conn.ptnr2_auth_seq_id 
_struct_conn.ptnr2_symmetry 
_struct_conn.pdbx_ptnr3_label_atom_id 
_struct_conn.pdbx_ptnr3_label_seq_id 
_struct_conn.pdbx_ptnr3_label_comp_id 
_struct_conn.pdbx_ptnr3_label_asym_id 
_struct_conn.pdbx_ptnr3_label_alt_id 
_struct_conn.pdbx_ptnr3_PDB_ins_code 
_struct_conn.details 
_struct_conn.pdbx_dist_value 
_struct_conn.pdbx_value_order 
_struct_conn.pdbx_role 
disulf1  disulf ?    ? A CYS 91  SG  ? ? ? 1_555 A CYS 102 SG ? ? A CYS 90   A CYS 101  1_555 ? ? ? ? ? ? ? 2.093 ? ? 
covale1  covale both ? B GAL .   O4  ? ? ? 1_555 B GAL .   C1 ? ? B GAL 1    B GAL 2    1_555 ? ? ? ? ? ? ? 1.422 ? ? 
metalc1  metalc ?    ? A ASP 56  OD1 ? ? ? 1_555 C CA  .   CA ? ? A ASP 55   A CA  1113 1_555 ? ? ? ? ? ? ? 2.587 ? ? 
metalc2  metalc ?    ? A ARG 60  O   ? ? ? 1_555 C CA  .   CA ? ? A ARG 59   A CA  1113 1_555 ? ? ? ? ? ? ? 2.309 ? ? 
metalc3  metalc ?    ? A ASP 61  OD2 ? ? ? 1_555 C CA  .   CA ? ? A ASP 60   A CA  1113 1_555 ? ? ? ? ? ? ? 2.310 ? ? 
metalc4  metalc ?    ? A ASP 65  O   ? ? ? 1_555 D CA  .   CA ? ? A ASP 64   A CA  1114 1_555 ? ? ? ? ? ? ? 2.441 ? ? 
metalc5  metalc ?    ? A ASP 65  OD1 ? ? ? 1_555 D CA  .   CA ? ? A ASP 64   A CA  1114 1_555 ? ? ? ? ? ? ? 2.284 ? ? 
metalc6  metalc ?    ? A GLN 75  OE1 ? ? ? 1_555 D CA  .   CA ? ? A GLN 74   A CA  1114 1_555 ? ? ? ? ? ? ? 2.299 ? ? 
metalc7  metalc ?    ? A GLU 77  OE1 ? ? ? 1_555 D CA  .   CA ? ? A GLU 76   A CA  1114 1_555 ? ? ? ? ? ? ? 2.435 ? ? 
metalc8  metalc ?    ? A GLU 77  OE2 ? ? ? 1_555 D CA  .   CA ? ? A GLU 76   A CA  1114 1_555 ? ? ? ? ? ? ? 2.487 ? ? 
metalc9  metalc ?    ? A GLU 98  OE2 ? ? ? 1_555 D CA  .   CA ? ? A GLU 97   A CA  1114 1_555 ? ? ? ? ? ? ? 2.384 ? ? 
metalc10 metalc ?    ? A HIS 101 O   ? ? ? 1_555 C CA  .   CA ? ? A HIS 100  A CA  1113 1_555 ? ? ? ? ? ? ? 2.347 ? ? 
metalc11 metalc ?    ? C CA  .   CA  ? ? ? 1_555 E HOH .   O  ? ? A CA  1113 A HOH 2067 1_555 ? ? ? ? ? ? ? 2.327 ? ? 
metalc12 metalc ?    ? C CA  .   CA  ? ? ? 1_555 B GAL .   O2 ? ? A CA  1113 B GAL 2    1_555 ? ? ? ? ? ? ? 2.555 ? ? 
metalc13 metalc ?    ? C CA  .   CA  ? ? ? 1_555 B GAL .   O3 ? ? A CA  1113 B GAL 2    1_555 ? ? ? ? ? ? ? 2.372 ? ? 
metalc14 metalc ?    ? D CA  .   CA  ? ? ? 1_555 E HOH .   O  ? ? A CA  1114 A HOH 2084 1_555 ? ? ? ? ? ? ? 2.355 ? ? 
# 
loop_
_struct_conn_type.id 
_struct_conn_type.criteria 
_struct_conn_type.reference 
disulf ? ? 
covale ? ? 
metalc ? ? 
# 
loop_
_pdbx_struct_conn_angle.id 
_pdbx_struct_conn_angle.ptnr1_label_atom_id 
_pdbx_struct_conn_angle.ptnr1_label_alt_id 
_pdbx_struct_conn_angle.ptnr1_label_asym_id 
_pdbx_struct_conn_angle.ptnr1_label_comp_id 
_pdbx_struct_conn_angle.ptnr1_label_seq_id 
_pdbx_struct_conn_angle.ptnr1_auth_atom_id 
_pdbx_struct_conn_angle.ptnr1_auth_asym_id 
_pdbx_struct_conn_angle.ptnr1_auth_comp_id 
_pdbx_struct_conn_angle.ptnr1_auth_seq_id 
_pdbx_struct_conn_angle.ptnr1_PDB_ins_code 
_pdbx_struct_conn_angle.ptnr1_symmetry 
_pdbx_struct_conn_angle.ptnr2_label_atom_id 
_pdbx_struct_conn_angle.ptnr2_label_alt_id 
_pdbx_struct_conn_angle.ptnr2_label_asym_id 
_pdbx_struct_conn_angle.ptnr2_label_comp_id 
_pdbx_struct_conn_angle.ptnr2_label_seq_id 
_pdbx_struct_conn_angle.ptnr2_auth_atom_id 
_pdbx_struct_conn_angle.ptnr2_auth_asym_id 
_pdbx_struct_conn_angle.ptnr2_auth_comp_id 
_pdbx_struct_conn_angle.ptnr2_auth_seq_id 
_pdbx_struct_conn_angle.ptnr2_PDB_ins_code 
_pdbx_struct_conn_angle.ptnr2_symmetry 
_pdbx_struct_conn_angle.ptnr3_label_atom_id 
_pdbx_struct_conn_angle.ptnr3_label_alt_id 
_pdbx_struct_conn_angle.ptnr3_label_asym_id 
_pdbx_struct_conn_angle.ptnr3_label_comp_id 
_pdbx_struct_conn_angle.ptnr3_label_seq_id 
_pdbx_struct_conn_angle.ptnr3_auth_atom_id 
_pdbx_struct_conn_angle.ptnr3_auth_asym_id 
_pdbx_struct_conn_angle.ptnr3_auth_comp_id 
_pdbx_struct_conn_angle.ptnr3_auth_seq_id 
_pdbx_struct_conn_angle.ptnr3_PDB_ins_code 
_pdbx_struct_conn_angle.ptnr3_symmetry 
_pdbx_struct_conn_angle.value 
_pdbx_struct_conn_angle.value_esd 
1  OD1 ? A ASP 56  ? A ASP 55   ? 1_555 CA ? C CA . ? A CA 1113 ? 1_555 O   ? A ARG 60  ? A ARG 59   ? 1_555 76.7  ? 
2  OD1 ? A ASP 56  ? A ASP 55   ? 1_555 CA ? C CA . ? A CA 1113 ? 1_555 OD2 ? A ASP 61  ? A ASP 60   ? 1_555 137.8 ? 
3  O   ? A ARG 60  ? A ARG 59   ? 1_555 CA ? C CA . ? A CA 1113 ? 1_555 OD2 ? A ASP 61  ? A ASP 60   ? 1_555 73.7  ? 
4  OD1 ? A ASP 56  ? A ASP 55   ? 1_555 CA ? C CA . ? A CA 1113 ? 1_555 O   ? A HIS 101 ? A HIS 100  ? 1_555 78.7  ? 
5  O   ? A ARG 60  ? A ARG 59   ? 1_555 CA ? C CA . ? A CA 1113 ? 1_555 O   ? A HIS 101 ? A HIS 100  ? 1_555 113.0 ? 
6  OD2 ? A ASP 61  ? A ASP 60   ? 1_555 CA ? C CA . ? A CA 1113 ? 1_555 O   ? A HIS 101 ? A HIS 100  ? 1_555 85.8  ? 
7  OD1 ? A ASP 56  ? A ASP 55   ? 1_555 CA ? C CA . ? A CA 1113 ? 1_555 O   ? E HOH .   ? A HOH 2067 ? 1_555 108.9 ? 
8  O   ? A ARG 60  ? A ARG 59   ? 1_555 CA ? C CA . ? A CA 1113 ? 1_555 O   ? E HOH .   ? A HOH 2067 ? 1_555 81.8  ? 
9  OD2 ? A ASP 61  ? A ASP 60   ? 1_555 CA ? C CA . ? A CA 1113 ? 1_555 O   ? E HOH .   ? A HOH 2067 ? 1_555 96.0  ? 
10 O   ? A HIS 101 ? A HIS 100  ? 1_555 CA ? C CA . ? A CA 1113 ? 1_555 O   ? E HOH .   ? A HOH 2067 ? 1_555 164.9 ? 
11 OD1 ? A ASP 56  ? A ASP 55   ? 1_555 CA ? C CA . ? A CA 1113 ? 1_555 O2  ? B GAL .   ? B GAL 2    ? 1_555 140.4 ? 
12 O   ? A ARG 60  ? A ARG 59   ? 1_555 CA ? C CA . ? A CA 1113 ? 1_555 O2  ? B GAL .   ? B GAL 2    ? 1_555 142.8 ? 
13 OD2 ? A ASP 61  ? A ASP 60   ? 1_555 CA ? C CA . ? A CA 1113 ? 1_555 O2  ? B GAL .   ? B GAL 2    ? 1_555 74.8  ? 
14 O   ? A HIS 101 ? A HIS 100  ? 1_555 CA ? C CA . ? A CA 1113 ? 1_555 O2  ? B GAL .   ? B GAL 2    ? 1_555 83.7  ? 
15 O   ? E HOH .   ? A HOH 2067 ? 1_555 CA ? C CA . ? A CA 1113 ? 1_555 O2  ? B GAL .   ? B GAL 2    ? 1_555 82.4  ? 
16 OD1 ? A ASP 56  ? A ASP 55   ? 1_555 CA ? C CA . ? A CA 1113 ? 1_555 O3  ? B GAL .   ? B GAL 2    ? 1_555 74.6  ? 
17 O   ? A ARG 60  ? A ARG 59   ? 1_555 CA ? C CA . ? A CA 1113 ? 1_555 O3  ? B GAL .   ? B GAL 2    ? 1_555 142.8 ? 
18 OD2 ? A ASP 61  ? A ASP 60   ? 1_555 CA ? C CA . ? A CA 1113 ? 1_555 O3  ? B GAL .   ? B GAL 2    ? 1_555 142.7 ? 
19 O   ? A HIS 101 ? A HIS 100  ? 1_555 CA ? C CA . ? A CA 1113 ? 1_555 O3  ? B GAL .   ? B GAL 2    ? 1_555 84.0  ? 
20 O   ? E HOH .   ? A HOH 2067 ? 1_555 CA ? C CA . ? A CA 1113 ? 1_555 O3  ? B GAL .   ? B GAL 2    ? 1_555 85.5  ? 
21 O2  ? B GAL .   ? B GAL 2    ? 1_555 CA ? C CA . ? A CA 1113 ? 1_555 O3  ? B GAL .   ? B GAL 2    ? 1_555 68.4  ? 
22 O   ? A ASP 65  ? A ASP 64   ? 1_555 CA ? D CA . ? A CA 1114 ? 1_555 OD1 ? A ASP 65  ? A ASP 64   ? 1_555 78.4  ? 
23 O   ? A ASP 65  ? A ASP 64   ? 1_555 CA ? D CA . ? A CA 1114 ? 1_555 OE1 ? A GLN 75  ? A GLN 74   ? 1_555 84.9  ? 
24 OD1 ? A ASP 65  ? A ASP 64   ? 1_555 CA ? D CA . ? A CA 1114 ? 1_555 OE1 ? A GLN 75  ? A GLN 74   ? 1_555 97.7  ? 
25 O   ? A ASP 65  ? A ASP 64   ? 1_555 CA ? D CA . ? A CA 1114 ? 1_555 OE1 ? A GLU 77  ? A GLU 76   ? 1_555 130.6 ? 
26 OD1 ? A ASP 65  ? A ASP 64   ? 1_555 CA ? D CA . ? A CA 1114 ? 1_555 OE1 ? A GLU 77  ? A GLU 76   ? 1_555 150.6 ? 
27 OE1 ? A GLN 75  ? A GLN 74   ? 1_555 CA ? D CA . ? A CA 1114 ? 1_555 OE1 ? A GLU 77  ? A GLU 76   ? 1_555 90.9  ? 
28 O   ? A ASP 65  ? A ASP 64   ? 1_555 CA ? D CA . ? A CA 1114 ? 1_555 OE2 ? A GLU 77  ? A GLU 76   ? 1_555 79.0  ? 
29 OD1 ? A ASP 65  ? A ASP 64   ? 1_555 CA ? D CA . ? A CA 1114 ? 1_555 OE2 ? A GLU 77  ? A GLU 76   ? 1_555 154.3 ? 
30 OE1 ? A GLN 75  ? A GLN 74   ? 1_555 CA ? D CA . ? A CA 1114 ? 1_555 OE2 ? A GLU 77  ? A GLU 76   ? 1_555 92.3  ? 
31 OE1 ? A GLU 77  ? A GLU 76   ? 1_555 CA ? D CA . ? A CA 1114 ? 1_555 OE2 ? A GLU 77  ? A GLU 76   ? 1_555 51.9  ? 
32 O   ? A ASP 65  ? A ASP 64   ? 1_555 CA ? D CA . ? A CA 1114 ? 1_555 OE2 ? A GLU 98  ? A GLU 97   ? 1_555 91.5  ? 
33 OD1 ? A ASP 65  ? A ASP 64   ? 1_555 CA ? D CA . ? A CA 1114 ? 1_555 OE2 ? A GLU 98  ? A GLU 97   ? 1_555 83.7  ? 
34 OE1 ? A GLN 75  ? A GLN 74   ? 1_555 CA ? D CA . ? A CA 1114 ? 1_555 OE2 ? A GLU 98  ? A GLU 97   ? 1_555 175.8 ? 
35 OE1 ? A GLU 77  ? A GLU 76   ? 1_555 CA ? D CA . ? A CA 1114 ? 1_555 OE2 ? A GLU 98  ? A GLU 97   ? 1_555 89.8  ? 
36 OE2 ? A GLU 77  ? A GLU 76   ? 1_555 CA ? D CA . ? A CA 1114 ? 1_555 OE2 ? A GLU 98  ? A GLU 97   ? 1_555 84.9  ? 
37 O   ? A ASP 65  ? A ASP 64   ? 1_555 CA ? D CA . ? A CA 1114 ? 1_555 O   ? E HOH .   ? A HOH 2084 ? 1_555 151.3 ? 
38 OD1 ? A ASP 65  ? A ASP 64   ? 1_555 CA ? D CA . ? A CA 1114 ? 1_555 O   ? E HOH .   ? A HOH 2084 ? 1_555 78.2  ? 
39 OE1 ? A GLN 75  ? A GLN 74   ? 1_555 CA ? D CA . ? A CA 1114 ? 1_555 O   ? E HOH .   ? A HOH 2084 ? 1_555 82.0  ? 
40 OE1 ? A GLU 77  ? A GLU 76   ? 1_555 CA ? D CA . ? A CA 1114 ? 1_555 O   ? E HOH .   ? A HOH 2084 ? 1_555 75.2  ? 
41 OE2 ? A GLU 77  ? A GLU 76   ? 1_555 CA ? D CA . ? A CA 1114 ? 1_555 O   ? E HOH .   ? A HOH 2084 ? 1_555 126.8 ? 
42 OE2 ? A GLU 98  ? A GLU 97   ? 1_555 CA ? D CA . ? A CA 1114 ? 1_555 O   ? E HOH .   ? A HOH 2084 ? 1_555 102.2 ? 
# 
_pdbx_modification_feature.ordinal                            1 
_pdbx_modification_feature.label_comp_id                      CYS 
_pdbx_modification_feature.label_asym_id                      A 
_pdbx_modification_feature.label_seq_id                       91 
_pdbx_modification_feature.label_alt_id                       ? 
_pdbx_modification_feature.modified_residue_label_comp_id     CYS 
_pdbx_modification_feature.modified_residue_label_asym_id     A 
_pdbx_modification_feature.modified_residue_label_seq_id      102 
_pdbx_modification_feature.modified_residue_label_alt_id      ? 
_pdbx_modification_feature.auth_comp_id                       CYS 
_pdbx_modification_feature.auth_asym_id                       A 
_pdbx_modification_feature.auth_seq_id                        90 
_pdbx_modification_feature.PDB_ins_code                       ? 
_pdbx_modification_feature.symmetry                           1_555 
_pdbx_modification_feature.modified_residue_auth_comp_id      CYS 
_pdbx_modification_feature.modified_residue_auth_asym_id      A 
_pdbx_modification_feature.modified_residue_auth_seq_id       101 
_pdbx_modification_feature.modified_residue_PDB_ins_code      ? 
_pdbx_modification_feature.modified_residue_symmetry          1_555 
_pdbx_modification_feature.comp_id_linking_atom               SG 
_pdbx_modification_feature.modified_residue_id_linking_atom   SG 
_pdbx_modification_feature.modified_residue_id                . 
_pdbx_modification_feature.ref_pcm_id                         . 
_pdbx_modification_feature.ref_comp_id                        . 
_pdbx_modification_feature.type                               None 
_pdbx_modification_feature.category                           'Disulfide bridge' 
# 
loop_
_struct_sheet.id 
_struct_sheet.type 
_struct_sheet.number_strands 
_struct_sheet.details 
AA ? 4 ? 
AB ? 4 ? 
AC ? 2 ? 
AD ? 4 ? 
AE ? 2 ? 
# 
loop_
_struct_sheet_order.sheet_id 
_struct_sheet_order.range_id_1 
_struct_sheet_order.range_id_2 
_struct_sheet_order.offset 
_struct_sheet_order.sense 
AA 1 2 ? anti-parallel 
AA 2 3 ? anti-parallel 
AA 3 4 ? anti-parallel 
AB 1 2 ? anti-parallel 
AB 2 3 ? anti-parallel 
AB 3 4 ? anti-parallel 
AC 1 2 ? anti-parallel 
AD 1 2 ? anti-parallel 
AD 2 3 ? anti-parallel 
AD 3 4 ? anti-parallel 
AE 1 2 ? anti-parallel 
# 
loop_
_struct_sheet_range.sheet_id 
_struct_sheet_range.id 
_struct_sheet_range.beg_label_comp_id 
_struct_sheet_range.beg_label_asym_id 
_struct_sheet_range.beg_label_seq_id 
_struct_sheet_range.pdbx_beg_PDB_ins_code 
_struct_sheet_range.end_label_comp_id 
_struct_sheet_range.end_label_asym_id 
_struct_sheet_range.end_label_seq_id 
_struct_sheet_range.pdbx_end_PDB_ins_code 
_struct_sheet_range.beg_auth_comp_id 
_struct_sheet_range.beg_auth_asym_id 
_struct_sheet_range.beg_auth_seq_id 
_struct_sheet_range.end_auth_comp_id 
_struct_sheet_range.end_auth_asym_id 
_struct_sheet_range.end_auth_seq_id 
AA 1 GLN A 37  ? SER A 42  ? GLN A 36  SER A 41  
AA 2 SER A 4   ? GLY A 11  ? SER A 3   GLY A 10  
AA 3 VAL A 62  ? VAL A 69  ? VAL A 61  VAL A 68  
AA 4 GLN A 72  ? GLN A 75  ? GLN A 71  GLN A 74  
AB 1 GLN A 37  ? SER A 42  ? GLN A 36  SER A 41  
AB 2 SER A 4   ? GLY A 11  ? SER A 3   GLY A 10  
AB 3 VAL A 62  ? VAL A 69  ? VAL A 61  VAL A 68  
AB 4 TRP A 99  ? LEU A 100 ? TRP A 98  LEU A 99  
AC 1 GLN A 72  ? GLN A 75  ? GLN A 71  GLN A 74  
AC 2 VAL A 62  ? VAL A 69  ? VAL A 61  VAL A 68  
AD 1 THR A 25  ? THR A 31  ? THR A 24  THR A 30  
AD 2 SER A 17  ? VAL A 22  ? SER A 16  VAL A 21  
AD 3 GLU A 48  ? PHE A 53  ? GLU A 47  PHE A 52  
AD 4 GLY A 104 ? ASN A 110 ? GLY A 103 ASN A 109 
AE 1 TRP A 86  ? ALA A 87  ? TRP A 85  ALA A 86  
AE 2 GLN A 90  ? CYS A 91  ? GLN A 89  CYS A 90  
# 
loop_
_pdbx_struct_sheet_hbond.sheet_id 
_pdbx_struct_sheet_hbond.range_id_1 
_pdbx_struct_sheet_hbond.range_id_2 
_pdbx_struct_sheet_hbond.range_1_label_atom_id 
_pdbx_struct_sheet_hbond.range_1_label_comp_id 
_pdbx_struct_sheet_hbond.range_1_label_asym_id 
_pdbx_struct_sheet_hbond.range_1_label_seq_id 
_pdbx_struct_sheet_hbond.range_1_PDB_ins_code 
_pdbx_struct_sheet_hbond.range_1_auth_atom_id 
_pdbx_struct_sheet_hbond.range_1_auth_comp_id 
_pdbx_struct_sheet_hbond.range_1_auth_asym_id 
_pdbx_struct_sheet_hbond.range_1_auth_seq_id 
_pdbx_struct_sheet_hbond.range_2_label_atom_id 
_pdbx_struct_sheet_hbond.range_2_label_comp_id 
_pdbx_struct_sheet_hbond.range_2_label_asym_id 
_pdbx_struct_sheet_hbond.range_2_label_seq_id 
_pdbx_struct_sheet_hbond.range_2_PDB_ins_code 
_pdbx_struct_sheet_hbond.range_2_auth_atom_id 
_pdbx_struct_sheet_hbond.range_2_auth_comp_id 
_pdbx_struct_sheet_hbond.range_2_auth_asym_id 
_pdbx_struct_sheet_hbond.range_2_auth_seq_id 
AA 1 2 N ALA A 41 ? N ALA A 40 O ILE A 5   ? O ILE A 4   
AA 2 3 N ARG A 10 ? N ARG A 9  O GLN A 63  ? O GLN A 62  
AA 3 4 N VAL A 69 ? N VAL A 68 O GLN A 72  ? O GLN A 71  
AB 1 2 N ALA A 41 ? N ALA A 40 O ILE A 5   ? O ILE A 4   
AB 2 3 N ARG A 10 ? N ARG A 9  O GLN A 63  ? O GLN A 62  
AB 3 4 N VAL A 62 ? N VAL A 61 O LEU A 100 ? O LEU A 99  
AC 1 2 N ARG A 74 ? N ARG A 73 O ILE A 67  ? O ILE A 66  
AD 1 2 N TRP A 30 ? N TRP A 29 O VAL A 18  ? O VAL A 17  
AD 2 3 N GLN A 21 ? N GLN A 20 O ARG A 50  ? O ARG A 49  
AD 3 4 N PHE A 53 ? N PHE A 52 O GLY A 104 ? O GLY A 103 
AE 1 2 N ALA A 87 ? N ALA A 86 O GLN A 90  ? O GLN A 89  
# 
_pdbx_entry_details.entry_id                   2XFE 
_pdbx_entry_details.compound_details           ? 
_pdbx_entry_details.source_details             ? 
_pdbx_entry_details.nonpolymer_details         ? 
_pdbx_entry_details.sequence_details           ? 
_pdbx_entry_details.has_ligand_of_interest     ? 
_pdbx_entry_details.has_protein_modification   Y 
# 
loop_
_pdbx_validate_close_contact.id 
_pdbx_validate_close_contact.PDB_model_num 
_pdbx_validate_close_contact.auth_atom_id_1 
_pdbx_validate_close_contact.auth_asym_id_1 
_pdbx_validate_close_contact.auth_comp_id_1 
_pdbx_validate_close_contact.auth_seq_id_1 
_pdbx_validate_close_contact.PDB_ins_code_1 
_pdbx_validate_close_contact.label_alt_id_1 
_pdbx_validate_close_contact.auth_atom_id_2 
_pdbx_validate_close_contact.auth_asym_id_2 
_pdbx_validate_close_contact.auth_comp_id_2 
_pdbx_validate_close_contact.auth_seq_id_2 
_pdbx_validate_close_contact.PDB_ins_code_2 
_pdbx_validate_close_contact.label_alt_id_2 
_pdbx_validate_close_contact.dist 
1 1 CB A THR 39   ? ? O A HOH 2046 ? ? 1.99 
2 1 O  A HOH 2011 ? ? O A HOH 2017 ? ? 2.19 
# 
_pdbx_molecule_features.prd_id    PRD_900113 
_pdbx_molecule_features.name      4beta-beta-galactobiose 
_pdbx_molecule_features.type      Oligosaccharide 
_pdbx_molecule_features.class     Metabolism 
_pdbx_molecule_features.details   oligosaccharide 
# 
_pdbx_molecule.instance_id   1 
_pdbx_molecule.prd_id        PRD_900113 
_pdbx_molecule.asym_id       B 
# 
loop_
_pdbx_unobs_or_zero_occ_residues.id 
_pdbx_unobs_or_zero_occ_residues.PDB_model_num 
_pdbx_unobs_or_zero_occ_residues.polymer_flag 
_pdbx_unobs_or_zero_occ_residues.occupancy_flag 
_pdbx_unobs_or_zero_occ_residues.auth_asym_id 
_pdbx_unobs_or_zero_occ_residues.auth_comp_id 
_pdbx_unobs_or_zero_occ_residues.auth_seq_id 
_pdbx_unobs_or_zero_occ_residues.PDB_ins_code 
_pdbx_unobs_or_zero_occ_residues.label_asym_id 
_pdbx_unobs_or_zero_occ_residues.label_comp_id 
_pdbx_unobs_or_zero_occ_residues.label_seq_id 
1 1 Y 1 A MET 0   ? A MET 1   
2 1 Y 1 A SER 1   ? A SER 2   
3 1 Y 1 A SER 111 ? A SER 112 
# 
loop_
_chem_comp_atom.comp_id 
_chem_comp_atom.atom_id 
_chem_comp_atom.type_symbol 
_chem_comp_atom.pdbx_aromatic_flag 
_chem_comp_atom.pdbx_stereo_config 
_chem_comp_atom.pdbx_ordinal 
ALA N    N  N N 1   
ALA CA   C  N S 2   
ALA C    C  N N 3   
ALA O    O  N N 4   
ALA CB   C  N N 5   
ALA OXT  O  N N 6   
ALA H    H  N N 7   
ALA H2   H  N N 8   
ALA HA   H  N N 9   
ALA HB1  H  N N 10  
ALA HB2  H  N N 11  
ALA HB3  H  N N 12  
ALA HXT  H  N N 13  
ARG N    N  N N 14  
ARG CA   C  N S 15  
ARG C    C  N N 16  
ARG O    O  N N 17  
ARG CB   C  N N 18  
ARG CG   C  N N 19  
ARG CD   C  N N 20  
ARG NE   N  N N 21  
ARG CZ   C  N N 22  
ARG NH1  N  N N 23  
ARG NH2  N  N N 24  
ARG OXT  O  N N 25  
ARG H    H  N N 26  
ARG H2   H  N N 27  
ARG HA   H  N N 28  
ARG HB2  H  N N 29  
ARG HB3  H  N N 30  
ARG HG2  H  N N 31  
ARG HG3  H  N N 32  
ARG HD2  H  N N 33  
ARG HD3  H  N N 34  
ARG HE   H  N N 35  
ARG HH11 H  N N 36  
ARG HH12 H  N N 37  
ARG HH21 H  N N 38  
ARG HH22 H  N N 39  
ARG HXT  H  N N 40  
ASN N    N  N N 41  
ASN CA   C  N S 42  
ASN C    C  N N 43  
ASN O    O  N N 44  
ASN CB   C  N N 45  
ASN CG   C  N N 46  
ASN OD1  O  N N 47  
ASN ND2  N  N N 48  
ASN OXT  O  N N 49  
ASN H    H  N N 50  
ASN H2   H  N N 51  
ASN HA   H  N N 52  
ASN HB2  H  N N 53  
ASN HB3  H  N N 54  
ASN HD21 H  N N 55  
ASN HD22 H  N N 56  
ASN HXT  H  N N 57  
ASP N    N  N N 58  
ASP CA   C  N S 59  
ASP C    C  N N 60  
ASP O    O  N N 61  
ASP CB   C  N N 62  
ASP CG   C  N N 63  
ASP OD1  O  N N 64  
ASP OD2  O  N N 65  
ASP OXT  O  N N 66  
ASP H    H  N N 67  
ASP H2   H  N N 68  
ASP HA   H  N N 69  
ASP HB2  H  N N 70  
ASP HB3  H  N N 71  
ASP HD2  H  N N 72  
ASP HXT  H  N N 73  
CA  CA   CA N N 74  
CYS N    N  N N 75  
CYS CA   C  N R 76  
CYS C    C  N N 77  
CYS O    O  N N 78  
CYS CB   C  N N 79  
CYS SG   S  N N 80  
CYS OXT  O  N N 81  
CYS H    H  N N 82  
CYS H2   H  N N 83  
CYS HA   H  N N 84  
CYS HB2  H  N N 85  
CYS HB3  H  N N 86  
CYS HG   H  N N 87  
CYS HXT  H  N N 88  
GAL C1   C  N R 89  
GAL C2   C  N R 90  
GAL C3   C  N S 91  
GAL C4   C  N R 92  
GAL C5   C  N R 93  
GAL C6   C  N N 94  
GAL O1   O  N N 95  
GAL O2   O  N N 96  
GAL O3   O  N N 97  
GAL O4   O  N N 98  
GAL O5   O  N N 99  
GAL O6   O  N N 100 
GAL H1   H  N N 101 
GAL H2   H  N N 102 
GAL H3   H  N N 103 
GAL H4   H  N N 104 
GAL H5   H  N N 105 
GAL H61  H  N N 106 
GAL H62  H  N N 107 
GAL HO1  H  N N 108 
GAL HO2  H  N N 109 
GAL HO3  H  N N 110 
GAL HO4  H  N N 111 
GAL HO6  H  N N 112 
GLN N    N  N N 113 
GLN CA   C  N S 114 
GLN C    C  N N 115 
GLN O    O  N N 116 
GLN CB   C  N N 117 
GLN CG   C  N N 118 
GLN CD   C  N N 119 
GLN OE1  O  N N 120 
GLN NE2  N  N N 121 
GLN OXT  O  N N 122 
GLN H    H  N N 123 
GLN H2   H  N N 124 
GLN HA   H  N N 125 
GLN HB2  H  N N 126 
GLN HB3  H  N N 127 
GLN HG2  H  N N 128 
GLN HG3  H  N N 129 
GLN HE21 H  N N 130 
GLN HE22 H  N N 131 
GLN HXT  H  N N 132 
GLU N    N  N N 133 
GLU CA   C  N S 134 
GLU C    C  N N 135 
GLU O    O  N N 136 
GLU CB   C  N N 137 
GLU CG   C  N N 138 
GLU CD   C  N N 139 
GLU OE1  O  N N 140 
GLU OE2  O  N N 141 
GLU OXT  O  N N 142 
GLU H    H  N N 143 
GLU H2   H  N N 144 
GLU HA   H  N N 145 
GLU HB2  H  N N 146 
GLU HB3  H  N N 147 
GLU HG2  H  N N 148 
GLU HG3  H  N N 149 
GLU HE2  H  N N 150 
GLU HXT  H  N N 151 
GLY N    N  N N 152 
GLY CA   C  N N 153 
GLY C    C  N N 154 
GLY O    O  N N 155 
GLY OXT  O  N N 156 
GLY H    H  N N 157 
GLY H2   H  N N 158 
GLY HA2  H  N N 159 
GLY HA3  H  N N 160 
GLY HXT  H  N N 161 
HIS N    N  N N 162 
HIS CA   C  N S 163 
HIS C    C  N N 164 
HIS O    O  N N 165 
HIS CB   C  N N 166 
HIS CG   C  Y N 167 
HIS ND1  N  Y N 168 
HIS CD2  C  Y N 169 
HIS CE1  C  Y N 170 
HIS NE2  N  Y N 171 
HIS OXT  O  N N 172 
HIS H    H  N N 173 
HIS H2   H  N N 174 
HIS HA   H  N N 175 
HIS HB2  H  N N 176 
HIS HB3  H  N N 177 
HIS HD1  H  N N 178 
HIS HD2  H  N N 179 
HIS HE1  H  N N 180 
HIS HE2  H  N N 181 
HIS HXT  H  N N 182 
HOH O    O  N N 183 
HOH H1   H  N N 184 
HOH H2   H  N N 185 
ILE N    N  N N 186 
ILE CA   C  N S 187 
ILE C    C  N N 188 
ILE O    O  N N 189 
ILE CB   C  N S 190 
ILE CG1  C  N N 191 
ILE CG2  C  N N 192 
ILE CD1  C  N N 193 
ILE OXT  O  N N 194 
ILE H    H  N N 195 
ILE H2   H  N N 196 
ILE HA   H  N N 197 
ILE HB   H  N N 198 
ILE HG12 H  N N 199 
ILE HG13 H  N N 200 
ILE HG21 H  N N 201 
ILE HG22 H  N N 202 
ILE HG23 H  N N 203 
ILE HD11 H  N N 204 
ILE HD12 H  N N 205 
ILE HD13 H  N N 206 
ILE HXT  H  N N 207 
LEU N    N  N N 208 
LEU CA   C  N S 209 
LEU C    C  N N 210 
LEU O    O  N N 211 
LEU CB   C  N N 212 
LEU CG   C  N N 213 
LEU CD1  C  N N 214 
LEU CD2  C  N N 215 
LEU OXT  O  N N 216 
LEU H    H  N N 217 
LEU H2   H  N N 218 
LEU HA   H  N N 219 
LEU HB2  H  N N 220 
LEU HB3  H  N N 221 
LEU HG   H  N N 222 
LEU HD11 H  N N 223 
LEU HD12 H  N N 224 
LEU HD13 H  N N 225 
LEU HD21 H  N N 226 
LEU HD22 H  N N 227 
LEU HD23 H  N N 228 
LEU HXT  H  N N 229 
MET N    N  N N 230 
MET CA   C  N S 231 
MET C    C  N N 232 
MET O    O  N N 233 
MET CB   C  N N 234 
MET CG   C  N N 235 
MET SD   S  N N 236 
MET CE   C  N N 237 
MET OXT  O  N N 238 
MET H    H  N N 239 
MET H2   H  N N 240 
MET HA   H  N N 241 
MET HB2  H  N N 242 
MET HB3  H  N N 243 
MET HG2  H  N N 244 
MET HG3  H  N N 245 
MET HE1  H  N N 246 
MET HE2  H  N N 247 
MET HE3  H  N N 248 
MET HXT  H  N N 249 
PHE N    N  N N 250 
PHE CA   C  N S 251 
PHE C    C  N N 252 
PHE O    O  N N 253 
PHE CB   C  N N 254 
PHE CG   C  Y N 255 
PHE CD1  C  Y N 256 
PHE CD2  C  Y N 257 
PHE CE1  C  Y N 258 
PHE CE2  C  Y N 259 
PHE CZ   C  Y N 260 
PHE OXT  O  N N 261 
PHE H    H  N N 262 
PHE H2   H  N N 263 
PHE HA   H  N N 264 
PHE HB2  H  N N 265 
PHE HB3  H  N N 266 
PHE HD1  H  N N 267 
PHE HD2  H  N N 268 
PHE HE1  H  N N 269 
PHE HE2  H  N N 270 
PHE HZ   H  N N 271 
PHE HXT  H  N N 272 
SER N    N  N N 273 
SER CA   C  N S 274 
SER C    C  N N 275 
SER O    O  N N 276 
SER CB   C  N N 277 
SER OG   O  N N 278 
SER OXT  O  N N 279 
SER H    H  N N 280 
SER H2   H  N N 281 
SER HA   H  N N 282 
SER HB2  H  N N 283 
SER HB3  H  N N 284 
SER HG   H  N N 285 
SER HXT  H  N N 286 
THR N    N  N N 287 
THR CA   C  N S 288 
THR C    C  N N 289 
THR O    O  N N 290 
THR CB   C  N R 291 
THR OG1  O  N N 292 
THR CG2  C  N N 293 
THR OXT  O  N N 294 
THR H    H  N N 295 
THR H2   H  N N 296 
THR HA   H  N N 297 
THR HB   H  N N 298 
THR HG1  H  N N 299 
THR HG21 H  N N 300 
THR HG22 H  N N 301 
THR HG23 H  N N 302 
THR HXT  H  N N 303 
TRP N    N  N N 304 
TRP CA   C  N S 305 
TRP C    C  N N 306 
TRP O    O  N N 307 
TRP CB   C  N N 308 
TRP CG   C  Y N 309 
TRP CD1  C  Y N 310 
TRP CD2  C  Y N 311 
TRP NE1  N  Y N 312 
TRP CE2  C  Y N 313 
TRP CE3  C  Y N 314 
TRP CZ2  C  Y N 315 
TRP CZ3  C  Y N 316 
TRP CH2  C  Y N 317 
TRP OXT  O  N N 318 
TRP H    H  N N 319 
TRP H2   H  N N 320 
TRP HA   H  N N 321 
TRP HB2  H  N N 322 
TRP HB3  H  N N 323 
TRP HD1  H  N N 324 
TRP HE1  H  N N 325 
TRP HE3  H  N N 326 
TRP HZ2  H  N N 327 
TRP HZ3  H  N N 328 
TRP HH2  H  N N 329 
TRP HXT  H  N N 330 
TYR N    N  N N 331 
TYR CA   C  N S 332 
TYR C    C  N N 333 
TYR O    O  N N 334 
TYR CB   C  N N 335 
TYR CG   C  Y N 336 
TYR CD1  C  Y N 337 
TYR CD2  C  Y N 338 
TYR CE1  C  Y N 339 
TYR CE2  C  Y N 340 
TYR CZ   C  Y N 341 
TYR OH   O  N N 342 
TYR OXT  O  N N 343 
TYR H    H  N N 344 
TYR H2   H  N N 345 
TYR HA   H  N N 346 
TYR HB2  H  N N 347 
TYR HB3  H  N N 348 
TYR HD1  H  N N 349 
TYR HD2  H  N N 350 
TYR HE1  H  N N 351 
TYR HE2  H  N N 352 
TYR HH   H  N N 353 
TYR HXT  H  N N 354 
VAL N    N  N N 355 
VAL CA   C  N S 356 
VAL C    C  N N 357 
VAL O    O  N N 358 
VAL CB   C  N N 359 
VAL CG1  C  N N 360 
VAL CG2  C  N N 361 
VAL OXT  O  N N 362 
VAL H    H  N N 363 
VAL H2   H  N N 364 
VAL HA   H  N N 365 
VAL HB   H  N N 366 
VAL HG11 H  N N 367 
VAL HG12 H  N N 368 
VAL HG13 H  N N 369 
VAL HG21 H  N N 370 
VAL HG22 H  N N 371 
VAL HG23 H  N N 372 
VAL HXT  H  N N 373 
# 
loop_
_chem_comp_bond.comp_id 
_chem_comp_bond.atom_id_1 
_chem_comp_bond.atom_id_2 
_chem_comp_bond.value_order 
_chem_comp_bond.pdbx_aromatic_flag 
_chem_comp_bond.pdbx_stereo_config 
_chem_comp_bond.pdbx_ordinal 
ALA N   CA   sing N N 1   
ALA N   H    sing N N 2   
ALA N   H2   sing N N 3   
ALA CA  C    sing N N 4   
ALA CA  CB   sing N N 5   
ALA CA  HA   sing N N 6   
ALA C   O    doub N N 7   
ALA C   OXT  sing N N 8   
ALA CB  HB1  sing N N 9   
ALA CB  HB2  sing N N 10  
ALA CB  HB3  sing N N 11  
ALA OXT HXT  sing N N 12  
ARG N   CA   sing N N 13  
ARG N   H    sing N N 14  
ARG N   H2   sing N N 15  
ARG CA  C    sing N N 16  
ARG CA  CB   sing N N 17  
ARG CA  HA   sing N N 18  
ARG C   O    doub N N 19  
ARG C   OXT  sing N N 20  
ARG CB  CG   sing N N 21  
ARG CB  HB2  sing N N 22  
ARG CB  HB3  sing N N 23  
ARG CG  CD   sing N N 24  
ARG CG  HG2  sing N N 25  
ARG CG  HG3  sing N N 26  
ARG CD  NE   sing N N 27  
ARG CD  HD2  sing N N 28  
ARG CD  HD3  sing N N 29  
ARG NE  CZ   sing N N 30  
ARG NE  HE   sing N N 31  
ARG CZ  NH1  sing N N 32  
ARG CZ  NH2  doub N N 33  
ARG NH1 HH11 sing N N 34  
ARG NH1 HH12 sing N N 35  
ARG NH2 HH21 sing N N 36  
ARG NH2 HH22 sing N N 37  
ARG OXT HXT  sing N N 38  
ASN N   CA   sing N N 39  
ASN N   H    sing N N 40  
ASN N   H2   sing N N 41  
ASN CA  C    sing N N 42  
ASN CA  CB   sing N N 43  
ASN CA  HA   sing N N 44  
ASN C   O    doub N N 45  
ASN C   OXT  sing N N 46  
ASN CB  CG   sing N N 47  
ASN CB  HB2  sing N N 48  
ASN CB  HB3  sing N N 49  
ASN CG  OD1  doub N N 50  
ASN CG  ND2  sing N N 51  
ASN ND2 HD21 sing N N 52  
ASN ND2 HD22 sing N N 53  
ASN OXT HXT  sing N N 54  
ASP N   CA   sing N N 55  
ASP N   H    sing N N 56  
ASP N   H2   sing N N 57  
ASP CA  C    sing N N 58  
ASP CA  CB   sing N N 59  
ASP CA  HA   sing N N 60  
ASP C   O    doub N N 61  
ASP C   OXT  sing N N 62  
ASP CB  CG   sing N N 63  
ASP CB  HB2  sing N N 64  
ASP CB  HB3  sing N N 65  
ASP CG  OD1  doub N N 66  
ASP CG  OD2  sing N N 67  
ASP OD2 HD2  sing N N 68  
ASP OXT HXT  sing N N 69  
CYS N   CA   sing N N 70  
CYS N   H    sing N N 71  
CYS N   H2   sing N N 72  
CYS CA  C    sing N N 73  
CYS CA  CB   sing N N 74  
CYS CA  HA   sing N N 75  
CYS C   O    doub N N 76  
CYS C   OXT  sing N N 77  
CYS CB  SG   sing N N 78  
CYS CB  HB2  sing N N 79  
CYS CB  HB3  sing N N 80  
CYS SG  HG   sing N N 81  
CYS OXT HXT  sing N N 82  
GAL C1  C2   sing N N 83  
GAL C1  O1   sing N N 84  
GAL C1  O5   sing N N 85  
GAL C1  H1   sing N N 86  
GAL C2  C3   sing N N 87  
GAL C2  O2   sing N N 88  
GAL C2  H2   sing N N 89  
GAL C3  C4   sing N N 90  
GAL C3  O3   sing N N 91  
GAL C3  H3   sing N N 92  
GAL C4  C5   sing N N 93  
GAL C4  O4   sing N N 94  
GAL C4  H4   sing N N 95  
GAL C5  C6   sing N N 96  
GAL C5  O5   sing N N 97  
GAL C5  H5   sing N N 98  
GAL C6  O6   sing N N 99  
GAL C6  H61  sing N N 100 
GAL C6  H62  sing N N 101 
GAL O1  HO1  sing N N 102 
GAL O2  HO2  sing N N 103 
GAL O3  HO3  sing N N 104 
GAL O4  HO4  sing N N 105 
GAL O6  HO6  sing N N 106 
GLN N   CA   sing N N 107 
GLN N   H    sing N N 108 
GLN N   H2   sing N N 109 
GLN CA  C    sing N N 110 
GLN CA  CB   sing N N 111 
GLN CA  HA   sing N N 112 
GLN C   O    doub N N 113 
GLN C   OXT  sing N N 114 
GLN CB  CG   sing N N 115 
GLN CB  HB2  sing N N 116 
GLN CB  HB3  sing N N 117 
GLN CG  CD   sing N N 118 
GLN CG  HG2  sing N N 119 
GLN CG  HG3  sing N N 120 
GLN CD  OE1  doub N N 121 
GLN CD  NE2  sing N N 122 
GLN NE2 HE21 sing N N 123 
GLN NE2 HE22 sing N N 124 
GLN OXT HXT  sing N N 125 
GLU N   CA   sing N N 126 
GLU N   H    sing N N 127 
GLU N   H2   sing N N 128 
GLU CA  C    sing N N 129 
GLU CA  CB   sing N N 130 
GLU CA  HA   sing N N 131 
GLU C   O    doub N N 132 
GLU C   OXT  sing N N 133 
GLU CB  CG   sing N N 134 
GLU CB  HB2  sing N N 135 
GLU CB  HB3  sing N N 136 
GLU CG  CD   sing N N 137 
GLU CG  HG2  sing N N 138 
GLU CG  HG3  sing N N 139 
GLU CD  OE1  doub N N 140 
GLU CD  OE2  sing N N 141 
GLU OE2 HE2  sing N N 142 
GLU OXT HXT  sing N N 143 
GLY N   CA   sing N N 144 
GLY N   H    sing N N 145 
GLY N   H2   sing N N 146 
GLY CA  C    sing N N 147 
GLY CA  HA2  sing N N 148 
GLY CA  HA3  sing N N 149 
GLY C   O    doub N N 150 
GLY C   OXT  sing N N 151 
GLY OXT HXT  sing N N 152 
HIS N   CA   sing N N 153 
HIS N   H    sing N N 154 
HIS N   H2   sing N N 155 
HIS CA  C    sing N N 156 
HIS CA  CB   sing N N 157 
HIS CA  HA   sing N N 158 
HIS C   O    doub N N 159 
HIS C   OXT  sing N N 160 
HIS CB  CG   sing N N 161 
HIS CB  HB2  sing N N 162 
HIS CB  HB3  sing N N 163 
HIS CG  ND1  sing Y N 164 
HIS CG  CD2  doub Y N 165 
HIS ND1 CE1  doub Y N 166 
HIS ND1 HD1  sing N N 167 
HIS CD2 NE2  sing Y N 168 
HIS CD2 HD2  sing N N 169 
HIS CE1 NE2  sing Y N 170 
HIS CE1 HE1  sing N N 171 
HIS NE2 HE2  sing N N 172 
HIS OXT HXT  sing N N 173 
HOH O   H1   sing N N 174 
HOH O   H2   sing N N 175 
ILE N   CA   sing N N 176 
ILE N   H    sing N N 177 
ILE N   H2   sing N N 178 
ILE CA  C    sing N N 179 
ILE CA  CB   sing N N 180 
ILE CA  HA   sing N N 181 
ILE C   O    doub N N 182 
ILE C   OXT  sing N N 183 
ILE CB  CG1  sing N N 184 
ILE CB  CG2  sing N N 185 
ILE CB  HB   sing N N 186 
ILE CG1 CD1  sing N N 187 
ILE CG1 HG12 sing N N 188 
ILE CG1 HG13 sing N N 189 
ILE CG2 HG21 sing N N 190 
ILE CG2 HG22 sing N N 191 
ILE CG2 HG23 sing N N 192 
ILE CD1 HD11 sing N N 193 
ILE CD1 HD12 sing N N 194 
ILE CD1 HD13 sing N N 195 
ILE OXT HXT  sing N N 196 
LEU N   CA   sing N N 197 
LEU N   H    sing N N 198 
LEU N   H2   sing N N 199 
LEU CA  C    sing N N 200 
LEU CA  CB   sing N N 201 
LEU CA  HA   sing N N 202 
LEU C   O    doub N N 203 
LEU C   OXT  sing N N 204 
LEU CB  CG   sing N N 205 
LEU CB  HB2  sing N N 206 
LEU CB  HB3  sing N N 207 
LEU CG  CD1  sing N N 208 
LEU CG  CD2  sing N N 209 
LEU CG  HG   sing N N 210 
LEU CD1 HD11 sing N N 211 
LEU CD1 HD12 sing N N 212 
LEU CD1 HD13 sing N N 213 
LEU CD2 HD21 sing N N 214 
LEU CD2 HD22 sing N N 215 
LEU CD2 HD23 sing N N 216 
LEU OXT HXT  sing N N 217 
MET N   CA   sing N N 218 
MET N   H    sing N N 219 
MET N   H2   sing N N 220 
MET CA  C    sing N N 221 
MET CA  CB   sing N N 222 
MET CA  HA   sing N N 223 
MET C   O    doub N N 224 
MET C   OXT  sing N N 225 
MET CB  CG   sing N N 226 
MET CB  HB2  sing N N 227 
MET CB  HB3  sing N N 228 
MET CG  SD   sing N N 229 
MET CG  HG2  sing N N 230 
MET CG  HG3  sing N N 231 
MET SD  CE   sing N N 232 
MET CE  HE1  sing N N 233 
MET CE  HE2  sing N N 234 
MET CE  HE3  sing N N 235 
MET OXT HXT  sing N N 236 
PHE N   CA   sing N N 237 
PHE N   H    sing N N 238 
PHE N   H2   sing N N 239 
PHE CA  C    sing N N 240 
PHE CA  CB   sing N N 241 
PHE CA  HA   sing N N 242 
PHE C   O    doub N N 243 
PHE C   OXT  sing N N 244 
PHE CB  CG   sing N N 245 
PHE CB  HB2  sing N N 246 
PHE CB  HB3  sing N N 247 
PHE CG  CD1  doub Y N 248 
PHE CG  CD2  sing Y N 249 
PHE CD1 CE1  sing Y N 250 
PHE CD1 HD1  sing N N 251 
PHE CD2 CE2  doub Y N 252 
PHE CD2 HD2  sing N N 253 
PHE CE1 CZ   doub Y N 254 
PHE CE1 HE1  sing N N 255 
PHE CE2 CZ   sing Y N 256 
PHE CE2 HE2  sing N N 257 
PHE CZ  HZ   sing N N 258 
PHE OXT HXT  sing N N 259 
SER N   CA   sing N N 260 
SER N   H    sing N N 261 
SER N   H2   sing N N 262 
SER CA  C    sing N N 263 
SER CA  CB   sing N N 264 
SER CA  HA   sing N N 265 
SER C   O    doub N N 266 
SER C   OXT  sing N N 267 
SER CB  OG   sing N N 268 
SER CB  HB2  sing N N 269 
SER CB  HB3  sing N N 270 
SER OG  HG   sing N N 271 
SER OXT HXT  sing N N 272 
THR N   CA   sing N N 273 
THR N   H    sing N N 274 
THR N   H2   sing N N 275 
THR CA  C    sing N N 276 
THR CA  CB   sing N N 277 
THR CA  HA   sing N N 278 
THR C   O    doub N N 279 
THR C   OXT  sing N N 280 
THR CB  OG1  sing N N 281 
THR CB  CG2  sing N N 282 
THR CB  HB   sing N N 283 
THR OG1 HG1  sing N N 284 
THR CG2 HG21 sing N N 285 
THR CG2 HG22 sing N N 286 
THR CG2 HG23 sing N N 287 
THR OXT HXT  sing N N 288 
TRP N   CA   sing N N 289 
TRP N   H    sing N N 290 
TRP N   H2   sing N N 291 
TRP CA  C    sing N N 292 
TRP CA  CB   sing N N 293 
TRP CA  HA   sing N N 294 
TRP C   O    doub N N 295 
TRP C   OXT  sing N N 296 
TRP CB  CG   sing N N 297 
TRP CB  HB2  sing N N 298 
TRP CB  HB3  sing N N 299 
TRP CG  CD1  doub Y N 300 
TRP CG  CD2  sing Y N 301 
TRP CD1 NE1  sing Y N 302 
TRP CD1 HD1  sing N N 303 
TRP CD2 CE2  doub Y N 304 
TRP CD2 CE3  sing Y N 305 
TRP NE1 CE2  sing Y N 306 
TRP NE1 HE1  sing N N 307 
TRP CE2 CZ2  sing Y N 308 
TRP CE3 CZ3  doub Y N 309 
TRP CE3 HE3  sing N N 310 
TRP CZ2 CH2  doub Y N 311 
TRP CZ2 HZ2  sing N N 312 
TRP CZ3 CH2  sing Y N 313 
TRP CZ3 HZ3  sing N N 314 
TRP CH2 HH2  sing N N 315 
TRP OXT HXT  sing N N 316 
TYR N   CA   sing N N 317 
TYR N   H    sing N N 318 
TYR N   H2   sing N N 319 
TYR CA  C    sing N N 320 
TYR CA  CB   sing N N 321 
TYR CA  HA   sing N N 322 
TYR C   O    doub N N 323 
TYR C   OXT  sing N N 324 
TYR CB  CG   sing N N 325 
TYR CB  HB2  sing N N 326 
TYR CB  HB3  sing N N 327 
TYR CG  CD1  doub Y N 328 
TYR CG  CD2  sing Y N 329 
TYR CD1 CE1  sing Y N 330 
TYR CD1 HD1  sing N N 331 
TYR CD2 CE2  doub Y N 332 
TYR CD2 HD2  sing N N 333 
TYR CE1 CZ   doub Y N 334 
TYR CE1 HE1  sing N N 335 
TYR CE2 CZ   sing Y N 336 
TYR CE2 HE2  sing N N 337 
TYR CZ  OH   sing N N 338 
TYR OH  HH   sing N N 339 
TYR OXT HXT  sing N N 340 
VAL N   CA   sing N N 341 
VAL N   H    sing N N 342 
VAL N   H2   sing N N 343 
VAL CA  C    sing N N 344 
VAL CA  CB   sing N N 345 
VAL CA  HA   sing N N 346 
VAL C   O    doub N N 347 
VAL C   OXT  sing N N 348 
VAL CB  CG1  sing N N 349 
VAL CB  CG2  sing N N 350 
VAL CB  HB   sing N N 351 
VAL CG1 HG11 sing N N 352 
VAL CG1 HG12 sing N N 353 
VAL CG1 HG13 sing N N 354 
VAL CG2 HG21 sing N N 355 
VAL CG2 HG22 sing N N 356 
VAL CG2 HG23 sing N N 357 
VAL OXT HXT  sing N N 358 
# 
loop_
_pdbx_entity_branch_list.entity_id 
_pdbx_entity_branch_list.comp_id 
_pdbx_entity_branch_list.num 
_pdbx_entity_branch_list.hetero 
2 GAL 1 n 
2 GAL 2 n 
# 
_pdbx_initial_refinement_model.accession_code   ? 
_pdbx_initial_refinement_model.id               1 
_pdbx_initial_refinement_model.entity_id_list   ? 
_pdbx_initial_refinement_model.type             other 
_pdbx_initial_refinement_model.source_name      ? 
_pdbx_initial_refinement_model.details          APO-VCBM60 
# 
_atom_sites.entry_id                    2XFE 
_atom_sites.fract_transf_matrix[1][1]   0.01574192 
_atom_sites.fract_transf_matrix[1][2]   0.01160766 
_atom_sites.fract_transf_matrix[1][3]   0.02689639 
_atom_sites.fract_transf_matrix[2][1]   0.01755892 
_atom_sites.fract_transf_matrix[2][2]   -0.00666065 
_atom_sites.fract_transf_matrix[2][3]   -0.00740235 
_atom_sites.fract_transf_matrix[3][1]   0.00253963 
_atom_sites.fract_transf_matrix[3][2]   0.01604031 
_atom_sites.fract_transf_matrix[3][3]   -0.00840891 
_atom_sites.fract_transf_vector[1]      0.275051 
_atom_sites.fract_transf_vector[2]      -0.034400 
_atom_sites.fract_transf_vector[3]      -0.124816 
# 
loop_
_atom_type.symbol 
C  
CA 
N  
O  
S  
# 
loop_
_atom_site.group_PDB 
_atom_site.id 
_atom_site.type_symbol 
_atom_site.label_atom_id 
_atom_site.label_alt_id 
_atom_site.label_comp_id 
_atom_site.label_asym_id 
_atom_site.label_entity_id 
_atom_site.label_seq_id 
_atom_site.pdbx_PDB_ins_code 
_atom_site.Cartn_x 
_atom_site.Cartn_y 
_atom_site.Cartn_z 
_atom_site.occupancy 
_atom_site.B_iso_or_equiv 
_atom_site.pdbx_formal_charge 
_atom_site.auth_seq_id 
_atom_site.auth_comp_id 
_atom_site.auth_asym_id 
_atom_site.auth_atom_id 
_atom_site.pdbx_PDB_model_num 
ATOM   1   N  N   . ASN A 1 3   ? -13.299 -12.302 -3.336  1.00 11.47 ? 2    ASN A N   1 
ATOM   2   C  CA  . ASN A 1 3   ? -12.890 -10.842 -3.342  1.00 11.24 ? 2    ASN A CA  1 
ATOM   3   C  C   . ASN A 1 3   ? -11.444 -10.700 -3.858  1.00 11.51 ? 2    ASN A C   1 
ATOM   4   O  O   . ASN A 1 3   ? -10.499 -10.982 -3.120  1.00 12.29 ? 2    ASN A O   1 
ATOM   5   C  CB  . ASN A 1 3   ? -12.994 -10.135 -1.987  1.00 11.72 ? 2    ASN A CB  1 
ATOM   6   C  CG  . ASN A 1 3   ? -14.395 -9.759  -1.578  1.00 14.52 ? 2    ASN A CG  1 
ATOM   7   O  OD1 . ASN A 1 3   ? -14.692 -9.620  -0.363  1.00 16.26 ? 2    ASN A OD1 1 
ATOM   8   N  ND2 . ASN A 1 3   ? -15.252 -9.595  -2.550  1.00 9.47  ? 2    ASN A ND2 1 
ATOM   9   N  N   . SER A 1 4   ? -11.287 -10.253 -5.096  1.00 11.63 ? 3    SER A N   1 
ATOM   10  C  CA  . SER A 1 4   ? -9.973  -10.073 -5.696  1.00 12.15 ? 3    SER A CA  1 
ATOM   11  C  C   . SER A 1 4   ? -9.452  -8.685  -5.548  1.00 10.58 ? 3    SER A C   1 
ATOM   12  O  O   . SER A 1 4   ? -10.148 -7.668  -5.793  1.00 10.39 ? 3    SER A O   1 
ATOM   13  C  CB  . SER A 1 4   ? -10.002 -10.339 -7.183  1.00 13.20 ? 3    SER A CB  1 
ATOM   14  O  OG  . SER A 1 4   ? -10.805 -11.461 -7.380  1.00 22.14 ? 3    SER A OG  1 
ATOM   15  N  N   . ILE A 1 5   ? -8.212  -8.641  -5.127  1.00 9.48  ? 4    ILE A N   1 
ATOM   16  C  CA  . ILE A 1 5   ? -7.532  -7.391  -4.895  1.00 8.62  ? 4    ILE A CA  1 
ATOM   17  C  C   . ILE A 1 5   ? -6.161  -7.424  -5.572  1.00 9.16  ? 4    ILE A C   1 
ATOM   18  O  O   . ILE A 1 5   ? -5.311  -8.276  -5.262  1.00 8.65  ? 4    ILE A O   1 
ATOM   19  C  CB  . ILE A 1 5   ? -7.312  -7.091  -3.476  1.00 10.45 ? 4    ILE A CB  1 
ATOM   20  C  CG1 . ILE A 1 5   ? -8.640  -7.070  -2.702  1.00 10.45 ? 4    ILE A CG1 1 
ATOM   21  C  CG2 . ILE A 1 5   ? -6.545  -5.744  -3.363  1.00 8.70  ? 4    ILE A CG2 1 
ATOM   22  C  CD1 . ILE A 1 5   ? -8.480  -7.007  -1.195  1.00 13.47 ? 4    ILE A CD1 1 
ATOM   23  N  N   . THR A 1 6   ? -5.986  -6.512  -6.524  1.00 8.35  ? 5    THR A N   1 
ATOM   24  C  CA  . THR A 1 6   ? -4.715  -6.304  -7.216  1.00 8.10  ? 5    THR A CA  1 
ATOM   25  C  C   . THR A 1 6   ? -4.072  -5.005  -6.730  1.00 7.34  ? 5    THR A C   1 
ATOM   26  O  O   . THR A 1 6   ? -4.715  -3.964  -6.654  1.00 7.81  ? 5    THR A O   1 
ATOM   27  C  CB  . THR A 1 6   ? -4.881  -6.226  -8.709  1.00 9.66  ? 5    THR A CB  1 
ATOM   28  O  OG1 . THR A 1 6   ? -5.330  -7.490  -9.153  1.00 11.52 ? 5    THR A OG1 1 
ATOM   29  C  CG2 . THR A 1 6   ? -3.536  -5.934  -9.410  1.00 10.37 ? 5    THR A CG2 1 
ATOM   30  N  N   . VAL A 1 7   ? -2.810  -5.107  -6.364  1.00 6.17  ? 6    VAL A N   1 
ATOM   31  C  CA  . VAL A 1 7   ? -2.017  -3.962  -5.875  1.00 7.92  ? 6    VAL A CA  1 
ATOM   32  C  C   . VAL A 1 7   ? -0.937  -3.649  -6.922  1.00 6.38  ? 6    VAL A C   1 
ATOM   33  O  O   . VAL A 1 7   ? -0.173  -4.549  -7.307  1.00 7.81  ? 6    VAL A O   1 
ATOM   34  C  CB  . VAL A 1 7   ? -1.333  -4.242  -4.521  1.00 8.02  ? 6    VAL A CB  1 
ATOM   35  C  CG1 . VAL A 1 7   ? -0.515  -2.999  -4.068  1.00 7.59  ? 6    VAL A CG1 1 
ATOM   36  C  CG2 . VAL A 1 7   ? -2.315  -4.630  -3.431  1.00 9.43  ? 6    VAL A CG2 1 
ATOM   37  N  N   . ARG A 1 8   ? -0.911  -2.440  -7.407  1.00 6.46  ? 7    ARG A N   1 
ATOM   38  C  CA  . ARG A 1 8   ? 0.105   -1.986  -8.378  1.00 7.96  ? 7    ARG A CA  1 
ATOM   39  C  C   . ARG A 1 8   ? 1.088   -1.070  -7.632  1.00 7.34  ? 7    ARG A C   1 
ATOM   40  O  O   . ARG A 1 8   ? 0.739   0.005   -7.145  1.00 6.14  ? 7    ARG A O   1 
ATOM   41  C  CB  . ARG A 1 8   ? -0.523  -1.258  -9.540  1.00 8.65  ? 7    ARG A CB  1 
ATOM   42  C  CG  . ARG A 1 8   ? 0.585   -0.761  -10.484 1.00 11.46 ? 7    ARG A CG  1 
ATOM   43  C  CD  . ARG A 1 8   ? 0.232   -1.067  -11.882 1.00 18.73 ? 7    ARG A CD  1 
ATOM   44  N  NE  . ARG A 1 8   ? 1.272   -0.731  -12.885 1.00 14.79 ? 7    ARG A NE  1 
ATOM   45  C  CZ  . ARG A 1 8   ? 1.836   -1.628  -13.647 1.00 15.57 ? 7    ARG A CZ  1 
ATOM   46  N  NH1 . ARG A 1 8   ? 2.716   -1.232  -14.561 1.00 14.59 ? 7    ARG A NH1 1 
ATOM   47  N  NH2 . ARG A 1 8   ? 1.501   -2.892  -13.546 1.00 17.36 ? 7    ARG A NH2 1 
ATOM   48  N  N   . ALA A 1 9   ? 2.341   -1.537  -7.517  1.00 6.89  ? 8    ALA A N   1 
ATOM   49  C  CA  . ALA A 1 9   ? 3.315   -0.928  -6.609  1.00 6.75  ? 8    ALA A CA  1 
ATOM   50  C  C   . ALA A 1 9   ? 4.749   -1.222  -6.997  1.00 6.02  ? 8    ALA A C   1 
ATOM   51  O  O   . ALA A 1 9   ? 5.038   -2.178  -7.768  1.00 7.48  ? 8    ALA A O   1 
ATOM   52  C  CB  . ALA A 1 9   ? 3.085   -1.351  -5.164  1.00 8.55  ? 8    ALA A CB  1 
ATOM   53  N  N   . ARG A 1 10  ? 5.657   -0.386  -6.488  1.00 6.11  ? 9    ARG A N   1 
ATOM   54  C  CA  . ARG A 1 10  ? 7.101   -0.542  -6.709  1.00 6.61  ? 9    ARG A CA  1 
ATOM   55  C  C   . ARG A 1 10  ? 7.844   -0.014  -5.454  1.00 6.99  ? 9    ARG A C   1 
ATOM   56  O  O   . ARG A 1 10  ? 7.285   0.715   -4.646  1.00 5.66  ? 9    ARG A O   1 
ATOM   57  C  CB  . ARG A 1 10  ? 7.524   0.272   -7.889  1.00 7.66  ? 9    ARG A CB  1 
ATOM   58  C  CG  . ARG A 1 10  ? 7.550   1.720   -7.599  1.00 11.54 ? 9    ARG A CG  1 
ATOM   59  C  CD  . ARG A 1 10  ? 8.958   2.360   -7.798  1.00 16.12 ? 9    ARG A CD  1 
ATOM   60  N  NE  . ARG A 1 10  ? 8.609   3.530   -8.530  1.00 24.71 ? 9    ARG A NE  1 
ATOM   61  C  CZ  . ARG A 1 10  ? 8.512   3.590   -9.826  1.00 27.52 ? 9    ARG A CZ  1 
ATOM   62  N  NH1 . ARG A 1 10  ? 8.029   4.701   -10.352 1.00 30.60 ? 9    ARG A NH1 1 
ATOM   63  N  NH2 . ARG A 1 10  ? 8.895   2.564   -10.594 1.00 28.92 ? 9    ARG A NH2 1 
ATOM   64  N  N   . GLY A 1 11  ? 9.079   -0.462  -5.282  1.00 7.62  ? 10   GLY A N   1 
ATOM   65  C  CA  . GLY A 1 11  ? 9.995   0.124   -4.340  1.00 7.38  ? 10   GLY A CA  1 
ATOM   66  C  C   . GLY A 1 11  ? 11.106  0.929   -5.070  1.00 8.46  ? 10   GLY A C   1 
ATOM   67  O  O   . GLY A 1 11  ? 11.276  0.919   -6.279  1.00 8.79  ? 10   GLY A O   1 
ATOM   68  N  N   . VAL A 1 12  ? 11.862  1.651   -4.279  1.00 9.15  ? 11   VAL A N   1 
ATOM   69  C  CA  . VAL A 1 12  ? 13.052  2.390   -4.745  1.00 9.50  ? 11   VAL A CA  1 
ATOM   70  C  C   . VAL A 1 12  ? 14.259  1.442   -4.846  1.00 9.17  ? 11   VAL A C   1 
ATOM   71  O  O   . VAL A 1 12  ? 15.071  1.541   -5.791  1.00 10.21 ? 11   VAL A O   1 
ATOM   72  C  CB  . VAL A 1 12  ? 13.284  3.575   -3.749  1.00 9.78  ? 11   VAL A CB  1 
ATOM   73  C  CG1 . VAL A 1 12  ? 14.710  4.072   -3.865  1.00 12.74 ? 11   VAL A CG1 1 
ATOM   74  C  CG2 . VAL A 1 12  ? 12.215  4.651   -3.970  1.00 8.98  ? 11   VAL A CG2 1 
ATOM   75  N  N   . ASN A 1 13  ? 14.391  0.448   -3.974  1.00 10.04 ? 12   ASN A N   1 
ATOM   76  C  CA  . ASN A 1 13  ? 15.555  -0.416  -4.095  1.00 10.73 ? 12   ASN A CA  1 
ATOM   77  C  C   . ASN A 1 13  ? 15.273  -1.864  -4.283  1.00 10.93 ? 12   ASN A C   1 
ATOM   78  O  O   . ASN A 1 13  ? 16.168  -2.624  -4.488  1.00 11.90 ? 12   ASN A O   1 
ATOM   79  C  CB  . ASN A 1 13  ? 16.577  -0.174  -2.978  1.00 11.67 ? 12   ASN A CB  1 
ATOM   80  C  CG  . ASN A 1 13  ? 16.296  -0.864  -1.689  1.00 13.98 ? 12   ASN A CG  1 
ATOM   81  O  OD1 . ASN A 1 13  ? 15.313  -1.543  -1.508  1.00 11.74 ? 12   ASN A OD1 1 
ATOM   82  N  ND2 . ASN A 1 13  ? 17.158  -0.579  -0.701  1.00 12.24 ? 12   ASN A ND2 1 
ATOM   83  N  N   . GLY A 1 14  ? 14.001  -2.230  -4.236  1.00 9.58  ? 13   GLY A N   1 
ATOM   84  C  CA  . GLY A 1 14  ? 13.602  -3.597  -4.415  1.00 10.76 ? 13   GLY A CA  1 
ATOM   85  C  C   . GLY A 1 14  ? 13.784  -4.571  -3.285  1.00 10.18 ? 13   GLY A C   1 
ATOM   86  O  O   . GLY A 1 14  ? 13.706  -5.794  -3.529  1.00 11.69 ? 13   GLY A O   1 
ATOM   87  N  N   . GLN A 1 15  ? 13.943  -4.063  -2.063  1.00 8.67  ? 14   GLN A N   1 
ATOM   88  C  CA  . GLN A 1 15  ? 13.916  -4.855  -0.844  1.00 9.58  ? 14   GLN A CA  1 
ATOM   89  C  C   . GLN A 1 15  ? 12.633  -4.636  -0.071  1.00 8.14  ? 14   GLN A C   1 
ATOM   90  O  O   . GLN A 1 15  ? 12.381  -5.268  0.944   1.00 7.25  ? 14   GLN A O   1 
ATOM   91  C  CB  . GLN A 1 15  ? 15.066  -4.401  0.058   1.00 9.78  ? 14   GLN A CB  1 
ATOM   92  C  CG  . GLN A 1 15  ? 16.470  -4.704  -0.547  1.00 13.72 ? 14   GLN A CG  1 
ATOM   93  C  CD  . GLN A 1 15  ? 17.617  -4.165  0.280   1.00 14.03 ? 14   GLN A CD  1 
ATOM   94  O  OE1 . GLN A 1 15  ? 18.794  -4.357  -0.068  1.00 17.54 ? 14   GLN A OE1 1 
ATOM   95  N  NE2 . GLN A 1 15  ? 17.309  -3.421  1.273   1.00 9.57  ? 14   GLN A NE2 1 
ATOM   96  N  N   . GLU A 1 16  ? 11.822  -3.681  -0.541  1.00 7.37  ? 15   GLU A N   1 
ATOM   97  C  CA  . GLU A 1 16  ? 10.680  -3.193  0.225   1.00 6.47  ? 15   GLU A CA  1 
ATOM   98  C  C   . GLU A 1 16  ? 9.598   -4.259  0.312   1.00 5.97  ? 15   GLU A C   1 
ATOM   99  O  O   . GLU A 1 16  ? 9.343   -4.955  -0.636  1.00 6.66  ? 15   GLU A O   1 
ATOM   100 C  CB  . GLU A 1 16  ? 10.103  -1.899  -0.404  1.00 5.61  ? 15   GLU A CB  1 
ATOM   101 C  CG  . GLU A 1 16  ? 11.004  -0.685  -0.342  1.00 7.46  ? 15   GLU A CG  1 
ATOM   102 C  CD  . GLU A 1 16  ? 11.991  -0.520  -1.521  1.00 6.59  ? 15   GLU A CD  1 
ATOM   103 O  OE1 . GLU A 1 16  ? 12.087  -1.415  -2.406  1.00 7.74  ? 15   GLU A OE1 1 
ATOM   104 O  OE2 . GLU A 1 16  ? 12.620  0.523   -1.544  1.00 6.87  ? 15   GLU A OE2 1 
ATOM   105 N  N   . SER A 1 17  ? 9.014   -4.373  1.492   1.00 5.54  ? 16   SER A N   1 
ATOM   106 C  CA  . SER A 1 17  ? 7.984   -5.337  1.789   1.00 7.16  ? 16   SER A CA  1 
ATOM   107 C  C   . SER A 1 17  ? 6.678   -4.605  2.122   1.00 6.88  ? 16   SER A C   1 
ATOM   108 O  O   . SER A 1 17  ? 6.646   -3.653  2.919   1.00 6.05  ? 16   SER A O   1 
ATOM   109 C  CB  . SER A 1 17  ? 8.369   -6.285  2.930   1.00 8.84  ? 16   SER A CB  1 
ATOM   110 O  OG  . SER A 1 17  ? 7.362   -7.262  3.175   1.00 8.90  ? 16   SER A OG  1 
ATOM   111 N  N   . VAL A 1 18  ? 5.601   -5.067  1.458   1.00 6.86  ? 17   VAL A N   1 
ATOM   112 C  CA  . VAL A 1 18  ? 4.287   -4.588  1.749   1.00 7.49  ? 17   VAL A CA  1 
ATOM   113 C  C   . VAL A 1 18  ? 3.350   -5.742  2.090   1.00 7.51  ? 17   VAL A C   1 
ATOM   114 O  O   . VAL A 1 18  ? 3.497   -6.867  1.608   1.00 6.45  ? 17   VAL A O   1 
ATOM   115 C  CB  . VAL A 1 18  ? 3.647   -3.693  0.642   1.00 8.98  ? 17   VAL A CB  1 
ATOM   116 C  CG1 . VAL A 1 18  ? 4.487   -2.432  0.378   1.00 9.25  ? 17   VAL A CG1 1 
ATOM   117 C  CG2 . VAL A 1 18  ? 3.427   -4.471  -0.605  1.00 9.97  ? 17   VAL A CG2 1 
ATOM   118 N  N   . SER A 1 19  ? 2.399   -5.434  2.964   1.00 7.16  ? 18   SER A N   1 
ATOM   119 C  CA  . SER A 1 19  ? 1.377   -6.393  3.369   1.00 8.46  ? 18   SER A CA  1 
ATOM   120 C  C   . SER A 1 19  ? 0.005   -5.818  3.007   1.00 7.44  ? 18   SER A C   1 
ATOM   121 O  O   . SER A 1 19  ? -0.273  -4.651  3.274   1.00 6.75  ? 18   SER A O   1 
ATOM   122 C  CB  . SER A 1 19  ? 1.456   -6.693  4.830   1.00 10.08 ? 18   SER A CB  1 
ATOM   123 O  OG  . SER A 1 19  ? 2.654   -7.447  5.058   1.00 11.97 ? 18   SER A OG  1 
ATOM   124 N  N   . LEU A 1 20  ? -0.801  -6.662  2.364   1.00 7.80  ? 19   LEU A N   1 
ATOM   125 C  CA  . LEU A 1 20  ? -2.196  -6.375  2.102   1.00 6.92  ? 19   LEU A CA  1 
ATOM   126 C  C   . LEU A 1 20  ? -3.000  -6.906  3.280   1.00 7.37  ? 19   LEU A C   1 
ATOM   127 O  O   . LEU A 1 20  ? -2.966  -8.121  3.552   1.00 6.80  ? 19   LEU A O   1 
ATOM   128 C  CB  . LEU A 1 20  ? -2.670  -7.108  0.825   1.00 6.36  ? 19   LEU A CB  1 
ATOM   129 C  CG  . LEU A 1 20  ? -4.140  -7.033  0.495   1.00 8.13  ? 19   LEU A CG  1 
ATOM   130 C  CD1 . LEU A 1 20  ? -4.579  -5.596  0.245   1.00 8.10  ? 19   LEU A CD1 1 
ATOM   131 C  CD2 . LEU A 1 20  ? -4.545  -7.930  -0.690  1.00 8.93  ? 19   LEU A CD2 1 
ATOM   132 N  N   . GLN A 1 21  ? -3.752  -6.026  3.926   1.00 8.80  ? 20   GLN A N   1 
ATOM   133 C  CA  . GLN A 1 21  ? -4.548  -6.354  5.072   1.00 8.67  ? 20   GLN A CA  1 
ATOM   134 C  C   . GLN A 1 21  ? -6.032  -6.066  4.784   1.00 10.17 ? 20   GLN A C   1 
ATOM   135 O  O   . GLN A 1 21  ? -6.362  -5.034  4.152   1.00 8.46  ? 20   GLN A O   1 
ATOM   136 C  CB  . GLN A 1 21  ? -4.098  -5.531  6.286   1.00 10.29 ? 20   GLN A CB  1 
ATOM   137 C  CG  . GLN A 1 21  ? -2.659  -5.848  6.779   1.00 10.67 ? 20   GLN A CG  1 
ATOM   138 C  CD  . GLN A 1 21  ? -1.961  -4.713  7.510   1.00 12.74 ? 20   GLN A CD  1 
ATOM   139 O  OE1 . GLN A 1 21  ? -2.491  -3.635  7.660   1.00 15.86 ? 20   GLN A OE1 1 
ATOM   140 N  NE2 . GLN A 1 21  ? -0.732  -4.965  7.944   1.00 16.78 ? 20   GLN A NE2 1 
ATOM   141 N  N   . VAL A 1 22  ? -6.909  -6.980  5.249   1.00 9.49  ? 21   VAL A N   1 
ATOM   142 C  CA  . VAL A 1 22  ? -8.355  -6.799  5.096   1.00 10.12 ? 21   VAL A CA  1 
ATOM   143 C  C   . VAL A 1 22  ? -8.998  -7.023  6.467   1.00 11.61 ? 21   VAL A C   1 
ATOM   144 O  O   . VAL A 1 22  ? -8.881  -8.101  7.054   1.00 13.15 ? 21   VAL A O   1 
ATOM   145 C  CB  . VAL A 1 22  ? -9.010  -7.691  3.967   1.00 10.58 ? 21   VAL A CB  1 
ATOM   146 C  CG1 . VAL A 1 22  ? -10.552 -7.463  3.877   1.00 9.86  ? 21   VAL A CG1 1 
ATOM   147 C  CG2 . VAL A 1 22  ? -8.386  -7.496  2.628   1.00 8.70  ? 21   VAL A CG2 1 
ATOM   148 N  N   . GLY A 1 23  ? -9.682  -6.002  7.016   1.00 13.62 ? 22   GLY A N   1 
ATOM   149 C  CA  . GLY A 1 23  ? -10.208 -6.105  8.423   1.00 13.44 ? 22   GLY A CA  1 
ATOM   150 C  C   . GLY A 1 23  ? -9.165  -6.467  9.502   1.00 12.68 ? 22   GLY A C   1 
ATOM   151 O  O   . GLY A 1 23  ? -9.426  -7.128  10.501  1.00 12.77 ? 22   GLY A O   1 
ATOM   152 N  N   . GLY A 1 24  ? -7.961  -6.011  9.330   1.00 11.90 ? 23   GLY A N   1 
ATOM   153 C  CA  . GLY A 1 24  ? -6.932  -6.301  10.302  1.00 12.38 ? 23   GLY A CA  1 
ATOM   154 C  C   . GLY A 1 24  ? -6.273  -7.649  10.102  1.00 11.29 ? 23   GLY A C   1 
ATOM   155 O  O   . GLY A 1 24  ? -5.261  -7.946  10.756  1.00 11.48 ? 23   GLY A O   1 
ATOM   156 N  N   . THR A 1 25  ? -6.716  -8.389  9.101   1.00 9.82  ? 24   THR A N   1 
ATOM   157 C  CA  . THR A 1 25  ? -6.131  -9.674  8.774   1.00 8.89  ? 24   THR A CA  1 
ATOM   158 C  C   . THR A 1 25  ? -5.163  -9.512  7.602   1.00 8.02  ? 24   THR A C   1 
ATOM   159 O  O   . THR A 1 25  ? -5.492  -8.896  6.611   1.00 7.57  ? 24   THR A O   1 
ATOM   160 C  CB  . THR A 1 25  ? -7.264  -10.693 8.429   1.00 10.58 ? 24   THR A CB  1 
ATOM   161 O  OG1 . THR A 1 25  ? -8.075  -10.888 9.608   1.00 11.48 ? 24   THR A OG1 1 
ATOM   162 C  CG2 . THR A 1 25  ? -6.729  -11.998 7.939   1.00 11.28 ? 24   THR A CG2 1 
ATOM   163 N  N   . THR A 1 26  ? -3.993  -10.128 7.708   1.00 8.27  ? 25   THR A N   1 
ATOM   164 C  CA  . THR A 1 26  ? -2.997  -10.068 6.649   1.00 7.06  ? 25   THR A CA  1 
ATOM   165 C  C   . THR A 1 26  ? -3.302  -11.109 5.644   1.00 8.03  ? 25   THR A C   1 
ATOM   166 O  O   . THR A 1 26  ? -3.252  -12.294 5.922   1.00 6.51  ? 25   THR A O   1 
ATOM   167 C  CB  . THR A 1 26  ? -1.617  -10.255 7.148   1.00 9.43  ? 25   THR A CB  1 
ATOM   168 O  OG1 . THR A 1 26  ? -1.336  -9.271  8.128   1.00 11.10 ? 25   THR A OG1 1 
ATOM   169 C  CG2 . THR A 1 26  ? -0.605  -10.113 6.000   1.00 9.17  ? 25   THR A CG2 1 
ATOM   170 N  N   . VAL A 1 27  ? -3.669  -10.652 4.442   1.00 6.40  ? 26   VAL A N   1 
ATOM   171 C  CA  . VAL A 1 27  ? -4.022  -11.528 3.335   1.00 7.89  ? 26   VAL A CA  1 
ATOM   172 C  C   . VAL A 1 27  ? -2.768  -12.128 2.669   1.00 8.02  ? 26   VAL A C   1 
ATOM   173 O  O   . VAL A 1 27  ? -2.671  -13.323 2.484   1.00 8.01  ? 26   VAL A O   1 
ATOM   174 C  CB  . VAL A 1 27  ? -4.966  -10.803 2.314   1.00 7.88  ? 26   VAL A CB  1 
ATOM   175 C  CG1 . VAL A 1 27  ? -5.213  -11.675 1.124   1.00 10.66 ? 26   VAL A CG1 1 
ATOM   176 C  CG2 . VAL A 1 27  ? -6.293  -10.421 2.994   1.00 9.69  ? 26   VAL A CG2 1 
ATOM   177 N  N   . GLN A 1 28  ? -1.773  -11.270 2.426   1.00 8.51  ? 27   GLN A N   1 
ATOM   178 C  CA  . GLN A 1 28  ? -0.598  -11.609 1.670   1.00 8.94  ? 27   GLN A CA  1 
ATOM   179 C  C   . GLN A 1 28  ? 0.428   -10.495 1.824   1.00 7.70  ? 27   GLN A C   1 
ATOM   180 O  O   . GLN A 1 28  ? 0.094   -9.310  2.019   1.00 8.65  ? 27   GLN A O   1 
ATOM   181 C  CB  . GLN A 1 28  ? -0.968  -11.759 0.213   1.00 8.39  ? 27   GLN A CB  1 
ATOM   182 C  CG  . GLN A 1 28  ? 0.171   -12.022 -0.683  1.00 17.37 ? 27   GLN A CG  1 
ATOM   183 C  CD  . GLN A 1 28  ? 0.653   -13.415 -0.692  1.00 26.51 ? 27   GLN A CD  1 
ATOM   184 O  OE1 . GLN A 1 28  ? 1.883   -13.663 -0.710  1.00 36.83 ? 27   GLN A OE1 1 
ATOM   185 N  NE2 . GLN A 1 28  ? -0.269  -14.358 -0.730  1.00 30.66 ? 27   GLN A NE2 1 
ATOM   186 N  N   . THR A 1 29  ? 1.685   -10.897 1.750   1.00 7.33  ? 28   THR A N   1 
ATOM   187 C  CA  . THR A 1 29  ? 2.820   -10.030 1.887   1.00 7.31  ? 28   THR A CA  1 
ATOM   188 C  C   . THR A 1 29  ? 3.720   -10.283 0.701   1.00 8.56  ? 28   THR A C   1 
ATOM   189 O  O   . THR A 1 29  ? 3.875   -11.424 0.249   1.00 8.24  ? 28   THR A O   1 
ATOM   190 C  CB  . THR A 1 29  ? 3.530   -10.343 3.199   1.00 8.66  ? 28   THR A CB  1 
ATOM   191 O  OG1 . THR A 1 29  ? 2.636   -10.005 4.265   1.00 8.08  ? 28   THR A OG1 1 
ATOM   192 C  CG2 . THR A 1 29  ? 4.810   -9.598  3.345   1.00 10.80 ? 28   THR A CG2 1 
ATOM   193 N  N   . TRP A 1 30  ? 4.328   -9.222  0.187   1.00 8.01  ? 29   TRP A N   1 
ATOM   194 C  CA  . TRP A 1 30  ? 5.183   -9.320  -1.004  1.00 8.75  ? 29   TRP A CA  1 
ATOM   195 C  C   . TRP A 1 30  ? 6.421   -8.430  -0.892  1.00 8.09  ? 29   TRP A C   1 
ATOM   196 O  O   . TRP A 1 30  ? 6.402   -7.396  -0.243  1.00 8.09  ? 29   TRP A O   1 
ATOM   197 C  CB  . TRP A 1 30  ? 4.432   -8.864  -2.272  1.00 8.79  ? 29   TRP A CB  1 
ATOM   198 C  CG  . TRP A 1 30  ? 3.112   -9.543  -2.656  1.00 8.18  ? 29   TRP A CG  1 
ATOM   199 C  CD1 . TRP A 1 30  ? 2.959   -10.712 -3.349  1.00 11.58 ? 29   TRP A CD1 1 
ATOM   200 C  CD2 . TRP A 1 30  ? 1.808   -8.996  -2.512  1.00 9.70  ? 29   TRP A CD2 1 
ATOM   201 N  NE1 . TRP A 1 30  ? 1.642   -10.943 -3.591  1.00 10.19 ? 29   TRP A NE1 1 
ATOM   202 C  CE2 . TRP A 1 30  ? 0.901   -9.915  -3.077  1.00 8.71  ? 29   TRP A CE2 1 
ATOM   203 C  CE3 . TRP A 1 30  ? 1.303   -7.814  -1.939  1.00 15.51 ? 29   TRP A CE3 1 
ATOM   204 C  CZ2 . TRP A 1 30  ? -0.465  -9.702  -3.105  1.00 9.66  ? 29   TRP A CZ2 1 
ATOM   205 C  CZ3 . TRP A 1 30  ? -0.087  -7.592  -1.979  1.00 15.12 ? 29   TRP A CZ3 1 
ATOM   206 C  CH2 . TRP A 1 30  ? -0.956  -8.580  -2.544  1.00 12.40 ? 29   TRP A CH2 1 
ATOM   207 N  N   . THR A 1 31  ? 7.504   -8.867  -1.524  1.00 8.26  ? 30   THR A N   1 
ATOM   208 C  CA  . THR A 1 31  ? 8.634   -8.013  -1.745  1.00 8.94  ? 30   THR A CA  1 
ATOM   209 C  C   . THR A 1 31  ? 8.574   -7.404  -3.123  1.00 8.71  ? 30   THR A C   1 
ATOM   210 O  O   . THR A 1 31  ? 8.326   -8.079  -4.116  1.00 8.86  ? 30   THR A O   1 
ATOM   211 C  CB  . THR A 1 31  ? 10.004  -8.753  -1.576  1.00 10.42 ? 30   THR A CB  1 
ATOM   212 O  OG1 . THR A 1 31  ? 10.071  -9.283  -0.263  1.00 9.66  ? 30   THR A OG1 1 
ATOM   213 C  CG2 . THR A 1 31  ? 11.158  -7.720  -1.738  1.00 10.71 ? 30   THR A CG2 1 
ATOM   214 N  N   . LEU A 1 32  ? 8.698   -6.083  -3.173  1.00 8.21  ? 31   LEU A N   1 
ATOM   215 C  CA  . LEU A 1 32  ? 8.475   -5.328  -4.394  1.00 7.46  ? 31   LEU A CA  1 
ATOM   216 C  C   . LEU A 1 32  ? 9.759   -5.307  -5.198  1.00 7.62  ? 31   LEU A C   1 
ATOM   217 O  O   . LEU A 1 32  ? 10.857  -5.657  -4.663  1.00 9.38  ? 31   LEU A O   1 
ATOM   218 C  CB  . LEU A 1 32  ? 8.017   -3.888  -4.080  1.00 6.08  ? 31   LEU A CB  1 
ATOM   219 C  CG  . LEU A 1 32  ? 6.731   -3.771  -3.244  1.00 7.29  ? 31   LEU A CG  1 
ATOM   220 C  CD1 . LEU A 1 32  ? 6.424   -2.380  -2.907  1.00 6.00  ? 31   LEU A CD1 1 
ATOM   221 C  CD2 . LEU A 1 32  ? 5.555   -4.349  -4.028  1.00 12.10 ? 31   LEU A CD2 1 
ATOM   222 N  N   . THR A 1 33  ? 9.614   -4.918  -6.460  1.00 7.92  ? 32   THR A N   1 
ATOM   223 C  CA  . THR A 1 33  ? 10.770  -4.578  -7.322  1.00 7.81  ? 32   THR A CA  1 
ATOM   224 C  C   . THR A 1 33  ? 10.792  -3.072  -7.575  1.00 7.53  ? 32   THR A C   1 
ATOM   225 O  O   . THR A 1 33  ? 9.908   -2.312  -7.086  1.00 6.95  ? 32   THR A O   1 
ATOM   226 C  CB  . THR A 1 33  ? 10.691  -5.353  -8.677  1.00 8.33  ? 32   THR A CB  1 
ATOM   227 O  OG1 . THR A 1 33  ? 9.659   -4.816  -9.513  1.00 7.56  ? 32   THR A OG1 1 
ATOM   228 C  CG2 . THR A 1 33  ? 10.386  -6.820  -8.431  1.00 9.81  ? 32   THR A CG2 1 
ATOM   229 N  N   . THR A 1 34  ? 11.778  -2.647  -8.354  1.00 7.03  ? 33   THR A N   1 
ATOM   230 C  CA  . THR A 1 34  ? 11.869  -1.209  -8.688  1.00 7.91  ? 33   THR A CA  1 
ATOM   231 C  C   . THR A 1 34  ? 10.953  -0.779  -9.840  1.00 7.90  ? 33   THR A C   1 
ATOM   232 O  O   . THR A 1 34  ? 10.827  0.449   -10.093 1.00 9.52  ? 33   THR A O   1 
ATOM   233 C  CB  . THR A 1 34  ? 13.311  -0.796  -9.013  1.00 8.70  ? 33   THR A CB  1 
ATOM   234 O  OG1 . THR A 1 34  ? 13.767  -1.625  -10.103 1.00 10.22 ? 33   THR A OG1 1 
ATOM   235 C  CG2 . THR A 1 34  ? 14.147  -0.930  -7.828  1.00 10.58 ? 33   THR A CG2 1 
ATOM   236 N  N   . ALA A 1 35  ? 10.272  -1.727  -10.499 1.00 8.61  ? 34   ALA A N   1 
ATOM   237 C  CA  . ALA A 1 35  ? 9.305   -1.432  -11.552 1.00 7.90  ? 34   ALA A CA  1 
ATOM   238 C  C   . ALA A 1 35  ? 7.913   -1.557  -10.965 1.00 7.99  ? 34   ALA A C   1 
ATOM   239 O  O   . ALA A 1 35  ? 7.669   -2.457  -10.209 1.00 7.17  ? 34   ALA A O   1 
ATOM   240 C  CB  . ALA A 1 35  ? 9.435   -2.397  -12.676 1.00 9.23  ? 34   ALA A CB  1 
ATOM   241 N  N   . MET A 1 36  ? 7.015   -0.681  -11.385 1.00 7.70  ? 35   MET A N   1 
ATOM   242 C  CA  . MET A 1 36  ? 5.621   -0.821  -11.098 1.00 7.43  ? 35   MET A CA  1 
ATOM   243 C  C   . MET A 1 36  ? 5.157   -2.138  -11.710 1.00 7.96  ? 35   MET A C   1 
ATOM   244 O  O   . MET A 1 36  ? 5.342   -2.379  -12.909 1.00 9.26  ? 35   MET A O   1 
ATOM   245 C  CB  . MET A 1 36  ? 4.797   0.359   -11.684 1.00 9.06  ? 35   MET A CB  1 
ATOM   246 C  CG  . MET A 1 36  ? 4.755   1.620   -10.867 1.00 10.60 ? 35   MET A CG  1 
ATOM   247 S  SD  . MET A 1 36  ? 3.856   1.315   -9.367  1.00 9.01  ? 35   MET A SD  1 
ATOM   248 C  CE  . MET A 1 36  ? 3.986   2.961   -8.705  1.00 10.77 ? 35   MET A CE  1 
ATOM   249 N  N   . GLN A 1 37  ? 4.583   -2.988  -10.877 1.00 7.69  ? 36   GLN A N   1 
ATOM   250 C  CA  . GLN A 1 37  ? 4.105   -4.312  -11.248 1.00 8.28  ? 36   GLN A CA  1 
ATOM   251 C  C   . GLN A 1 37  ? 2.865   -4.623  -10.420 1.00 8.90  ? 36   GLN A C   1 
ATOM   252 O  O   . GLN A 1 37  ? 2.602   -3.971  -9.406  1.00 7.28  ? 36   GLN A O   1 
ATOM   253 C  CB  . GLN A 1 37  ? 5.201   -5.399  -11.042 1.00 8.12  ? 36   GLN A CB  1 
ATOM   254 C  CG  . GLN A 1 37  ? 6.392   -5.291  -12.047 1.00 8.84  ? 36   GLN A CG  1 
ATOM   255 C  CD  . GLN A 1 37  ? 6.073   -5.753  -13.439 1.00 11.13 ? 36   GLN A CD  1 
ATOM   256 O  OE1 . GLN A 1 37  ? 5.856   -6.943  -13.668 1.00 13.07 ? 36   GLN A OE1 1 
ATOM   257 N  NE2 . GLN A 1 37  ? 5.999   -4.806  -14.390 1.00 9.87  ? 36   GLN A NE2 1 
ATOM   258 N  N   . ASP A 1 38  ? 2.117   -5.606  -10.872 1.00 8.47  ? 37   ASP A N   1 
ATOM   259 C  CA  . ASP A 1 38  ? 0.894   -6.010  -10.224 1.00 9.43  ? 37   ASP A CA  1 
ATOM   260 C  C   . ASP A 1 38  ? 1.085   -7.202  -9.316  1.00 9.49  ? 37   ASP A C   1 
ATOM   261 O  O   . ASP A 1 38  ? 1.884   -8.132  -9.609  1.00 9.64  ? 37   ASP A O   1 
ATOM   262 C  CB  . ASP A 1 38  ? -0.166  -6.347  -11.239 1.00 11.73 ? 37   ASP A CB  1 
ATOM   263 C  CG  . ASP A 1 38  ? -0.565  -5.144  -12.056 1.00 13.25 ? 37   ASP A CG  1 
ATOM   264 O  OD1 . ASP A 1 38  ? -0.223  -4.022  -11.723 1.00 17.70 ? 37   ASP A OD1 1 
ATOM   265 O  OD2 . ASP A 1 38  ? -1.200  -5.362  -13.054 1.00 24.96 ? 37   ASP A OD2 1 
ATOM   266 N  N   . TYR A 1 39  ? 0.382   -7.115  -8.181  1.00 7.53  ? 38   TYR A N   1 
ATOM   267 C  CA  . TYR A 1 39  ? 0.401   -8.125  -7.142  1.00 8.00  ? 38   TYR A CA  1 
ATOM   268 C  C   . TYR A 1 39  ? -1.026  -8.482  -6.822  1.00 9.10  ? 38   TYR A C   1 
ATOM   269 O  O   . TYR A 1 39  ? -1.798  -7.621  -6.435  1.00 8.66  ? 38   TYR A O   1 
ATOM   270 C  CB  . TYR A 1 39  ? 1.102   -7.626  -5.869  1.00 7.55  ? 38   TYR A CB  1 
ATOM   271 C  CG  . TYR A 1 39  ? 2.560   -7.270  -6.161  1.00 6.37  ? 38   TYR A CG  1 
ATOM   272 C  CD1 . TYR A 1 39  ? 3.573   -8.160  -5.892  1.00 10.29 ? 38   TYR A CD1 1 
ATOM   273 C  CD2 . TYR A 1 39  ? 2.915   -6.051  -6.771  1.00 6.17  ? 38   TYR A CD2 1 
ATOM   274 C  CE1 . TYR A 1 39  ? 4.888   -7.892  -6.238  1.00 8.89  ? 38   TYR A CE1 1 
ATOM   275 C  CE2 . TYR A 1 39  ? 4.237   -5.771  -7.065  1.00 4.37  ? 38   TYR A CE2 1 
ATOM   276 C  CZ  . TYR A 1 39  ? 5.218   -6.703  -6.818  1.00 8.07  ? 38   TYR A CZ  1 
ATOM   277 O  OH  . TYR A 1 39  ? 6.544   -6.444  -7.148  1.00 6.79  ? 38   TYR A OH  1 
ATOM   278 N  N   . THR A 1 40  ? -1.340  -9.761  -6.889  1.00 10.26 ? 39   THR A N   1 
ATOM   279 C  CA  . THR A 1 40  ? -2.725  -10.126 -6.706  1.00 11.00 ? 39   THR A CA  1 
ATOM   280 C  C   . THR A 1 40  ? -3.031  -11.117 -5.582  1.00 11.03 ? 39   THR A C   1 
ATOM   281 O  O   . THR A 1 40  ? -2.230  -11.965 -5.225  1.00 9.40  ? 39   THR A O   1 
ATOM   282 C  CB  . THR A 1 40  ? -3.298  -10.618 -7.973  1.00 13.14 ? 39   THR A CB  1 
ATOM   283 O  OG1 . THR A 1 40  ? -2.530  -11.748 -8.404  1.00 23.66 ? 39   THR A OG1 1 
ATOM   284 C  CG2 . THR A 1 40  ? -3.258  -9.552  -9.030  1.00 13.29 ? 39   THR A CG2 1 
ATOM   285 N  N   . ALA A 1 41  ? -4.190  -10.937 -4.978  1.00 8.77  ? 40   ALA A N   1 
ATOM   286 C  CA  . ALA A 1 41  ? -4.567  -11.746 -3.843  1.00 9.97  ? 40   ALA A CA  1 
ATOM   287 C  C   . ALA A 1 41  ? -6.050  -11.887 -3.877  1.00 9.71  ? 40   ALA A C   1 
ATOM   288 O  O   . ALA A 1 41  ? -6.740  -11.169 -4.623  1.00 10.31 ? 40   ALA A O   1 
ATOM   289 C  CB  . ALA A 1 41  ? -4.175  -11.118 -2.572  1.00 10.16 ? 40   ALA A CB  1 
ATOM   290 N  N   . SER A 1 42  ? -6.540  -12.752 -2.980  1.00 10.02 ? 41   SER A N   1 
ATOM   291 C  CA  . SER A 1 42  ? -7.969  -13.007 -2.888  1.00 9.22  ? 41   SER A CA  1 
ATOM   292 C  C   . SER A 1 42  ? -8.341  -13.364 -1.427  1.00 8.71  ? 41   SER A C   1 
ATOM   293 O  O   . SER A 1 42  ? -7.581  -13.975 -0.744  1.00 9.88  ? 41   SER A O   1 
ATOM   294 C  CB  . SER A 1 42  ? -8.324  -14.160 -3.849  1.00 9.62  ? 41   SER A CB  1 
ATOM   295 O  OG  . SER A 1 42  ? -9.685  -14.425 -3.819  1.00 11.68 ? 41   SER A OG  1 
ATOM   296 N  N   . THR A 1 43  ? -9.523  -12.959 -1.001  1.00 8.08  ? 42   THR A N   1 
ATOM   297 C  CA  . THR A 1 43  ? -10.031 -13.258 0.305   1.00 9.87  ? 42   THR A CA  1 
ATOM   298 C  C   . THR A 1 43  ? -11.562 -13.399 0.248   1.00 9.57  ? 42   THR A C   1 
ATOM   299 O  O   . THR A 1 43  ? -12.238 -12.765 -0.587  1.00 11.85 ? 42   THR A O   1 
ATOM   300 C  CB  . THR A 1 43  ? -9.577  -12.176 1.357   1.00 8.92  ? 42   THR A CB  1 
ATOM   301 O  OG1 . THR A 1 43  ? -10.011 -12.524 2.662   1.00 8.15  ? 42   THR A OG1 1 
ATOM   302 C  CG2 . THR A 1 43  ? -10.083 -10.781 0.994   1.00 9.27  ? 42   THR A CG2 1 
ATOM   303 N  N   . SER A 1 44  ? -12.104 -14.193 1.165   1.00 9.48  ? 43   SER A N   1 
ATOM   304 C  CA  . SER A 1 44  ? -13.544 -14.224 1.415   1.00 9.77  ? 43   SER A CA  1 
ATOM   305 C  C   . SER A 1 44  ? -13.976 -13.224 2.511   1.00 9.26  ? 43   SER A C   1 
ATOM   306 O  O   . SER A 1 44  ? -15.181 -13.060 2.814   1.00 8.63  ? 43   SER A O   1 
ATOM   307 C  CB  . SER A 1 44  ? -13.954 -15.630 1.841   1.00 9.84  ? 43   SER A CB  1 
ATOM   308 O  OG  . SER A 1 44  ? -13.836 -16.460 0.709   1.00 11.66 ? 43   SER A OG  1 
ATOM   309 N  N   . LEU A 1 45  ? -13.002 -12.546 3.083   1.00 9.55  ? 44   LEU A N   1 
ATOM   310 C  CA  . LEU A 1 45  ? -13.242 -11.547 4.097   1.00 9.59  ? 44   LEU A CA  1 
ATOM   311 C  C   . LEU A 1 45  ? -13.706 -10.182 3.511   1.00 9.73  ? 44   LEU A C   1 
ATOM   312 O  O   . LEU A 1 45  ? -13.404 -9.803  2.364   1.00 10.03 ? 44   LEU A O   1 
ATOM   313 C  CB  . LEU A 1 45  ? -11.939 -11.350 4.937   1.00 9.76  ? 44   LEU A CB  1 
ATOM   314 C  CG  . LEU A 1 45  ? -11.383 -12.516 5.713   1.00 9.19  ? 44   LEU A CG  1 
ATOM   315 C  CD1 . LEU A 1 45  ? -10.107 -12.053 6.440   1.00 14.92 ? 44   LEU A CD1 1 
ATOM   316 C  CD2 . LEU A 1 45  ? -12.411 -12.976 6.697   1.00 11.37 ? 44   LEU A CD2 1 
ATOM   317 N  N   . THR A 1 46  ? -14.408 -9.412  4.360   1.00 11.77 ? 45   THR A N   1 
ATOM   318 C  CA  . THR A 1 46  ? -14.714 -8.044  4.058   1.00 12.33 ? 45   THR A CA  1 
ATOM   319 C  C   . THR A 1 46  ? -14.024 -7.163  5.130   1.00 12.65 ? 45   THR A C   1 
ATOM   320 O  O   . THR A 1 46  ? -13.476 -7.635  6.153   1.00 13.80 ? 45   THR A O   1 
ATOM   321 C  CB  . THR A 1 46  ? -16.292 -7.725  4.056   1.00 14.45 ? 45   THR A CB  1 
ATOM   322 O  OG1 . THR A 1 46  ? -16.853 -7.831  5.388   1.00 12.28 ? 45   THR A OG1 1 
ATOM   323 C  CG2 . THR A 1 46  ? -17.049 -8.635  3.098   1.00 15.89 ? 45   THR A CG2 1 
ATOM   324 N  N   . GLY A 1 47  ? -14.162 -5.877  4.966   1.00 12.47 ? 46   GLY A N   1 
ATOM   325 C  CA  . GLY A 1 47  ? -13.544 -4.972  5.932   1.00 12.28 ? 46   GLY A CA  1 
ATOM   326 C  C   . GLY A 1 47  ? -12.578 -4.008  5.276   1.00 10.92 ? 46   GLY A C   1 
ATOM   327 O  O   . GLY A 1 47  ? -12.438 -3.994  4.051   1.00 10.25 ? 46   GLY A O   1 
ATOM   328 N  N   . GLU A 1 48  ? -11.953 -3.193  6.104   1.00 9.42  ? 47   GLU A N   1 
ATOM   329 C  CA  . GLU A 1 48  ? -11.093 -2.117  5.641   1.00 9.08  ? 47   GLU A CA  1 
ATOM   330 C  C   . GLU A 1 48  ? -9.855  -2.727  4.963   1.00 8.22  ? 47   GLU A C   1 
ATOM   331 O  O   . GLU A 1 48  ? -9.217  -3.604  5.535   1.00 7.67  ? 47   GLU A O   1 
ATOM   332 C  CB  . GLU A 1 48  ? -10.673 -1.263  6.801   1.00 9.79  ? 47   GLU A CB  1 
ATOM   333 C  CG  . GLU A 1 48  ? -9.702  -0.130  6.431   1.00 9.91  ? 47   GLU A CG  1 
ATOM   334 C  CD  . GLU A 1 48  ? -9.083  0.605   7.632   1.00 15.93 ? 47   GLU A CD  1 
ATOM   335 O  OE1 . GLU A 1 48  ? -8.321  1.544   7.399   1.00 13.28 ? 47   GLU A OE1 1 
ATOM   336 O  OE2 . GLU A 1 48  ? -9.287  0.201   8.797   1.00 19.27 ? 47   GLU A OE2 1 
ATOM   337 N  N   . ILE A 1 49  ? -9.531  -2.264  3.751   1.00 7.49  ? 48   ILE A N   1 
ATOM   338 C  CA  . ILE A 1 49  ? -8.308  -2.643  3.071   1.00 7.31  ? 48   ILE A CA  1 
ATOM   339 C  C   . ILE A 1 49  ? -7.164  -1.641  3.420   1.00 7.36  ? 48   ILE A C   1 
ATOM   340 O  O   . ILE A 1 49  ? -7.298  -0.403  3.326   1.00 7.17  ? 48   ILE A O   1 
ATOM   341 C  CB  . ILE A 1 49  ? -8.490  -2.630  1.527   1.00 8.39  ? 48   ILE A CB  1 
ATOM   342 C  CG1 . ILE A 1 49  ? -9.543  -3.600  1.079   1.00 9.65  ? 48   ILE A CG1 1 
ATOM   343 C  CG2 . ILE A 1 49  ? -7.203  -2.775  0.808   1.00 8.31  ? 48   ILE A CG2 1 
ATOM   344 C  CD1 . ILE A 1 49  ? -10.100 -3.288  -0.282  1.00 10.14 ? 48   ILE A CD1 1 
ATOM   345 N  N   . ARG A 1 50  ? -6.039  -2.209  3.802   1.00 7.67  ? 49   ARG A N   1 
ATOM   346 C  CA  . ARG A 1 50  ? -4.793  -1.449  4.012   1.00 7.05  ? 49   ARG A CA  1 
ATOM   347 C  C   . ARG A 1 50  ? -3.655  -2.094  3.216   1.00 7.07  ? 49   ARG A C   1 
ATOM   348 O  O   . ARG A 1 50  ? -3.570  -3.321  3.079   1.00 7.77  ? 49   ARG A O   1 
ATOM   349 C  CB  . ARG A 1 50  ? -4.412  -1.329  5.496   1.00 7.58  ? 49   ARG A CB  1 
ATOM   350 C  CG  . ARG A 1 50  ? -5.328  -0.456  6.320   1.00 8.39  ? 49   ARG A CG  1 
ATOM   351 C  CD  . ARG A 1 50  ? -5.041  -0.523  7.789   1.00 9.70  ? 49   ARG A CD  1 
ATOM   352 N  NE  . ARG A 1 50  ? -6.017  0.275   8.555   1.00 8.38  ? 49   ARG A NE  1 
ATOM   353 C  CZ  . ARG A 1 50  ? -5.944  0.509   9.859   1.00 13.07 ? 49   ARG A CZ  1 
ATOM   354 N  NH1 . ARG A 1 50  ? -6.886  1.242   10.461  1.00 16.72 ? 49   ARG A NH1 1 
ATOM   355 N  NH2 . ARG A 1 50  ? -4.917  0.082   10.549  1.00 14.31 ? 49   ARG A NH2 1 
ATOM   356 N  N   . VAL A 1 51  ? -2.803  -1.240  2.651   1.00 7.58  ? 50   VAL A N   1 
ATOM   357 C  CA  . VAL A 1 51  ? -1.522  -1.684  2.056   1.00 6.92  ? 50   VAL A CA  1 
ATOM   358 C  C   . VAL A 1 51  ? -0.454  -1.020  2.897   1.00 6.98  ? 50   VAL A C   1 
ATOM   359 O  O   . VAL A 1 51  ? -0.332  0.211   2.935   1.00 5.15  ? 50   VAL A O   1 
ATOM   360 C  CB  . VAL A 1 51  ? -1.379  -1.251  0.620   1.00 6.96  ? 50   VAL A CB  1 
ATOM   361 C  CG1 . VAL A 1 51  ? -0.046  -1.664  0.074   1.00 9.46  ? 50   VAL A CG1 1 
ATOM   362 C  CG2 . VAL A 1 51  ? -2.516  -1.878  -0.169  1.00 6.25  ? 50   VAL A CG2 1 
ATOM   363 N  N   . ALA A 1 52  ? 0.300   -1.869  3.568   1.00 5.87  ? 51   ALA A N   1 
ATOM   364 C  CA  . ALA A 1 52  ? 1.254   -1.462  4.589   1.00 6.91  ? 51   ALA A CA  1 
ATOM   365 C  C   . ALA A 1 52  ? 2.723   -1.715  4.195   1.00 6.43  ? 51   ALA A C   1 
ATOM   366 O  O   . ALA A 1 52  ? 3.057   -2.824  3.854   1.00 6.66  ? 51   ALA A O   1 
ATOM   367 C  CB  . ALA A 1 52  ? 0.974   -2.210  5.899   1.00 5.93  ? 51   ALA A CB  1 
ATOM   368 N  N   . PHE A 1 53  ? 3.578   -0.680  4.292   1.00 6.01  ? 52   PHE A N   1 
ATOM   369 C  CA  . PHE A 1 53  ? 5.015   -0.800  4.144   1.00 5.87  ? 52   PHE A CA  1 
ATOM   370 C  C   . PHE A 1 53  ? 5.539   -1.063  5.577   1.00 6.29  ? 52   PHE A C   1 
ATOM   371 O  O   . PHE A 1 53  ? 5.216   -0.292  6.526   1.00 7.73  ? 52   PHE A O   1 
ATOM   372 C  CB  . PHE A 1 53  ? 5.526   0.492   3.601   1.00 5.13  ? 52   PHE A CB  1 
ATOM   373 C  CG  . PHE A 1 53  ? 6.984   0.631   3.520   1.00 5.15  ? 52   PHE A CG  1 
ATOM   374 C  CD1 . PHE A 1 53  ? 7.839   -0.431  3.269   1.00 4.76  ? 52   PHE A CD1 1 
ATOM   375 C  CD2 . PHE A 1 53  ? 7.517   1.909   3.615   1.00 6.22  ? 52   PHE A CD2 1 
ATOM   376 C  CE1 . PHE A 1 53  ? 9.218   -0.216  3.131   1.00 6.81  ? 52   PHE A CE1 1 
ATOM   377 C  CE2 . PHE A 1 53  ? 8.878   2.157   3.452   1.00 7.42  ? 52   PHE A CE2 1 
ATOM   378 C  CZ  . PHE A 1 53  ? 9.727   1.133   3.181   1.00 6.04  ? 52   PHE A CZ  1 
ATOM   379 N  N   . THR A 1 54  ? 6.274   -2.166  5.723   1.00 7.43  ? 53   THR A N   1 
ATOM   380 C  CA  . THR A 1 54  ? 6.650   -2.661  7.011   1.00 8.68  ? 53   THR A CA  1 
ATOM   381 C  C   . THR A 1 54  ? 8.143   -2.765  7.356   1.00 8.86  ? 53   THR A C   1 
ATOM   382 O  O   . THR A 1 54  ? 8.494   -3.070  8.528   1.00 9.80  ? 53   THR A O   1 
ATOM   383 C  CB  . THR A 1 54  ? 6.078   -4.105  7.262   1.00 9.84  ? 53   THR A CB  1 
ATOM   384 O  OG1 . THR A 1 54  ? 6.664   -5.017  6.310   1.00 8.50  ? 53   THR A OG1 1 
ATOM   385 C  CG2 . THR A 1 54  ? 4.483   -4.123  7.180   1.00 11.03 ? 53   THR A CG2 1 
ATOM   386 N  N   . ASN A 1 55  ? 9.008   -2.534  6.403   1.00 8.74  ? 54   ASN A N   1 
ATOM   387 C  CA  . ASN A 1 55  ? 10.459  -2.762  6.585   1.00 7.22  ? 54   ASN A CA  1 
ATOM   388 C  C   . ASN A 1 55  ? 11.295  -1.537  6.157   1.00 6.91  ? 54   ASN A C   1 
ATOM   389 O  O   . ASN A 1 55  ? 12.403  -1.637  5.604   1.00 5.89  ? 54   ASN A O   1 
ATOM   390 C  CB  . ASN A 1 55  ? 10.856  -4.059  5.880   1.00 5.87  ? 54   ASN A CB  1 
ATOM   391 C  CG  . ASN A 1 55  ? 10.868  -3.963  4.386   1.00 9.16  ? 54   ASN A CG  1 
ATOM   392 O  OD1 . ASN A 1 55  ? 10.111  -3.195  3.781   1.00 7.49  ? 54   ASN A OD1 1 
ATOM   393 N  ND2 . ASN A 1 55  ? 11.649  -4.810  3.761   1.00 5.23  ? 54   ASN A ND2 1 
ATOM   394 N  N   . ASP A 1 56  ? 10.801  -0.328  6.463   1.00 7.01  ? 55   ASP A N   1 
ATOM   395 C  CA  . ASP A 1 56  ? 11.575  0.849   6.194   1.00 6.63  ? 55   ASP A CA  1 
ATOM   396 C  C   . ASP A 1 56  ? 13.004  0.707   6.738   1.00 8.29  ? 55   ASP A C   1 
ATOM   397 O  O   . ASP A 1 56  ? 13.223  0.143   7.811   1.00 9.39  ? 55   ASP A O   1 
ATOM   398 C  CB  . ASP A 1 56  ? 10.898  2.077   6.759   1.00 6.48  ? 55   ASP A CB  1 
ATOM   399 C  CG  . ASP A 1 56  ? 11.480  3.355   6.276   1.00 8.79  ? 55   ASP A CG  1 
ATOM   400 O  OD1 . ASP A 1 56  ? 11.909  3.364   5.122   1.00 7.02  ? 55   ASP A OD1 1 
ATOM   401 O  OD2 . ASP A 1 56  ? 11.469  4.340   7.058   1.00 7.97  ? 55   ASP A OD2 1 
ATOM   402 N  N   . ALA A 1 57  ? 13.956  1.219   5.963   1.00 8.54  ? 56   ALA A N   1 
ATOM   403 C  CA  . ALA A 1 57  ? 15.401  1.236   6.323   1.00 10.87 ? 56   ALA A CA  1 
ATOM   404 C  C   . ALA A 1 57  ? 16.041  2.317   5.450   1.00 12.92 ? 56   ALA A C   1 
ATOM   405 O  O   . ALA A 1 57  ? 15.435  2.820   4.508   1.00 10.78 ? 56   ALA A O   1 
ATOM   406 C  CB  . ALA A 1 57  ? 16.040  -0.098  6.032   1.00 8.67  ? 56   ALA A CB  1 
ATOM   407 N  N   . THR A 1 58  ? 17.286  2.663   5.753   1.00 14.01 ? 57   THR A N   1 
ATOM   408 C  CA  . THR A 1 58  ? 17.985  3.634   4.976   1.00 16.11 ? 57   THR A CA  1 
ATOM   409 C  C   . THR A 1 58  ? 17.960  3.157   3.556   1.00 15.48 ? 57   THR A C   1 
ATOM   410 O  O   . THR A 1 58  ? 18.439  2.094   3.272   1.00 17.49 ? 57   THR A O   1 
ATOM   411 C  CB  . THR A 1 58  ? 19.436  3.836   5.547   1.00 17.69 ? 57   THR A CB  1 
ATOM   412 O  OG1 . THR A 1 58  ? 19.316  4.293   6.920   1.00 23.55 ? 57   THR A OG1 1 
ATOM   413 C  CG2 . THR A 1 58  ? 20.167  4.895   4.716   1.00 19.92 ? 57   THR A CG2 1 
ATOM   414 N  N   . GLY A 1 59  ? 17.321  3.925   2.645   1.00 13.41 ? 58   GLY A N   1 
ATOM   415 C  CA  . GLY A 1 59  ? 17.285  3.623   1.230   1.00 13.94 ? 58   GLY A CA  1 
ATOM   416 C  C   . GLY A 1 59  ? 16.015  2.947   0.635   1.00 12.84 ? 58   GLY A C   1 
ATOM   417 O  O   . GLY A 1 59  ? 15.895  2.793   -0.552  1.00 14.03 ? 58   GLY A O   1 
ATOM   418 N  N   . ARG A 1 60  ? 15.035  2.611   1.494   1.00 10.11 ? 59   ARG A N   1 
ATOM   419 C  CA  . ARG A 1 60  ? 13.812  1.916   1.078   1.00 7.79  ? 59   ARG A CA  1 
ATOM   420 C  C   . ARG A 1 60  ? 12.591  2.906   1.143   1.00 6.17  ? 59   ARG A C   1 
ATOM   421 O  O   . ARG A 1 60  ? 12.426  3.567   2.126   1.00 5.59  ? 59   ARG A O   1 
ATOM   422 C  CB  . ARG A 1 60  ? 13.507  0.753   2.032   1.00 8.01  ? 59   ARG A CB  1 
ATOM   423 C  CG  . ARG A 1 60  ? 14.576  -0.373  2.013   1.00 10.15 ? 59   ARG A CG  1 
ATOM   424 C  CD  . ARG A 1 60  ? 14.183  -1.495  2.924   1.00 8.62  ? 59   ARG A CD  1 
ATOM   425 N  NE  . ARG A 1 60  ? 15.169  -2.532  2.996   1.00 7.67  ? 59   ARG A NE  1 
ATOM   426 C  CZ  . ARG A 1 60  ? 15.302  -3.389  3.965   1.00 5.43  ? 59   ARG A CZ  1 
ATOM   427 N  NH1 . ARG A 1 60  ? 14.561  -3.306  5.057   1.00 7.71  ? 59   ARG A NH1 1 
ATOM   428 N  NH2 . ARG A 1 60  ? 16.260  -4.310  3.852   1.00 10.03 ? 59   ARG A NH2 1 
ATOM   429 N  N   . ASP A 1 61  ? 11.756  2.927   0.110   1.00 6.75  ? 60   ASP A N   1 
ATOM   430 C  CA  . ASP A 1 61  ? 10.513  3.706   0.027   1.00 7.07  ? 60   ASP A CA  1 
ATOM   431 C  C   . ASP A 1 61  ? 9.565   2.956   -0.896  1.00 6.96  ? 60   ASP A C   1 
ATOM   432 O  O   . ASP A 1 61  ? 10.029  2.339   -1.850  1.00 8.13  ? 60   ASP A O   1 
ATOM   433 C  CB  . ASP A 1 61  ? 10.675  5.085   -0.624  1.00 7.19  ? 60   ASP A CB  1 
ATOM   434 C  CG  . ASP A 1 61  ? 11.470  6.079   0.222   1.00 8.90  ? 60   ASP A CG  1 
ATOM   435 O  OD1 . ASP A 1 61  ? 12.094  6.964   -0.396  1.00 9.11  ? 60   ASP A OD1 1 
ATOM   436 O  OD2 . ASP A 1 61  ? 11.384  6.046   1.459   1.00 5.77  ? 60   ASP A OD2 1 
ATOM   437 N  N   . VAL A 1 62  ? 8.263   3.037   -0.626  1.00 6.39  ? 61   VAL A N   1 
ATOM   438 C  CA  . VAL A 1 62  ? 7.249   2.335   -1.422  1.00 6.47  ? 61   VAL A CA  1 
ATOM   439 C  C   . VAL A 1 62  ? 6.398   3.361   -2.135  1.00 5.78  ? 61   VAL A C   1 
ATOM   440 O  O   . VAL A 1 62  ? 6.138   4.455   -1.577  1.00 5.89  ? 61   VAL A O   1 
ATOM   441 C  CB  . VAL A 1 62  ? 6.404   1.394   -0.520  1.00 5.43  ? 61   VAL A CB  1 
ATOM   442 C  CG1 . VAL A 1 62  ? 5.149   0.954   -1.261  1.00 6.36  ? 61   VAL A CG1 1 
ATOM   443 C  CG2 . VAL A 1 62  ? 7.255   0.183   -0.069  1.00 8.69  ? 61   VAL A CG2 1 
ATOM   444 N  N   . GLN A 1 63  ? 5.986   3.030   -3.354  1.00 5.22  ? 62   GLN A N   1 
ATOM   445 C  CA  . GLN A 1 63  ? 5.042   3.768   -4.152  1.00 4.58  ? 62   GLN A CA  1 
ATOM   446 C  C   . GLN A 1 63  ? 3.963   2.809   -4.612  1.00 4.94  ? 62   GLN A C   1 
ATOM   447 O  O   . GLN A 1 63  ? 4.201   1.761   -5.261  1.00 3.77  ? 62   GLN A O   1 
ATOM   448 C  CB  . GLN A 1 63  ? 5.721   4.438   -5.339  1.00 5.61  ? 62   GLN A CB  1 
ATOM   449 C  CG  . GLN A 1 63  ? 4.870   5.431   -6.067  1.00 5.31  ? 62   GLN A CG  1 
ATOM   450 C  CD  . GLN A 1 63  ? 5.445   5.829   -7.465  1.00 8.27  ? 62   GLN A CD  1 
ATOM   451 O  OE1 . GLN A 1 63  ? 6.460   5.278   -7.937  1.00 7.56  ? 62   GLN A OE1 1 
ATOM   452 N  NE2 . GLN A 1 63  ? 4.722   6.727   -8.153  1.00 7.30  ? 62   GLN A NE2 1 
ATOM   453 N  N   . VAL A 1 64  ? 2.735   3.156   -4.248  1.00 6.26  ? 63   VAL A N   1 
ATOM   454 C  CA  . VAL A 1 64  ? 1.571   2.356   -4.638  1.00 5.95  ? 63   VAL A CA  1 
ATOM   455 C  C   . VAL A 1 64  ? 0.807   3.236   -5.608  1.00 7.41  ? 63   VAL A C   1 
ATOM   456 O  O   . VAL A 1 64  ? 0.410   4.344   -5.271  1.00 7.26  ? 63   VAL A O   1 
ATOM   457 C  CB  . VAL A 1 64  ? 0.678   1.973   -3.417  1.00 6.27  ? 63   VAL A CB  1 
ATOM   458 C  CG1 . VAL A 1 64  ? -0.521  1.252   -3.879  1.00 7.69  ? 63   VAL A CG1 1 
ATOM   459 C  CG2 . VAL A 1 64  ? 1.446   1.161   -2.419  1.00 5.69  ? 63   VAL A CG2 1 
ATOM   460 N  N   . ASP A 1 65  ? 0.654   2.789   -6.856  1.00 7.21  ? 64   ASP A N   1 
ATOM   461 C  CA  . ASP A 1 65  ? -0.085  3.574   -7.831  1.00 5.80  ? 64   ASP A CA  1 
ATOM   462 C  C   . ASP A 1 65  ? -1.591  3.552   -7.523  1.00 6.12  ? 64   ASP A C   1 
ATOM   463 O  O   . ASP A 1 65  ? -2.227  4.597   -7.400  1.00 6.20  ? 64   ASP A O   1 
ATOM   464 C  CB  . ASP A 1 65  ? 0.187   2.977   -9.236  1.00 5.95  ? 64   ASP A CB  1 
ATOM   465 C  CG  . ASP A 1 65  ? -0.320  3.839   -10.358 1.00 7.38  ? 64   ASP A CG  1 
ATOM   466 O  OD1 . ASP A 1 65  ? -1.085  4.798   -10.156 1.00 8.27  ? 64   ASP A OD1 1 
ATOM   467 O  OD2 . ASP A 1 65  ? 0.143   3.580   -11.466 1.00 9.46  ? 64   ASP A OD2 1 
ATOM   468 N  N   . TYR A 1 66  ? -2.112  2.343   -7.406  1.00 6.08  ? 65   TYR A N   1 
ATOM   469 C  CA  . TYR A 1 66  ? -3.497  2.049   -7.173  1.00 6.44  ? 65   TYR A CA  1 
ATOM   470 C  C   . TYR A 1 66  ? -3.680  0.624   -6.715  1.00 5.43  ? 65   TYR A C   1 
ATOM   471 O  O   . TYR A 1 66  ? -2.782  -0.195  -6.773  1.00 5.79  ? 65   TYR A O   1 
ATOM   472 C  CB  . TYR A 1 66  ? -4.374  2.289   -8.446  1.00 6.07  ? 65   TYR A CB  1 
ATOM   473 C  CG  . TYR A 1 66  ? -3.948  1.509   -9.677  1.00 4.79  ? 65   TYR A CG  1 
ATOM   474 C  CD1 . TYR A 1 66  ? -4.321  0.195   -9.850  1.00 4.57  ? 65   TYR A CD1 1 
ATOM   475 C  CD2 . TYR A 1 66  ? -3.157  2.111   -10.643 1.00 7.01  ? 65   TYR A CD2 1 
ATOM   476 C  CE1 . TYR A 1 66  ? -3.924  -0.514  -10.980 1.00 9.64  ? 65   TYR A CE1 1 
ATOM   477 C  CE2 . TYR A 1 66  ? -2.712  1.424   -11.767 1.00 5.89  ? 65   TYR A CE2 1 
ATOM   478 C  CZ  . TYR A 1 66  ? -3.143  0.103   -11.938 1.00 9.15  ? 65   TYR A CZ  1 
ATOM   479 O  OH  . TYR A 1 66  ? -2.737  -0.662  -13.027 1.00 12.26 ? 65   TYR A OH  1 
ATOM   480 N  N   . ILE A 1 67  ? -4.914  0.330   -6.282  1.00 6.06  ? 66   ILE A N   1 
ATOM   481 C  CA  . ILE A 1 67  ? -5.365  -1.062  -6.182  1.00 5.82  ? 66   ILE A CA  1 
ATOM   482 C  C   . ILE A 1 67  ? -6.648  -1.198  -7.023  1.00 7.49  ? 66   ILE A C   1 
ATOM   483 O  O   . ILE A 1 67  ? -7.255  -0.186  -7.408  1.00 6.81  ? 66   ILE A O   1 
ATOM   484 C  CB  . ILE A 1 67  ? -5.591  -1.549  -4.737  1.00 6.74  ? 66   ILE A CB  1 
ATOM   485 C  CG1 . ILE A 1 67  ? -6.869  -0.947  -4.171  1.00 5.96  ? 66   ILE A CG1 1 
ATOM   486 C  CG2 . ILE A 1 67  ? -4.347  -1.225  -3.874  1.00 5.02  ? 66   ILE A CG2 1 
ATOM   487 C  CD1 . ILE A 1 67  ? -7.269  -1.482  -2.784  1.00 8.17  ? 66   ILE A CD1 1 
ATOM   488 N  N   . VAL A 1 68  ? -6.959  -2.438  -7.335  1.00 6.61  ? 67   VAL A N   1 
ATOM   489 C  CA  . VAL A 1 68  ? -8.151  -2.829  -8.060  1.00 7.80  ? 67   VAL A CA  1 
ATOM   490 C  C   . VAL A 1 68  ? -8.830  -3.894  -7.226  1.00 7.55  ? 67   VAL A C   1 
ATOM   491 O  O   . VAL A 1 68  ? -8.266  -4.962  -6.923  1.00 7.53  ? 67   VAL A O   1 
ATOM   492 C  CB  . VAL A 1 68  ? -7.880  -3.403  -9.465  1.00 7.30  ? 67   VAL A CB  1 
ATOM   493 C  CG1 . VAL A 1 68  ? -9.262  -3.675  -10.182 1.00 8.35  ? 67   VAL A CG1 1 
ATOM   494 C  CG2 . VAL A 1 68  ? -7.004  -2.478  -10.263 1.00 9.61  ? 67   VAL A CG2 1 
ATOM   495 N  N   . VAL A 1 69  ? -10.079 -3.587  -6.874  1.00 9.05  ? 68   VAL A N   1 
ATOM   496 C  CA  . VAL A 1 69  ? -10.858 -4.390  -5.958  1.00 8.80  ? 68   VAL A CA  1 
ATOM   497 C  C   . VAL A 1 69  ? -12.084 -4.892  -6.690  1.00 8.51  ? 68   VAL A C   1 
ATOM   498 O  O   . VAL A 1 69  ? -12.957 -4.110  -7.038  1.00 9.12  ? 68   VAL A O   1 
ATOM   499 C  CB  . VAL A 1 69  ? -11.328 -3.580  -4.669  1.00 8.30  ? 68   VAL A CB  1 
ATOM   500 C  CG1 . VAL A 1 69  ? -12.077 -4.520  -3.684  1.00 11.61 ? 68   VAL A CG1 1 
ATOM   501 C  CG2 . VAL A 1 69  ? -10.143 -2.892  -3.982  1.00 10.72 ? 68   VAL A CG2 1 
ATOM   502 N  N   . ASN A 1 70  ? -12.114 -6.185  -6.989  1.00 10.26 ? 69   ASN A N   1 
ATOM   503 C  CA  . ASN A 1 70  ? -13.207 -6.713  -7.798  1.00 11.58 ? 69   ASN A CA  1 
ATOM   504 C  C   . ASN A 1 70  ? -13.493 -5.843  -9.016  1.00 12.50 ? 69   ASN A C   1 
ATOM   505 O  O   . ASN A 1 70  ? -14.630 -5.448  -9.248  1.00 14.35 ? 69   ASN A O   1 
ATOM   506 C  CB  . ASN A 1 70  ? -14.439 -6.837  -6.935  1.00 12.43 ? 69   ASN A CB  1 
ATOM   507 C  CG  . ASN A 1 70  ? -14.262 -7.925  -5.860  1.00 12.21 ? 69   ASN A CG  1 
ATOM   508 O  OD1 . ASN A 1 70  ? -13.605 -8.953  -6.124  1.00 13.91 ? 69   ASN A OD1 1 
ATOM   509 N  ND2 . ASN A 1 70  ? -14.761 -7.672  -4.671  1.00 13.17 ? 69   ASN A ND2 1 
ATOM   510 N  N   . GLY A 1 71  ? -12.456 -5.503  -9.768  1.00 12.57 ? 70   GLY A N   1 
ATOM   511 C  CA  . GLY A 1 71  ? -12.600 -4.748  -11.007 1.00 13.34 ? 70   GLY A CA  1 
ATOM   512 C  C   . GLY A 1 71  ? -12.619 -3.244  -10.880 1.00 13.07 ? 70   GLY A C   1 
ATOM   513 O  O   . GLY A 1 71  ? -12.432 -2.533  -11.866 1.00 15.58 ? 70   GLY A O   1 
ATOM   514 N  N   . GLN A 1 72  ? -12.779 -2.734  -9.666  1.00 12.35 ? 71   GLN A N   1 
ATOM   515 C  CA  . GLN A 1 72  ? -12.907 -1.301  -9.464  1.00 12.27 ? 71   GLN A CA  1 
ATOM   516 C  C   . GLN A 1 72  ? -11.596 -0.676  -9.021  1.00 10.46 ? 71   GLN A C   1 
ATOM   517 O  O   . GLN A 1 72  ? -10.975 -1.095  -8.003  1.00 9.01  ? 71   GLN A O   1 
ATOM   518 C  CB  . GLN A 1 72  ? -14.008 -1.050  -8.449  1.00 14.22 ? 71   GLN A CB  1 
ATOM   519 C  CG  . GLN A 1 72  ? -15.354 -1.584  -8.962  1.00 18.18 ? 71   GLN A CG  1 
ATOM   520 C  CD  . GLN A 1 72  ? -16.562 -1.373  -7.973  1.00 23.12 ? 71   GLN A CD  1 
ATOM   521 O  OE1 . GLN A 1 72  ? -17.739 -1.496  -8.372  1.00 28.86 ? 71   GLN A OE1 1 
ATOM   522 N  NE2 . GLN A 1 72  ? -16.271 -1.074  -6.715  1.00 23.36 ? 71   GLN A NE2 1 
ATOM   523 N  N   . THR A 1 73  ? -11.136 0.280   -9.805  1.00 9.73  ? 72   THR A N   1 
ATOM   524 C  CA  . THR A 1 73  ? -9.868  0.967   -9.466  1.00 10.58 ? 72   THR A CA  1 
ATOM   525 C  C   . THR A 1 73  ? -9.993  1.965   -8.295  1.00 9.25  ? 72   THR A C   1 
ATOM   526 O  O   . THR A 1 73  ? -10.929 2.744   -8.252  1.00 10.98 ? 72   THR A O   1 
ATOM   527 C  CB  . THR A 1 73  ? -9.280  1.600   -10.712 1.00 10.55 ? 72   THR A CB  1 
ATOM   528 O  OG1 . THR A 1 73  ? -8.980  0.571   -11.679 1.00 12.89 ? 72   THR A OG1 1 
ATOM   529 C  CG2 . THR A 1 73  ? -8.014  2.323   -10.380 1.00 12.15 ? 72   THR A CG2 1 
ATOM   530 N  N   . ARG A 1 74  ? -9.010  1.962   -7.379  1.00 9.59  ? 73   ARG A N   1 
ATOM   531 C  CA  . ARG A 1 74  ? -8.918  2.899   -6.291  1.00 8.17  ? 73   ARG A CA  1 
ATOM   532 C  C   . ARG A 1 74  ? -7.495  3.476   -6.295  1.00 8.52  ? 73   ARG A C   1 
ATOM   533 O  O   . ARG A 1 74  ? -6.555  2.759   -6.024  1.00 6.46  ? 73   ARG A O   1 
ATOM   534 C  CB  . ARG A 1 74  ? -9.207  2.214   -4.952  1.00 8.92  ? 73   ARG A CB  1 
ATOM   535 C  CG  . ARG A 1 74  ? -10.551 1.553   -4.899  1.00 9.19  ? 73   ARG A CG  1 
ATOM   536 C  CD  . ARG A 1 74  ? -10.869 1.035   -3.529  1.00 10.74 ? 73   ARG A CD  1 
ATOM   537 N  NE  . ARG A 1 74  ? -12.083 0.218   -3.593  1.00 11.82 ? 73   ARG A NE  1 
ATOM   538 C  CZ  . ARG A 1 74  ? -12.610 -0.429  -2.568  1.00 11.43 ? 73   ARG A CZ  1 
ATOM   539 N  NH1 . ARG A 1 74  ? -12.075 -0.306  -1.364  1.00 10.39 ? 73   ARG A NH1 1 
ATOM   540 N  NH2 . ARG A 1 74  ? -13.697 -1.201  -2.745  1.00 10.54 ? 73   ARG A NH2 1 
ATOM   541 N  N   . GLN A 1 75  ? -7.365  4.739   -6.655  1.00 7.54  ? 74   GLN A N   1 
ATOM   542 C  CA  . GLN A 1 75  ? -6.040  5.391   -6.720  1.00 7.09  ? 74   GLN A CA  1 
ATOM   543 C  C   . GLN A 1 75  ? -5.484  5.647   -5.353  1.00 6.84  ? 74   GLN A C   1 
ATOM   544 O  O   . GLN A 1 75  ? -6.195  6.116   -4.477  1.00 8.37  ? 74   GLN A O   1 
ATOM   545 C  CB  . GLN A 1 75  ? -6.119  6.731   -7.474  1.00 7.65  ? 74   GLN A CB  1 
ATOM   546 C  CG  . GLN A 1 75  ? -6.484  6.623   -8.970  1.00 10.18 ? 74   GLN A CG  1 
ATOM   547 C  CD  . GLN A 1 75  ? -5.463  5.942   -9.824  1.00 11.48 ? 74   GLN A CD  1 
ATOM   548 O  OE1 . GLN A 1 75  ? -4.285  5.900   -9.478  1.00 9.54  ? 74   GLN A OE1 1 
ATOM   549 N  NE2 . GLN A 1 75  ? -5.900  5.413   -10.968 1.00 11.70 ? 74   GLN A NE2 1 
ATOM   550 N  N   . ALA A 1 76  ? -4.199  5.349   -5.146  1.00 6.94  ? 75   ALA A N   1 
ATOM   551 C  CA  . ALA A 1 76  ? -3.604  5.530   -3.778  1.00 7.58  ? 75   ALA A CA  1 
ATOM   552 C  C   . ALA A 1 76  ? -3.713  7.045   -3.414  1.00 7.59  ? 75   ALA A C   1 
ATOM   553 O  O   . ALA A 1 76  ? -4.021  7.364   -2.282  1.00 8.04  ? 75   ALA A O   1 
ATOM   554 C  CB  . ALA A 1 76  ? -2.142  5.036   -3.749  1.00 7.63  ? 75   ALA A CB  1 
ATOM   555 N  N   . GLU A 1 77  ? -3.566  7.927   -4.421  1.00 7.32  ? 76   GLU A N   1 
ATOM   556 C  CA  . GLU A 1 77  ? -3.556  9.349   -4.217  1.00 8.85  ? 76   GLU A CA  1 
ATOM   557 C  C   . GLU A 1 77  ? -4.925  9.974   -3.955  1.00 9.11  ? 76   GLU A C   1 
ATOM   558 O  O   . GLU A 1 77  ? -4.998  11.145  -3.538  1.00 9.51  ? 76   GLU A O   1 
ATOM   559 C  CB  . GLU A 1 77  ? -2.829  10.083  -5.361  1.00 10.21 ? 76   GLU A CB  1 
ATOM   560 C  CG  . GLU A 1 77  ? -3.430  9.932   -6.690  1.00 11.09 ? 76   GLU A CG  1 
ATOM   561 C  CD  . GLU A 1 77  ? -2.930  8.710   -7.474  1.00 8.25  ? 76   GLU A CD  1 
ATOM   562 O  OE1 . GLU A 1 77  ? -2.736  8.798   -8.704  1.00 10.83 ? 76   GLU A OE1 1 
ATOM   563 O  OE2 . GLU A 1 77  ? -2.794  7.637   -6.890  1.00 6.55  ? 76   GLU A OE2 1 
ATOM   564 N  N   . ASN A 1 78  ? -5.977  9.190   -4.130  1.00 7.67  ? 77   ASN A N   1 
ATOM   565 C  CA  . ASN A 1 78  ? -7.316  9.587   -3.733  1.00 8.72  ? 77   ASN A CA  1 
ATOM   566 C  C   . ASN A 1 78  ? -7.713  9.125   -2.371  1.00 8.40  ? 77   ASN A C   1 
ATOM   567 O  O   . ASN A 1 78  ? -8.847  9.350   -1.978  1.00 9.98  ? 77   ASN A O   1 
ATOM   568 C  CB  . ASN A 1 78  ? -8.340  9.114   -4.753  1.00 10.02 ? 77   ASN A CB  1 
ATOM   569 C  CG  . ASN A 1 78  ? -8.198  9.830   -6.073  1.00 12.19 ? 77   ASN A CG  1 
ATOM   570 O  OD1 . ASN A 1 78  ? -7.515  10.863  -6.176  1.00 15.57 ? 77   ASN A OD1 1 
ATOM   571 N  ND2 . ASN A 1 78  ? -8.781  9.265   -7.097  1.00 12.21 ? 77   ASN A ND2 1 
ATOM   572 N  N   . GLN A 1 79  ? -6.827  8.433   -1.650  1.00 7.69  ? 78   GLN A N   1 
ATOM   573 C  CA  . GLN A 1 79  ? -7.152  7.982   -0.291  1.00 7.66  ? 78   GLN A CA  1 
ATOM   574 C  C   . GLN A 1 79  ? -6.655  8.976   0.764   1.00 9.10  ? 78   GLN A C   1 
ATOM   575 O  O   . GLN A 1 79  ? -5.532  9.500   0.725   1.00 10.29 ? 78   GLN A O   1 
ATOM   576 C  CB  . GLN A 1 79  ? -6.583  6.599   -0.018  1.00 7.12  ? 78   GLN A CB  1 
ATOM   577 C  CG  . GLN A 1 79  ? -6.809  5.593   -1.178  1.00 5.84  ? 78   GLN A CG  1 
ATOM   578 C  CD  . GLN A 1 79  ? -8.233  5.371   -1.518  1.00 6.37  ? 78   GLN A CD  1 
ATOM   579 O  OE1 . GLN A 1 79  ? -9.054  5.202   -0.611  1.00 7.25  ? 78   GLN A OE1 1 
ATOM   580 N  NE2 . GLN A 1 79  ? -8.563  5.394   -2.788  1.00 5.14  ? 78   GLN A NE2 1 
ATOM   581 N  N   . SER A 1 80  ? -7.490  9.192   1.754   1.00 10.98 ? 79   SER A N   1 
ATOM   582 C  CA  . SER A 1 80  ? -7.219  10.233  2.734   1.00 13.47 ? 79   SER A CA  1 
ATOM   583 C  C   . SER A 1 80  ? -6.308  9.798   3.877   1.00 10.66 ? 79   SER A C   1 
ATOM   584 O  O   . SER A 1 80  ? -5.613  10.641  4.454   1.00 11.88 ? 79   SER A O   1 
ATOM   585 C  CB  . SER A 1 80  ? -8.530  10.883  3.225   1.00 13.39 ? 79   SER A CB  1 
ATOM   586 O  OG  . SER A 1 80  ? -9.204  9.939   4.016   1.00 17.73 ? 79   SER A OG  1 
ATOM   587 N  N   . VAL A 1 81  ? -6.216  8.522   4.163   1.00 10.07 ? 80   VAL A N   1 
ATOM   588 C  CA  . VAL A 1 81  ? -5.345  8.095   5.215   1.00 8.24  ? 80   VAL A CA  1 
ATOM   589 C  C   . VAL A 1 81  ? -4.098  7.455   4.645   1.00 7.76  ? 80   VAL A C   1 
ATOM   590 O  O   . VAL A 1 81  ? -4.157  6.424   3.985   1.00 7.92  ? 80   VAL A O   1 
ATOM   591 C  CB  . VAL A 1 81  ? -6.034  7.116   6.187   1.00 7.79  ? 80   VAL A CB  1 
ATOM   592 C  CG1 . VAL A 1 81  ? -5.007  6.574   7.171   1.00 8.55  ? 80   VAL A CG1 1 
ATOM   593 C  CG2 . VAL A 1 81  ? -7.231  7.798   6.874   1.00 11.50 ? 80   VAL A CG2 1 
ATOM   594 N  N   . ASN A 1 82  ? -2.976  8.085   4.916   1.00 8.20  ? 81   ASN A N   1 
ATOM   595 C  CA  . ASN A 1 82  ? -1.684  7.577   4.524   1.00 8.27  ? 81   ASN A CA  1 
ATOM   596 C  C   . ASN A 1 82  ? -0.763  7.874   5.697   1.00 8.37  ? 81   ASN A C   1 
ATOM   597 O  O   . ASN A 1 82  ? -0.427  9.040   5.954   1.00 9.66  ? 81   ASN A O   1 
ATOM   598 C  CB  . ASN A 1 82  ? -1.213  8.275   3.274   1.00 9.07  ? 81   ASN A CB  1 
ATOM   599 C  CG  . ASN A 1 82  ? 0.171   7.768   2.807   1.00 7.79  ? 81   ASN A CG  1 
ATOM   600 O  OD1 . ASN A 1 82  ? 1.000   7.381   3.641   1.00 7.51  ? 81   ASN A OD1 1 
ATOM   601 N  ND2 . ASN A 1 82  ? 0.409   7.752   1.465   1.00 5.38  ? 81   ASN A ND2 1 
ATOM   602 N  N   . THR A 1 83  ? -0.347  6.838   6.415   1.00 7.34  ? 82   THR A N   1 
ATOM   603 C  CA  . THR A 1 83  ? 0.442   7.007   7.637   1.00 8.18  ? 82   THR A CA  1 
ATOM   604 C  C   . THR A 1 83  ? 1.948   6.893   7.399   1.00 8.81  ? 82   THR A C   1 
ATOM   605 O  O   . THR A 1 83  ? 2.727   7.017   8.329   1.00 8.18  ? 82   THR A O   1 
ATOM   606 C  CB  . THR A 1 83  ? 0.000   6.016   8.748   1.00 8.35  ? 82   THR A CB  1 
ATOM   607 O  OG1 . THR A 1 83  ? 0.365   4.676   8.378   1.00 6.46  ? 82   THR A OG1 1 
ATOM   608 C  CG2 . THR A 1 83  ? -1.507  6.095   8.960   1.00 8.71  ? 82   THR A CG2 1 
ATOM   609 N  N   . GLY A 1 84  ? 2.352   6.693   6.145   1.00 7.92  ? 83   GLY A N   1 
ATOM   610 C  CA  . GLY A 1 84  ? 3.754   6.535   5.833   1.00 8.59  ? 83   GLY A CA  1 
ATOM   611 C  C   . GLY A 1 84  ? 4.368   7.591   4.943   1.00 7.95  ? 83   GLY A C   1 
ATOM   612 O  O   . GLY A 1 84  ? 5.565   7.714   4.895   1.00 8.55  ? 83   GLY A O   1 
ATOM   613 N  N   . VAL A 1 85  ? 3.566   8.421   4.296   1.00 8.16  ? 84   VAL A N   1 
ATOM   614 C  CA  . VAL A 1 85  ? 4.111   9.449   3.447   1.00 7.98  ? 84   VAL A CA  1 
ATOM   615 C  C   . VAL A 1 85  ? 4.916   10.509  4.249   1.00 8.72  ? 84   VAL A C   1 
ATOM   616 O  O   . VAL A 1 85  ? 4.475   10.986  5.292   1.00 8.66  ? 84   VAL A O   1 
ATOM   617 C  CB  . VAL A 1 85  ? 2.973   10.134  2.663   1.00 7.53  ? 84   VAL A CB  1 
ATOM   618 C  CG1 . VAL A 1 85  ? 1.952   10.779  3.607   1.00 5.90  ? 84   VAL A CG1 1 
ATOM   619 C  CG2 . VAL A 1 85  ? 3.532   11.157  1.642   1.00 10.61 ? 84   VAL A CG2 1 
ATOM   620 N  N   . TRP A 1 86  ? 6.075   10.886  3.748   1.00 8.32  ? 85   TRP A N   1 
ATOM   621 C  CA  . TRP A 1 86  ? 6.797   12.062  4.235   1.00 9.07  ? 85   TRP A CA  1 
ATOM   622 C  C   . TRP A 1 86  ? 6.178   13.333  3.652   1.00 9.70  ? 85   TRP A C   1 
ATOM   623 O  O   . TRP A 1 86  ? 6.191   13.562  2.447   1.00 11.34 ? 85   TRP A O   1 
ATOM   624 C  CB  . TRP A 1 86  ? 8.267   11.982  3.824   1.00 10.35 ? 85   TRP A CB  1 
ATOM   625 C  CG  . TRP A 1 86  ? 9.080   13.060  4.405   1.00 11.78 ? 85   TRP A CG  1 
ATOM   626 C  CD1 . TRP A 1 86  ? 9.509   14.214  3.794   1.00 14.91 ? 85   TRP A CD1 1 
ATOM   627 C  CD2 . TRP A 1 86  ? 9.561   13.115  5.735   1.00 13.66 ? 85   TRP A CD2 1 
ATOM   628 N  NE1 . TRP A 1 86  ? 10.268  14.960  4.681   1.00 15.51 ? 85   TRP A NE1 1 
ATOM   629 C  CE2 . TRP A 1 86  ? 10.286  14.312  5.881   1.00 14.08 ? 85   TRP A CE2 1 
ATOM   630 C  CE3 . TRP A 1 86  ? 9.495   12.249  6.803   1.00 16.73 ? 85   TRP A CE3 1 
ATOM   631 C  CZ2 . TRP A 1 86  ? 10.910  14.652  7.041   1.00 16.14 ? 85   TRP A CZ2 1 
ATOM   632 C  CZ3 . TRP A 1 86  ? 10.120  12.618  7.989   1.00 19.34 ? 85   TRP A CZ3 1 
ATOM   633 C  CH2 . TRP A 1 86  ? 10.775  13.821  8.097   1.00 17.81 ? 85   TRP A CH2 1 
ATOM   634 N  N   . ALA A 1 87  ? 5.619   14.155  4.493   1.00 10.78 ? 86   ALA A N   1 
ATOM   635 C  CA  . ALA A 1 87  ? 4.941   15.357  4.049   1.00 10.55 ? 86   ALA A CA  1 
ATOM   636 C  C   . ALA A 1 87  ? 4.911   16.289  5.276   1.00 10.93 ? 86   ALA A C   1 
ATOM   637 O  O   . ALA A 1 87  ? 4.928   15.850  6.447   1.00 10.93 ? 86   ALA A O   1 
ATOM   638 C  CB  . ALA A 1 87  ? 3.556   15.030  3.615   1.00 11.65 ? 86   ALA A CB  1 
ATOM   639 N  N   . ASN A 1 88  ? 4.947   17.578  5.010   1.00 11.12 ? 87   ASN A N   1 
ATOM   640 C  CA  . ASN A 1 88  ? 4.891   18.534  6.122   1.00 12.49 ? 87   ASN A CA  1 
ATOM   641 C  C   . ASN A 1 88  ? 5.984   18.218  7.117   1.00 12.56 ? 87   ASN A C   1 
ATOM   642 O  O   . ASN A 1 88  ? 5.791   18.354  8.325   1.00 12.37 ? 87   ASN A O   1 
ATOM   643 C  CB  . ASN A 1 88  ? 3.480   18.504  6.763   1.00 11.42 ? 87   ASN A CB  1 
ATOM   644 C  CG  . ASN A 1 88  ? 2.404   18.941  5.776   1.00 12.13 ? 87   ASN A CG  1 
ATOM   645 O  OD1 . ASN A 1 88  ? 1.520   18.145  5.435   1.00 16.06 ? 87   ASN A OD1 1 
ATOM   646 N  ND2 . ASN A 1 88  ? 2.567   20.100  5.200   1.00 9.17  ? 87   ASN A ND2 1 
ATOM   647 N  N   . ASN A 1 89  ? 7.141   17.807  6.588   1.00 13.01 ? 88   ASN A N   1 
ATOM   648 C  CA  . ASN A 1 89  ? 8.384   17.555  7.355   1.00 14.26 ? 88   ASN A CA  1 
ATOM   649 C  C   . ASN A 1 89  ? 8.210   16.485  8.439   1.00 13.98 ? 88   ASN A C   1 
ATOM   650 O  O   . ASN A 1 89  ? 8.769   16.601  9.584   1.00 14.43 ? 88   ASN A O   1 
ATOM   651 C  CB  . ASN A 1 89  ? 8.937   18.855  7.960   1.00 14.56 ? 88   ASN A CB  1 
ATOM   652 C  CG  . ASN A 1 89  ? 10.390  18.734  8.386   1.00 18.46 ? 88   ASN A CG  1 
ATOM   653 O  OD1 . ASN A 1 89  ? 11.248  18.406  7.569   1.00 23.16 ? 88   ASN A OD1 1 
ATOM   654 N  ND2 . ASN A 1 89  ? 10.684  19.054  9.657   1.00 23.19 ? 88   ASN A ND2 1 
ATOM   655 N  N   . GLN A 1 90  ? 7.415   15.466  8.127   1.00 13.32 ? 89   GLN A N   1 
ATOM   656 C  CA  . GLN A 1 90  ? 7.142   14.388  9.092   1.00 13.62 ? 89   GLN A CA  1 
ATOM   657 C  C   . GLN A 1 90  ? 6.598   13.144  8.394   1.00 11.46 ? 89   GLN A C   1 
ATOM   658 O  O   . GLN A 1 90  ? 6.023   13.241  7.345   1.00 10.51 ? 89   GLN A O   1 
ATOM   659 C  CB  . GLN A 1 90  ? 6.116   14.830  10.150  1.00 13.61 ? 89   GLN A CB  1 
ATOM   660 C  CG  . GLN A 1 90  ? 4.707   14.770  9.664   1.00 15.64 ? 89   GLN A CG  1 
ATOM   661 C  CD  . GLN A 1 90  ? 3.659   15.005  10.762  1.00 21.04 ? 89   GLN A CD  1 
ATOM   662 O  OE1 . GLN A 1 90  ? 2.875   14.123  11.129  1.00 20.07 ? 89   GLN A OE1 1 
ATOM   663 N  NE2 . GLN A 1 90  ? 3.607   16.216  11.217  1.00 22.88 ? 89   GLN A NE2 1 
ATOM   664 N  N   . CYS A 1 91  ? 6.767   11.997  9.046   1.00 11.55 ? 90   CYS A N   1 
ATOM   665 C  CA  . CYS A 1 91  ? 6.205   10.710  8.640   1.00 10.77 ? 90   CYS A CA  1 
ATOM   666 C  C   . CYS A 1 91  ? 4.705   10.762  8.838   1.00 11.03 ? 90   CYS A C   1 
ATOM   667 O  O   . CYS A 1 91  ? 4.247   11.290  9.836   1.00 10.86 ? 90   CYS A O   1 
ATOM   668 C  CB  . CYS A 1 91  ? 6.744   9.573   9.514   1.00 11.94 ? 90   CYS A CB  1 
ATOM   669 S  SG  . CYS A 1 91  ? 8.485   9.215   9.204   1.00 14.91 ? 90   CYS A SG  1 
ATOM   670 N  N   . GLY A 1 92  ? 3.957   10.214  7.904   1.00 11.09 ? 91   GLY A N   1 
ATOM   671 C  CA  . GLY A 1 92  ? 2.494   10.256  7.908   1.00 11.27 ? 91   GLY A CA  1 
ATOM   672 C  C   . GLY A 1 92  ? 1.965   11.678  7.935   1.00 13.38 ? 91   GLY A C   1 
ATOM   673 O  O   . GLY A 1 92  ? 0.933   11.911  8.531   1.00 14.49 ? 91   GLY A O   1 
ATOM   674 N  N   . GLY A 1 93  ? 2.681   12.618  7.328   1.00 13.84 ? 92   GLY A N   1 
ATOM   675 C  CA  . GLY A 1 93  ? 2.334   14.064  7.414   1.00 15.67 ? 92   GLY A CA  1 
ATOM   676 C  C   . GLY A 1 93  ? 1.163   14.566  6.562   1.00 15.80 ? 92   GLY A C   1 
ATOM   677 O  O   . GLY A 1 93  ? 0.725   15.715  6.714   1.00 16.17 ? 92   GLY A O   1 
ATOM   678 N  N   . SER A 1 94  ? 0.627   13.701  5.689   1.00 14.52 ? 93   SER A N   1 
ATOM   679 C  CA  . SER A 1 94  ? -0.589  13.980  4.949   1.00 15.02 ? 93   SER A CA  1 
ATOM   680 C  C   . SER A 1 94  ? -1.369  12.756  4.503   1.00 15.45 ? 93   SER A C   1 
ATOM   681 O  O   . SER A 1 94  ? -1.012  11.640  4.830   1.00 17.72 ? 93   SER A O   1 
ATOM   682 C  CB  . SER A 1 94  ? -0.263  14.781  3.710   1.00 13.39 ? 93   SER A CB  1 
ATOM   683 O  OG  . SER A 1 94  ? 0.303   13.979  2.710   1.00 14.48 ? 93   SER A OG  1 
ATOM   684 N  N   . GLY A 1 95  ? -2.443  12.983  3.723   1.00 14.17 ? 94   GLY A N   1 
ATOM   685 C  CA  . GLY A 1 95  ? -3.079  11.898  3.007   1.00 11.75 ? 94   GLY A CA  1 
ATOM   686 C  C   . GLY A 1 95  ? -2.844  12.079  1.547   1.00 10.97 ? 94   GLY A C   1 
ATOM   687 O  O   . GLY A 1 95  ? -1.938  12.817  1.163   1.00 9.77  ? 94   GLY A O   1 
ATOM   688 N  N   . ASN A 1 96  ? -3.646  11.418  0.729   1.00 10.10 ? 95   ASN A N   1 
ATOM   689 C  CA  . ASN A 1 96  ? -3.626  11.620  -0.724  1.00 9.51  ? 95   ASN A CA  1 
ATOM   690 C  C   . ASN A 1 96  ? -2.236  11.580  -1.379  1.00 8.85  ? 95   ASN A C   1 
ATOM   691 O  O   . ASN A 1 96  ? -1.805  12.477  -2.121  1.00 8.10  ? 95   ASN A O   1 
ATOM   692 C  CB  . ASN A 1 96  ? -4.358  12.906  -1.034  1.00 10.76 ? 95   ASN A CB  1 
ATOM   693 C  CG  . ASN A 1 96  ? -5.796  12.867  -0.503  1.00 13.36 ? 95   ASN A CG  1 
ATOM   694 O  OD1 . ASN A 1 96  ? -6.095  13.330  0.634   1.00 13.20 ? 95   ASN A OD1 1 
ATOM   695 N  ND2 . ASN A 1 96  ? -6.676  12.271  -1.293  1.00 14.07 ? 95   ASN A ND2 1 
ATOM   696 N  N   . SER A 1 97  ? -1.544  10.498  -1.137  1.00 7.40  ? 96   SER A N   1 
ATOM   697 C  CA  . SER A 1 97  ? -0.232  10.308  -1.759  1.00 7.52  ? 96   SER A CA  1 
ATOM   698 C  C   . SER A 1 97  ? -0.061  8.868   -2.150  1.00 5.23  ? 96   SER A C   1 
ATOM   699 O  O   . SER A 1 97  ? -0.546  7.973   -1.479  1.00 5.48  ? 96   SER A O   1 
ATOM   700 C  CB  . SER A 1 97  ? 0.902   10.664  -0.784  1.00 7.39  ? 96   SER A CB  1 
ATOM   701 O  OG  . SER A 1 97  ? 2.205   10.514  -1.409  1.00 6.90  ? 96   SER A OG  1 
ATOM   702 N  N   . GLU A 1 98  ? 0.667   8.622   -3.232  1.00 5.39  ? 97   GLU A N   1 
ATOM   703 C  CA  . GLU A 1 98  ? 1.068   7.282   -3.602  1.00 5.64  ? 97   GLU A CA  1 
ATOM   704 C  C   . GLU A 1 98  ? 2.180   6.699   -2.741  1.00 5.42  ? 97   GLU A C   1 
ATOM   705 O  O   . GLU A 1 98  ? 2.454   5.496   -2.795  1.00 6.38  ? 97   GLU A O   1 
ATOM   706 C  CB  . GLU A 1 98  ? 1.577   7.309   -5.056  1.00 5.46  ? 97   GLU A CB  1 
ATOM   707 C  CG  . GLU A 1 98  ? 0.496   7.630   -6.048  1.00 5.87  ? 97   GLU A CG  1 
ATOM   708 C  CD  . GLU A 1 98  ? 0.915   7.410   -7.492  1.00 9.11  ? 97   GLU A CD  1 
ATOM   709 O  OE1 . GLU A 1 98  ? 2.070   7.674   -7.897  1.00 10.52 ? 97   GLU A OE1 1 
ATOM   710 O  OE2 . GLU A 1 98  ? 0.110   6.982   -8.285  1.00 6.73  ? 97   GLU A OE2 1 
ATOM   711 N  N   . TRP A 1 99  ? 2.916   7.585   -2.038  1.00 5.59  ? 98   TRP A N   1 
ATOM   712 C  CA  . TRP A 1 99  ? 4.189   7.238   -1.390  1.00 5.57  ? 98   TRP A CA  1 
ATOM   713 C  C   . TRP A 1 99  ? 4.046   6.801   0.055   1.00 8.00  ? 98   TRP A C   1 
ATOM   714 O  O   . TRP A 1 99  ? 3.270   7.388   0.834   1.00 6.86  ? 98   TRP A O   1 
ATOM   715 C  CB  . TRP A 1 99  ? 5.184   8.391   -1.543  1.00 6.09  ? 98   TRP A CB  1 
ATOM   716 C  CG  . TRP A 1 99  ? 5.697   8.501   -2.946  1.00 6.30  ? 98   TRP A CG  1 
ATOM   717 C  CD1 . TRP A 1 99  ? 5.146   9.234   -3.930  1.00 8.19  ? 98   TRP A CD1 1 
ATOM   718 C  CD2 . TRP A 1 99  ? 6.786   7.769   -3.555  1.00 6.05  ? 98   TRP A CD2 1 
ATOM   719 N  NE1 . TRP A 1 99  ? 5.808   9.033   -5.103  1.00 7.13  ? 98   TRP A NE1 1 
ATOM   720 C  CE2 . TRP A 1 99  ? 6.849   8.171   -4.892  1.00 6.20  ? 98   TRP A CE2 1 
ATOM   721 C  CE3 . TRP A 1 99  ? 7.748   6.887   -3.084  1.00 5.80  ? 98   TRP A CE3 1 
ATOM   722 C  CZ2 . TRP A 1 99  ? 7.787   7.648   -5.772  1.00 7.98  ? 98   TRP A CZ2 1 
ATOM   723 C  CZ3 . TRP A 1 99  ? 8.663   6.381   -3.959  1.00 6.41  ? 98   TRP A CZ3 1 
ATOM   724 C  CH2 . TRP A 1 99  ? 8.715   6.776   -5.251  1.00 8.29  ? 98   TRP A CH2 1 
ATOM   725 N  N   . LEU A 1 100 ? 4.778   5.743   0.413   1.00 4.55  ? 99   LEU A N   1 
ATOM   726 C  CA  . LEU A 1 100 ? 5.029   5.405   1.782   1.00 5.57  ? 99   LEU A CA  1 
ATOM   727 C  C   . LEU A 1 100 ? 6.551   5.469   1.953   1.00 5.16  ? 99   LEU A C   1 
ATOM   728 O  O   . LEU A 1 100 ? 7.259   4.555   1.555   1.00 5.94  ? 99   LEU A O   1 
ATOM   729 C  CB  . LEU A 1 100 ? 4.531   4.009   2.108   1.00 4.44  ? 99   LEU A CB  1 
ATOM   730 C  CG  . LEU A 1 100 ? 3.013   3.866   2.008   1.00 8.93  ? 99   LEU A CG  1 
ATOM   731 C  CD1 . LEU A 1 100 ? 2.501   2.446   2.020   1.00 10.56 ? 99   LEU A CD1 1 
ATOM   732 C  CD2 . LEU A 1 100 ? 2.400   4.519   3.225   1.00 11.27 ? 99   LEU A CD2 1 
ATOM   733 N  N   . HIS A 1 101 ? 7.015   6.579   2.519   1.00 6.17  ? 100  HIS A N   1 
ATOM   734 C  CA  . HIS A 1 101 ? 8.469   6.831   2.805   1.00 6.36  ? 100  HIS A CA  1 
ATOM   735 C  C   . HIS A 1 101 ? 8.875   6.221   4.137   1.00 7.30  ? 100  HIS A C   1 
ATOM   736 O  O   . HIS A 1 101 ? 9.964   5.668   4.269   1.00 7.70  ? 100  HIS A O   1 
ATOM   737 C  CB  . HIS A 1 101 ? 8.813   8.326   2.827   1.00 7.16  ? 100  HIS A CB  1 
ATOM   738 C  CG  . HIS A 1 101 ? 8.421   9.060   1.596   1.00 5.75  ? 100  HIS A CG  1 
ATOM   739 N  ND1 . HIS A 1 101 ? 9.177   9.054   0.444   1.00 11.55 ? 100  HIS A ND1 1 
ATOM   740 C  CD2 . HIS A 1 101 ? 7.324   9.805   1.328   1.00 3.03  ? 100  HIS A CD2 1 
ATOM   741 C  CE1 . HIS A 1 101 ? 8.569   9.761   -0.485  1.00 5.93  ? 100  HIS A CE1 1 
ATOM   742 N  NE2 . HIS A 1 101 ? 7.454   10.254  0.044   1.00 11.55 ? 100  HIS A NE2 1 
ATOM   743 N  N   . CYS A 1 102 ? 8.020   6.324   5.136   1.00 7.07  ? 101  CYS A N   1 
ATOM   744 C  CA  . CYS A 1 102 ? 8.204   5.667   6.422   1.00 8.24  ? 101  CYS A CA  1 
ATOM   745 C  C   . CYS A 1 102 ? 7.281   4.455   6.554   1.00 7.78  ? 101  CYS A C   1 
ATOM   746 O  O   . CYS A 1 102 ? 6.326   4.290   5.765   1.00 8.34  ? 101  CYS A O   1 
ATOM   747 C  CB  . CYS A 1 102 ? 7.816   6.674   7.509   1.00 7.64  ? 101  CYS A CB  1 
ATOM   748 S  SG  . CYS A 1 102 ? 8.562   8.361   7.295   1.00 11.73 ? 101  CYS A SG  1 
ATOM   749 N  N   . ASN A 1 103 ? 7.528   3.608   7.560   1.00 8.02  ? 102  ASN A N   1 
ATOM   750 C  CA  . ASN A 1 103 ? 6.582   2.521   7.828   1.00 7.74  ? 102  ASN A CA  1 
ATOM   751 C  C   . ASN A 1 103 ? 5.198   3.087   8.085   1.00 8.63  ? 102  ASN A C   1 
ATOM   752 O  O   . ASN A 1 103 ? 5.065   4.122   8.729   1.00 7.69  ? 102  ASN A O   1 
ATOM   753 C  CB  . ASN A 1 103 ? 7.001   1.682   9.037   1.00 9.04  ? 102  ASN A CB  1 
ATOM   754 C  CG  . ASN A 1 103 ? 8.189   0.768   8.738   1.00 8.88  ? 102  ASN A CG  1 
ATOM   755 O  OD1 . ASN A 1 103 ? 8.347   0.263   7.611   1.00 7.77  ? 102  ASN A OD1 1 
ATOM   756 N  ND2 . ASN A 1 103 ? 9.027   0.567   9.773   1.00 12.08 ? 102  ASN A ND2 1 
ATOM   757 N  N   . GLY A 1 104 ? 4.179   2.416   7.586   1.00 6.58  ? 103  GLY A N   1 
ATOM   758 C  CA  . GLY A 1 104 ? 2.857   2.975   7.612   1.00 7.97  ? 103  GLY A CA  1 
ATOM   759 C  C   . GLY A 1 104 ? 2.024   2.306   6.533   1.00 7.32  ? 103  GLY A C   1 
ATOM   760 O  O   . GLY A 1 104 ? 2.461   1.318   5.875   1.00 9.71  ? 103  GLY A O   1 
ATOM   761 N  N   . TYR A 1 105 ? 0.797   2.787   6.355   1.00 7.23  ? 104  TYR A N   1 
ATOM   762 C  CA  . TYR A 1 105 ? -0.085  2.194   5.415   1.00 5.70  ? 104  TYR A CA  1 
ATOM   763 C  C   . TYR A 1 105 ? -0.983  3.250   4.718   1.00 6.04  ? 104  TYR A C   1 
ATOM   764 O  O   . TYR A 1 105 ? -1.154  4.417   5.211   1.00 5.11  ? 104  TYR A O   1 
ATOM   765 C  CB  . TYR A 1 105 ? -0.962  1.176   6.159   1.00 6.02  ? 104  TYR A CB  1 
ATOM   766 C  CG  . TYR A 1 105 ? -1.843  1.797   7.227   1.00 6.33  ? 104  TYR A CG  1 
ATOM   767 C  CD1 . TYR A 1 105 ? -1.451  1.820   8.592   1.00 10.52 ? 104  TYR A CD1 1 
ATOM   768 C  CD2 . TYR A 1 105 ? -3.081  2.362   6.879   1.00 9.74  ? 104  TYR A CD2 1 
ATOM   769 C  CE1 . TYR A 1 105 ? -2.257  2.397   9.535   1.00 11.05 ? 104  TYR A CE1 1 
ATOM   770 C  CE2 . TYR A 1 105 ? -3.877  2.954   7.825   1.00 10.89 ? 104  TYR A CE2 1 
ATOM   771 C  CZ  . TYR A 1 105 ? -3.464  2.965   9.140   1.00 12.40 ? 104  TYR A CZ  1 
ATOM   772 O  OH  . TYR A 1 105 ? -4.290  3.544   10.077  1.00 14.77 ? 104  TYR A OH  1 
ATOM   773 N  N   . ILE A 1 106 ? -1.495  2.827   3.574   1.00 5.63  ? 105  ILE A N   1 
ATOM   774 C  CA  . ILE A 1 106 ? -2.563  3.549   2.893   1.00 4.83  ? 105  ILE A CA  1 
ATOM   775 C  C   . ILE A 1 106 ? -3.844  2.774   3.104   1.00 6.40  ? 105  ILE A C   1 
ATOM   776 O  O   . ILE A 1 106 ? -3.866  1.527   2.895   1.00 7.35  ? 105  ILE A O   1 
ATOM   777 C  CB  . ILE A 1 106 ? -2.295  3.729   1.388   1.00 4.76  ? 105  ILE A CB  1 
ATOM   778 C  CG1 . ILE A 1 106 ? -0.980  4.468   1.161   1.00 5.51  ? 105  ILE A CG1 1 
ATOM   779 C  CG2 . ILE A 1 106 ? -3.458  4.528   0.707   1.00 5.39  ? 105  ILE A CG2 1 
ATOM   780 C  CD1 . ILE A 1 106 ? -0.562  4.540   -0.193  1.00 8.19  ? 105  ILE A CD1 1 
ATOM   781 N  N   . SER A 1 107 ? -4.904  3.470   3.601   1.00 6.80  ? 106  SER A N   1 
ATOM   782 C  CA  . SER A 1 107 ? -6.219  2.855   3.761   1.00 6.16  ? 106  SER A CA  1 
ATOM   783 C  C   . SER A 1 107 ? -7.018  3.059   2.508   1.00 7.20  ? 106  SER A C   1 
ATOM   784 O  O   . SER A 1 107 ? -7.190  4.200   2.089   1.00 9.08  ? 106  SER A O   1 
ATOM   785 C  CB  . SER A 1 107 ? -6.989  3.435   4.906   1.00 7.03  ? 106  SER A CB  1 
ATOM   786 O  OG  . SER A 1 107 ? -8.233  2.744   4.896   1.00 8.20  ? 106  SER A OG  1 
ATOM   787 N  N   . PHE A 1 108 ? -7.517  1.974   1.915   1.00 7.87  ? 107  PHE A N   1 
ATOM   788 C  CA  . PHE A 1 108 ? -8.357  2.050   0.717   1.00 7.48  ? 107  PHE A CA  1 
ATOM   789 C  C   . PHE A 1 108 ? -9.882  1.856   1.017   1.00 8.31  ? 107  PHE A C   1 
ATOM   790 O  O   . PHE A 1 108 ? -10.687 1.667   0.117   1.00 9.42  ? 107  PHE A O   1 
ATOM   791 C  CB  . PHE A 1 108 ? -7.859  1.061   -0.356  1.00 6.66  ? 107  PHE A CB  1 
ATOM   792 C  CG  . PHE A 1 108 ? -6.514  1.419   -0.953  1.00 7.41  ? 107  PHE A CG  1 
ATOM   793 C  CD1 . PHE A 1 108 ? -5.309  1.020   -0.302  1.00 9.50  ? 107  PHE A CD1 1 
ATOM   794 C  CD2 . PHE A 1 108 ? -6.420  2.097   -2.203  1.00 6.60  ? 107  PHE A CD2 1 
ATOM   795 C  CE1 . PHE A 1 108 ? -4.096  1.361   -0.887  1.00 8.43  ? 107  PHE A CE1 1 
ATOM   796 C  CE2 . PHE A 1 108 ? -5.196  2.402   -2.764  1.00 6.87  ? 107  PHE A CE2 1 
ATOM   797 C  CZ  . PHE A 1 108 ? -4.055  2.064   -2.123  1.00 7.67  ? 107  PHE A CZ  1 
ATOM   798 N  N   . GLY A 1 109 ? -10.234 1.920   2.281   1.00 8.93  ? 108  GLY A N   1 
ATOM   799 C  CA  . GLY A 1 109 ? -11.578 1.676   2.738   1.00 9.73  ? 108  GLY A CA  1 
ATOM   800 C  C   . GLY A 1 109 ? -12.081 0.266   2.640   1.00 9.76  ? 108  GLY A C   1 
ATOM   801 O  O   . GLY A 1 109 ? -11.374 -0.713  2.249   1.00 8.75  ? 108  GLY A O   1 
ATOM   802 N  N   . ASN A 1 110 ? -13.358 0.116   2.987   1.00 10.85 ? 109  ASN A N   1 
ATOM   803 C  CA  . ASN A 1 110 ? -13.974 -1.211  2.983   1.00 12.31 ? 109  ASN A CA  1 
ATOM   804 C  C   . ASN A 1 110 ? -13.864 -1.864  1.644   1.00 12.21 ? 109  ASN A C   1 
ATOM   805 O  O   . ASN A 1 110 ? -13.944 -1.147  0.664   1.00 11.29 ? 109  ASN A O   1 
ATOM   806 C  CB  . ASN A 1 110 ? -15.448 -1.121  3.378   1.00 13.21 ? 109  ASN A CB  1 
ATOM   807 C  CG  . ASN A 1 110 ? -15.604 -0.862  4.825   1.00 17.92 ? 109  ASN A CG  1 
ATOM   808 O  OD1 . ASN A 1 110 ? -15.110 -1.642  5.637   1.00 26.95 ? 109  ASN A OD1 1 
ATOM   809 N  ND2 . ASN A 1 110 ? -16.245 0.280   5.177   1.00 22.49 ? 109  ASN A ND2 1 
ATOM   810 N  N   . VAL A 1 111 ? -13.713 -3.197  1.619   1.00 12.79 ? 110  VAL A N   1 
ATOM   811 C  CA  . VAL A 1 111 ? -13.906 -3.981  0.370   1.00 15.14 ? 110  VAL A CA  1 
ATOM   812 C  C   . VAL A 1 111 ? -15.292 -3.737  -0.257  1.00 16.47 ? 110  VAL A C   1 
ATOM   813 O  O   . VAL A 1 111 ? -15.313 -3.268  -1.425  1.00 15.01 ? 110  VAL A O   1 
ATOM   814 C  CB  . VAL A 1 111 ? -13.678 -5.506  0.593   1.00 15.97 ? 110  VAL A CB  1 
ATOM   815 C  CG1 . VAL A 1 111 ? -13.820 -6.309  -0.738  1.00 20.02 ? 110  VAL A CG1 1 
ATOM   816 C  CG2 . VAL A 1 111 ? -12.375 -5.744  1.163   1.00 14.45 ? 110  VAL A CG2 1 
HETATM 817 C  C1  . GAL B 2 .   ? 14.331  13.476  1.826   1.00 13.98 ? 1    GAL B C1  1 
HETATM 818 C  C2  . GAL B 2 .   ? 13.425  12.341  1.452   1.00 10.21 ? 1    GAL B C2  1 
HETATM 819 C  C3  . GAL B 2 .   ? 12.231  12.257  2.398   1.00 8.51  ? 1    GAL B C3  1 
HETATM 820 C  C4  . GAL B 2 .   ? 12.665  12.063  3.825   1.00 10.73 ? 1    GAL B C4  1 
HETATM 821 C  C5  . GAL B 2 .   ? 13.743  13.124  4.087   1.00 11.51 ? 1    GAL B C5  1 
HETATM 822 C  C6  . GAL B 2 .   ? 14.284  13.085  5.492   1.00 19.48 ? 1    GAL B C6  1 
HETATM 823 O  O1  . GAL B 2 .   ? 15.381  13.518  0.830   1.00 19.30 ? 1    GAL B O1  1 
HETATM 824 O  O2  . GAL B 2 .   ? 12.961  12.625  0.189   1.00 11.68 ? 1    GAL B O2  1 
HETATM 825 O  O3  . GAL B 2 .   ? 11.435  11.196  2.025   1.00 8.19  ? 1    GAL B O3  1 
HETATM 826 O  O4  . GAL B 2 .   ? 13.204  10.724  3.903   1.00 10.94 ? 1    GAL B O4  1 
HETATM 827 O  O5  . GAL B 2 .   ? 14.795  13.124  3.114   1.00 14.17 ? 1    GAL B O5  1 
HETATM 828 O  O6  . GAL B 2 .   ? 15.344  14.035  5.524   1.00 26.53 ? 1    GAL B O6  1 
HETATM 829 C  C1  . GAL B 2 .   ? 12.796  9.962   5.032   1.00 8.78  ? 2    GAL B C1  1 
HETATM 830 C  C2  . GAL B 2 .   ? 12.731  8.426   4.812   1.00 6.23  ? 2    GAL B C2  1 
HETATM 831 C  C3  . GAL B 2 .   ? 12.332  7.541   5.978   1.00 6.70  ? 2    GAL B C3  1 
HETATM 832 C  C4  . GAL B 2 .   ? 12.898  8.061   7.316   1.00 11.15 ? 2    GAL B C4  1 
HETATM 833 C  C5  . GAL B 2 .   ? 12.761  9.607   7.402   1.00 12.00 ? 2    GAL B C5  1 
HETATM 834 C  C6  . GAL B 2 .   ? 13.453  10.125  8.683   1.00 15.26 ? 2    GAL B C6  1 
HETATM 835 O  O2  . GAL B 2 .   ? 12.218  7.939   3.579   1.00 6.33  ? 2    GAL B O2  1 
HETATM 836 O  O3  . GAL B 2 .   ? 12.738  6.204   5.681   1.00 8.13  ? 2    GAL B O3  1 
HETATM 837 O  O4  . GAL B 2 .   ? 14.274  7.731   7.507   1.00 11.07 ? 2    GAL B O4  1 
HETATM 838 O  O5  . GAL B 2 .   ? 13.192  10.409  6.309   1.00 9.74  ? 2    GAL B O5  1 
HETATM 839 O  O6  . GAL B 2 .   ? 12.880  11.335  9.022   1.00 18.89 ? 2    GAL B O6  1 
HETATM 840 CA CA  . CA  C 3 .   ? 12.173  5.384   3.528   1.00 6.48  ? 1113 CA  A CA  1 
HETATM 841 CA CA  . CA  D 3 .   ? -2.112  6.460   -8.972  1.00 8.35  ? 1114 CA  A CA  1 
HETATM 842 O  O   . HOH E 4 .   ? -7.969  -9.892  -11.436 1.00 43.86 ? 2001 HOH A O   1 
HETATM 843 O  O   . HOH E 4 .   ? -7.975  -8.098  -8.585  1.00 33.03 ? 2002 HOH A O   1 
HETATM 844 O  O   . HOH E 4 .   ? 2.655   -4.650  -15.456 1.00 35.51 ? 2003 HOH A O   1 
HETATM 845 O  O   . HOH E 4 .   ? 1.270   -0.265  9.294   1.00 27.09 ? 2004 HOH A O   1 
HETATM 846 O  O   . HOH E 4 .   ? 8.855   -12.845 -1.566  1.00 36.46 ? 2005 HOH A O   1 
HETATM 847 O  O   . HOH E 4 .   ? 17.268  1.381   -7.463  1.00 24.27 ? 2006 HOH A O   1 
HETATM 848 O  O   . HOH E 4 .   ? 15.185  -7.892  -2.596  1.00 19.71 ? 2007 HOH A O   1 
HETATM 849 O  O   . HOH E 4 .   ? 13.312  -7.331  1.793   1.00 27.10 ? 2008 HOH A O   1 
HETATM 850 O  O   . HOH E 4 .   ? -5.035  -15.580 -5.223  1.00 20.36 ? 2009 HOH A O   1 
HETATM 851 O  O   . HOH E 4 .   ? 8.181   -9.491  1.803   1.00 14.92 ? 2010 HOH A O   1 
HETATM 852 O  O   . HOH E 4 .   ? 2.838   -7.823  7.951   1.00 31.15 ? 2011 HOH A O   1 
HETATM 853 O  O   . HOH E 4 .   ? 4.692   -2.449  10.600  1.00 25.41 ? 2012 HOH A O   1 
HETATM 854 O  O   . HOH E 4 .   ? 8.145   -1.506  12.826  1.00 28.95 ? 2013 HOH A O   1 
HETATM 855 O  O   . HOH E 4 .   ? 7.112   -7.680  9.567   1.00 32.59 ? 2014 HOH A O   1 
HETATM 856 O  O   . HOH E 4 .   ? 0.719   -3.685  10.039  1.00 32.92 ? 2015 HOH A O   1 
HETATM 857 O  O   . HOH E 4 .   ? -5.286  -3.864  9.057   1.00 22.63 ? 2016 HOH A O   1 
HETATM 858 O  O   . HOH E 4 .   ? 0.700   -7.355  7.922   1.00 33.67 ? 2017 HOH A O   1 
HETATM 859 O  O   . HOH E 4 .   ? -2.284  -1.763  9.566   1.00 20.51 ? 2018 HOH A O   1 
HETATM 860 O  O   . HOH E 4 .   ? -8.909  -8.480  12.854  1.00 19.47 ? 2019 HOH A O   1 
HETATM 861 O  O   . HOH E 4 .   ? -10.511 -9.507  9.705   1.00 24.13 ? 2020 HOH A O   1 
HETATM 862 O  O   . HOH E 4 .   ? -2.627  -7.779  10.057  1.00 23.29 ? 2021 HOH A O   1 
HETATM 863 O  O   . HOH E 4 .   ? -4.371  -10.540 12.486  1.00 43.20 ? 2022 HOH A O   1 
HETATM 864 O  O   . HOH E 4 .   ? -5.484  -4.822  -13.132 1.00 16.07 ? 2023 HOH A O   1 
HETATM 865 O  O   . HOH E 4 .   ? -3.356  -11.534 10.123  1.00 9.59  ? 2024 HOH A O   1 
HETATM 866 O  O   . HOH E 4 .   ? -0.864  -13.684 5.560   1.00 8.50  ? 2025 HOH A O   1 
HETATM 867 O  O   . HOH E 4 .   ? -4.190  -15.172 1.056   1.00 8.79  ? 2026 HOH A O   1 
HETATM 868 O  O   . HOH E 4 .   ? 2.258   -16.466 -0.820  1.00 16.48 ? 2027 HOH A O   1 
HETATM 869 O  O   . HOH E 4 .   ? 6.859   -11.989 1.133   1.00 30.29 ? 2028 HOH A O   1 
HETATM 870 O  O   . HOH E 4 .   ? 1.709   -12.536 4.915   1.00 18.35 ? 2029 HOH A O   1 
HETATM 871 O  O   . HOH E 4 .   ? 2.296   -13.870 2.442   1.00 16.83 ? 2030 HOH A O   1 
HETATM 872 O  O   . HOH E 4 .   ? 0.848   -12.963 -5.568  1.00 28.38 ? 2031 HOH A O   1 
HETATM 873 O  O   . HOH E 4 .   ? 12.044  -11.314 -1.285  1.00 38.70 ? 2032 HOH A O   1 
HETATM 874 O  O   . HOH E 4 .   ? 7.659   -11.239 -3.150  1.00 22.00 ? 2033 HOH A O   1 
HETATM 875 O  O   . HOH E 4 .   ? 12.315  -7.820  -5.595  1.00 20.43 ? 2034 HOH A O   1 
HETATM 876 O  O   . HOH E 4 .   ? 7.488   21.677  10.192  1.00 44.36 ? 2035 HOH A O   1 
HETATM 877 O  O   . HOH E 4 .   ? 15.814  0.520   -11.011 1.00 22.40 ? 2036 HOH A O   1 
HETATM 878 O  O   . HOH E 4 .   ? 6.287   -0.812  -14.923 1.00 11.10 ? 2037 HOH A O   1 
HETATM 879 O  O   . HOH E 4 .   ? 8.250   1.093   -13.730 1.00 21.35 ? 2038 HOH A O   1 
HETATM 880 O  O   . HOH E 4 .   ? 2.882   -6.826  -13.407 1.00 14.04 ? 2039 HOH A O   1 
HETATM 881 O  O   . HOH E 4 .   ? -2.404  -7.743  -13.141 1.00 30.30 ? 2040 HOH A O   1 
HETATM 882 O  O   . HOH E 4 .   ? 3.302   -10.377 -8.014  1.00 27.94 ? 2041 HOH A O   1 
HETATM 883 O  O   . HOH E 4 .   ? 8.040   -8.799  -6.994  1.00 15.14 ? 2042 HOH A O   1 
HETATM 884 O  O   . HOH E 4 .   ? 7.088   -3.990  -7.921  1.00 6.30  ? 2043 HOH A O   1 
HETATM 885 O  O   . HOH E 4 .   ? -2.122  -14.779 -4.021  1.00 33.85 ? 2044 HOH A O   1 
HETATM 886 O  O   . HOH E 4 .   ? 0.548   -11.810 -7.751  1.00 21.68 ? 2045 HOH A O   1 
HETATM 887 O  O   . HOH E 4 .   ? -5.284  -10.679 -7.863  1.00 35.76 ? 2046 HOH A O   1 
HETATM 888 O  O   . HOH E 4 .   ? -6.725  -15.140 1.497   1.00 9.42  ? 2047 HOH A O   1 
HETATM 889 O  O   . HOH E 4 .   ? -10.461 -14.034 -6.345  1.00 23.32 ? 2048 HOH A O   1 
HETATM 890 O  O   . HOH E 4 .   ? -4.349  -14.223 -1.613  1.00 10.86 ? 2049 HOH A O   1 
HETATM 891 O  O   . HOH E 4 .   ? -8.379  -14.500 3.699   1.00 9.99  ? 2050 HOH A O   1 
HETATM 892 O  O   . HOH E 4 .   ? -15.681 -16.380 -1.425  1.00 9.38  ? 2051 HOH A O   1 
HETATM 893 O  O   . HOH E 4 .   ? -13.012 -9.266  8.632   1.00 27.22 ? 2052 HOH A O   1 
HETATM 894 O  O   . HOH E 4 .   ? -15.967 -4.065  3.474   1.00 22.74 ? 2053 HOH A O   1 
HETATM 895 O  O   . HOH E 4 .   ? -12.453 -3.565  8.969   1.00 13.89 ? 2054 HOH A O   1 
HETATM 896 O  O   . HOH E 4 .   ? -7.768  3.984   8.494   1.00 29.62 ? 2055 HOH A O   1 
HETATM 897 O  O   . HOH E 4 .   ? -7.154  -3.793  7.565   1.00 12.47 ? 2056 HOH A O   1 
HETATM 898 O  O   . HOH E 4 .   ? -11.312 -1.304  10.359  1.00 24.74 ? 2057 HOH A O   1 
HETATM 899 O  O   . HOH E 4 .   ? 3.637   -0.531  8.813   1.00 17.41 ? 2058 HOH A O   1 
HETATM 900 O  O   . HOH E 4 .   ? 7.124   -2.906  10.792  1.00 19.27 ? 2059 HOH A O   1 
HETATM 901 O  O   . HOH E 4 .   ? 8.749   -6.328  7.517   1.00 17.40 ? 2060 HOH A O   1 
HETATM 902 O  O   . HOH E 4 .   ? 5.336   -6.527  4.681   1.00 13.45 ? 2061 HOH A O   1 
HETATM 903 O  O   . HOH E 4 .   ? 13.474  -6.845  5.151   1.00 18.69 ? 2062 HOH A O   1 
HETATM 904 O  O   . HOH E 4 .   ? 11.662  -0.789  9.681   1.00 11.17 ? 2063 HOH A O   1 
HETATM 905 O  O   . HOH E 4 .   ? 15.176  -0.897  9.493   1.00 17.92 ? 2064 HOH A O   1 
HETATM 906 O  O   . HOH E 4 .   ? 9.792   4.327   9.195   1.00 9.41  ? 2065 HOH A O   1 
HETATM 907 O  O   . HOH E 4 .   ? 17.364  -6.786  2.378   1.00 23.19 ? 2066 HOH A O   1 
HETATM 908 O  O   . HOH E 4 .   ? 14.428  5.663   3.028   1.00 11.10 ? 2067 HOH A O   1 
HETATM 909 O  O   . HOH E 4 .   ? 16.925  -6.613  5.553   1.00 19.49 ? 2068 HOH A O   1 
HETATM 910 O  O   . HOH E 4 .   ? 15.052  6.383   0.233   1.00 19.56 ? 2069 HOH A O   1 
HETATM 911 O  O   . HOH E 4 .   ? 12.093  8.746   -2.544  1.00 9.24  ? 2070 HOH A O   1 
HETATM 912 O  O   . HOH E 4 .   ? -1.577  4.967   -13.170 1.00 17.91 ? 2071 HOH A O   1 
HETATM 913 O  O   . HOH E 4 .   ? 1.573   1.999   -13.100 1.00 20.31 ? 2072 HOH A O   1 
HETATM 914 O  O   . HOH E 4 .   ? -3.064  -3.098  -13.083 1.00 18.74 ? 2073 HOH A O   1 
HETATM 915 O  O   . HOH E 4 .   ? -16.060 -10.848 -6.358  1.00 19.50 ? 2074 HOH A O   1 
HETATM 916 O  O   . HOH E 4 .   ? -13.551 -10.451 -8.429  1.00 33.84 ? 2075 HOH A O   1 
HETATM 917 O  O   . HOH E 4 .   ? -16.138 -5.866  -11.966 1.00 31.32 ? 2076 HOH A O   1 
HETATM 918 O  O   . HOH E 4 .   ? -17.368 -4.612  -8.067  1.00 35.80 ? 2077 HOH A O   1 
HETATM 919 O  O   . HOH E 4 .   ? -10.407 -2.747  -13.616 1.00 21.94 ? 2078 HOH A O   1 
HETATM 920 O  O   . HOH E 4 .   ? -10.028 -6.958  -9.525  1.00 24.33 ? 2079 HOH A O   1 
HETATM 921 O  O   . HOH E 4 .   ? -17.678 -0.827  -4.020  1.00 38.71 ? 2080 HOH A O   1 
HETATM 922 O  O   . HOH E 4 .   ? -14.769 -2.288  -5.318  1.00 19.90 ? 2081 HOH A O   1 
HETATM 923 O  O   . HOH E 4 .   ? -12.206 1.090   -12.143 1.00 22.91 ? 2082 HOH A O   1 
HETATM 924 O  O   . HOH E 4 .   ? -9.670  6.391   -7.393  1.00 9.15  ? 2083 HOH A O   1 
HETATM 925 O  O   . HOH E 4 .   ? -2.173  7.322   -11.162 1.00 10.55 ? 2084 HOH A O   1 
HETATM 926 O  O   . HOH E 4 .   ? -5.422  13.174  -5.865  1.00 40.51 ? 2085 HOH A O   1 
HETATM 927 O  O   . HOH E 4 .   ? -5.517  10.196  -9.494  1.00 36.40 ? 2086 HOH A O   1 
HETATM 928 O  O   . HOH E 4 .   ? -1.081  11.031  -9.427  1.00 24.54 ? 2087 HOH A O   1 
HETATM 929 O  O   . HOH E 4 .   ? -8.281  10.308  -9.913  1.00 16.43 ? 2088 HOH A O   1 
HETATM 930 O  O   . HOH E 4 .   ? -9.624  11.711  -0.613  1.00 21.94 ? 2089 HOH A O   1 
HETATM 931 O  O   . HOH E 4 .   ? -2.927  8.369   0.262   1.00 8.85  ? 2090 HOH A O   1 
HETATM 932 O  O   . HOH E 4 .   ? -11.343 5.107   -3.826  1.00 15.30 ? 2091 HOH A O   1 
HETATM 933 O  O   . HOH E 4 .   ? -6.122  13.356  4.474   1.00 17.91 ? 2092 HOH A O   1 
HETATM 934 O  O   . HOH E 4 .   ? -9.863  10.558  6.605   1.00 25.75 ? 2093 HOH A O   1 
HETATM 935 O  O   . HOH E 4 .   ? -5.122  11.252  7.339   1.00 29.86 ? 2094 HOH A O   1 
HETATM 936 O  O   . HOH E 4 .   ? 0.703   3.501   10.743  1.00 10.10 ? 2095 HOH A O   1 
HETATM 937 O  O   . HOH E 4 .   ? 4.139   14.406  0.577   1.00 21.91 ? 2096 HOH A O   1 
HETATM 938 O  O   . HOH E 4 .   ? 7.725   14.236  0.628   1.00 19.92 ? 2097 HOH A O   1 
HETATM 939 O  O   . HOH E 4 .   ? 1.866   17.888  1.856   1.00 27.92 ? 2098 HOH A O   1 
HETATM 940 O  O   . HOH E 4 .   ? 3.748   22.512  6.320   1.00 36.00 ? 2099 HOH A O   1 
HETATM 941 O  O   . HOH E 4 .   ? 4.231   18.641  2.335   1.00 19.31 ? 2100 HOH A O   1 
HETATM 942 O  O   . HOH E 4 .   ? 10.030  15.095  11.144  1.00 16.54 ? 2101 HOH A O   1 
HETATM 943 O  O   . HOH E 4 .   ? 7.549   18.530  11.277  1.00 25.87 ? 2102 HOH A O   1 
HETATM 944 O  O   . HOH E 4 .   ? 7.957   17.945  3.955   1.00 23.07 ? 2103 HOH A O   1 
HETATM 945 O  O   . HOH E 4 .   ? 8.421   12.388  11.433  1.00 22.79 ? 2104 HOH A O   1 
HETATM 946 O  O   . HOH E 4 .   ? -1.020  13.703  9.300   1.00 29.55 ? 2105 HOH A O   1 
HETATM 947 O  O   . HOH E 4 .   ? 1.650   15.017  0.690   1.00 15.62 ? 2106 HOH A O   1 
HETATM 948 O  O   . HOH E 4 .   ? -2.828  10.608  6.312   1.00 20.77 ? 2107 HOH A O   1 
HETATM 949 O  O   . HOH E 4 .   ? -3.384  15.715  3.008   1.00 28.01 ? 2108 HOH A O   1 
HETATM 950 O  O   . HOH E 4 .   ? -5.673  15.612  1.827   1.00 21.09 ? 2109 HOH A O   1 
HETATM 951 O  O   . HOH E 4 .   ? -2.076  14.064  -4.713  1.00 24.55 ? 2110 HOH A O   1 
HETATM 952 O  O   . HOH E 4 .   ? 3.995   12.315  -1.436  1.00 16.86 ? 2111 HOH A O   1 
HETATM 953 O  O   . HOH E 4 .   ? 2.281   7.267   -10.592 1.00 17.57 ? 2112 HOH A O   1 
HETATM 954 O  O   . HOH E 4 .   ? 1.677   10.973  -4.672  1.00 11.51 ? 2113 HOH A O   1 
HETATM 955 O  O   . HOH E 4 .   ? 6.051   6.006   10.524  1.00 13.48 ? 2114 HOH A O   1 
HETATM 956 O  O   . HOH E 4 .   ? 3.300   4.316   10.921  1.00 25.73 ? 2115 HOH A O   1 
HETATM 957 O  O   . HOH E 4 .   ? -8.125  6.486   3.293   1.00 13.58 ? 2116 HOH A O   1 
HETATM 958 O  O   . HOH E 4 .   ? -12.798 2.908   -1.163  1.00 32.83 ? 2117 HOH A O   1 
HETATM 959 O  O   . HOH E 4 .   ? -14.870 1.482   0.424   1.00 14.53 ? 2118 HOH A O   1 
HETATM 960 O  O   . HOH E 4 .   ? -16.006 -4.714  -4.150  1.00 19.78 ? 2119 HOH A O   1 
HETATM 961 O  O   . HOH E 4 .   ? -17.934 -3.396  -1.033  1.00 34.82 ? 2120 HOH A O   1 
HETATM 962 O  O   . HOH E 4 .   ? 12.970  8.994   1.308   1.00 10.28 ? 2121 HOH A O   1 
HETATM 963 O  O   . HOH E 4 .   ? 16.569  8.832   6.060   1.00 22.06 ? 2122 HOH A O   1 
HETATM 964 O  O   . HOH E 4 .   ? 14.343  13.189  9.240   1.00 35.22 ? 2123 HOH A O   1 
HETATM 965 O  O   . HOH E 4 .   ? 15.194  4.945   6.883   1.00 35.50 ? 2124 HOH A O   1 
HETATM 966 O  O   . HOH E 4 .   ? 9.609   12.584  0.513   1.00 15.39 ? 2125 HOH A O   1 
HETATM 967 O  O   . HOH E 4 .   ? 16.099  10.203  3.496   1.00 18.90 ? 2126 HOH A O   1 
# 
